data_6AV7
#
_entry.id   6AV7
#
_cell.length_a   59.445
_cell.length_b   152.355
_cell.length_c   108.655
_cell.angle_alpha   90.00
_cell.angle_beta   90.79
_cell.angle_gamma   90.00
#
_symmetry.space_group_name_H-M   'P 1 21 1'
#
loop_
_entity.id
_entity.type
_entity.pdbx_description
1 polymer 'Nitric oxide synthase, endothelial'
2 non-polymer 'PROTOPORPHYRIN IX CONTAINING FE'
3 non-polymer 5,6,7,8-TETRAHYDROBIOPTERIN
4 non-polymer 6-(2-{3-[3-(dimethylamino)propyl]-5-fluorophenyl}ethyl)-4-methylpyridin-2-amine
5 non-polymer 2-[BIS-(2-HYDROXY-ETHYL)-AMINO]-2-HYDROXYMETHYL-PROPANE-1,3-DIOL
6 non-polymer 'ZINC ION'
7 non-polymer GLYCEROL
8 non-polymer 'CHLORIDE ION'
9 non-polymer 'GADOLINIUM ATOM'
10 water water
#
_entity_poly.entity_id   1
_entity_poly.type   'polypeptide(L)'
_entity_poly.pdbx_seq_one_letter_code
;APASLLPPAPEHSPPSSPLTQPPEGPKFPRVKNWEVGSITYDTLSAQAQQDGPCTPRRCLGSLVFPRKLQGRPSPGPPAP
EQLLSQARDFINQYYSSIKRSGSQAHEQRLQEVEAEVAATGTYQLRESELVFGAKQAWRNAPRCVGRIQWGKLQVFDARD
CRSAQEMFTYICNHIKYATNRGNLRSAITVFPQRCPGRGDFRIWNSQLVRYAGYRQQDGSVRGDPANVEITELCIQHGWT
PGNGRFDVLPLLLQAPDEPPELFLLPPELVLEVPLEHPTLEWFAALGLRWYALPAVSNMLLEIGGLEFPAAPFSGWYMST
EIGTRNLCDPHRYNILEDVAVCMDLDTRTTSSLWKDKAAVEINVAVLHSYQLAKVTIVDHHAATASFMKHLENEQKARGG
CPADWAWIVPPISGSLTPVFHQEMVNYFLSPAFRYQPDPW
;
_entity_poly.pdbx_strand_id   A,B,C,D
#
loop_
_chem_comp.id
_chem_comp.type
_chem_comp.name
_chem_comp.formula
BTB non-polymer 2-[BIS-(2-HYDROXY-ETHYL)-AMINO]-2-HYDROXYMETHYL-PROPANE-1,3-DIOL 'C8 H19 N O5'
CL non-polymer 'CHLORIDE ION' 'Cl -1'
GD non-polymer 'GADOLINIUM ATOM' Gd
GOL non-polymer GLYCEROL 'C3 H8 O3'
H4B non-polymer 5,6,7,8-TETRAHYDROBIOPTERIN 'C9 H15 N5 O3'
HEM non-polymer 'PROTOPORPHYRIN IX CONTAINING FE' 'C34 H32 Fe N4 O4'
W69 non-polymer 6-(2-{3-[3-(dimethylamino)propyl]-5-fluorophenyl}ethyl)-4-methylpyridin-2-amine 'C19 H26 F N3'
ZN non-polymer 'ZINC ION' 'Zn 2'
#
# COMPACT_ATOMS: atom_id res chain seq x y z
N PHE A 28 15.09 -37.28 -30.79
CA PHE A 28 13.95 -36.49 -30.35
C PHE A 28 14.27 -35.68 -29.10
N PRO A 29 14.30 -34.33 -29.24
CA PRO A 29 14.68 -33.43 -28.15
C PRO A 29 13.79 -33.56 -26.92
N ARG A 30 14.44 -33.71 -25.78
CA ARG A 30 13.80 -33.73 -24.47
C ARG A 30 13.54 -32.29 -24.04
N VAL A 31 12.31 -32.03 -23.64
CA VAL A 31 11.85 -30.71 -23.23
C VAL A 31 11.27 -30.78 -21.84
N LYS A 32 11.80 -29.94 -20.95
CA LYS A 32 11.40 -29.96 -19.55
C LYS A 32 10.67 -28.69 -19.16
N ASN A 33 9.69 -28.82 -18.28
CA ASN A 33 9.13 -27.66 -17.60
C ASN A 33 9.66 -27.60 -16.19
N TRP A 34 10.27 -26.47 -15.84
CA TRP A 34 11.02 -26.34 -14.58
C TRP A 34 10.15 -25.92 -13.40
N GLU A 35 8.94 -25.47 -13.68
CA GLU A 35 8.01 -25.13 -12.63
C GLU A 35 7.43 -26.42 -12.03
N VAL A 36 7.05 -27.35 -12.89
CA VAL A 36 6.38 -28.56 -12.43
C VAL A 36 7.32 -29.76 -12.40
N GLY A 37 8.33 -29.74 -13.27
CA GLY A 37 9.28 -30.85 -13.37
C GLY A 37 8.89 -31.89 -14.41
N SER A 38 7.87 -31.59 -15.22
CA SER A 38 7.38 -32.55 -16.21
C SER A 38 8.29 -32.61 -17.43
N ILE A 39 8.27 -33.74 -18.12
CA ILE A 39 9.12 -33.98 -19.28
C ILE A 39 8.28 -34.39 -20.47
N THR A 40 8.56 -33.82 -21.64
CA THR A 40 8.01 -34.31 -22.89
C THR A 40 9.10 -34.38 -23.95
N TYR A 41 8.80 -35.07 -25.05
CA TYR A 41 9.69 -35.16 -26.20
C TYR A 41 9.00 -34.57 -27.43
N ASP A 42 9.74 -33.77 -28.18
CA ASP A 42 9.20 -33.16 -29.39
C ASP A 42 9.51 -34.03 -30.59
N THR A 43 8.54 -34.85 -30.98
CA THR A 43 8.73 -35.72 -32.14
C THR A 43 8.38 -34.98 -33.43
N LEU A 44 7.64 -33.89 -33.31
CA LEU A 44 7.19 -33.11 -34.46
C LEU A 44 8.36 -32.37 -35.12
N SER A 45 9.42 -32.15 -34.34
CA SER A 45 10.60 -31.45 -34.83
C SER A 45 11.31 -32.27 -35.90
N ALA A 46 11.15 -33.59 -35.83
CA ALA A 46 11.77 -34.50 -36.79
C ALA A 46 11.33 -34.22 -38.23
N GLN A 47 10.15 -33.63 -38.39
CA GLN A 47 9.66 -33.26 -39.71
C GLN A 47 9.83 -31.76 -39.98
N ALA A 48 10.83 -31.13 -39.36
CA ALA A 48 11.12 -29.73 -39.62
C ALA A 48 12.10 -29.60 -40.78
N GLN A 49 11.64 -29.00 -41.88
CA GLN A 49 12.47 -28.91 -43.08
C GLN A 49 13.19 -27.59 -43.20
N GLN A 50 12.53 -26.61 -43.82
CA GLN A 50 13.16 -25.33 -44.21
C GLN A 50 14.06 -24.77 -43.11
N ASP A 51 15.34 -25.14 -43.19
CA ASP A 51 16.32 -24.93 -42.13
C ASP A 51 16.38 -23.52 -41.53
N GLY A 52 16.51 -23.47 -40.22
CA GLY A 52 16.67 -22.22 -39.50
C GLY A 52 18.10 -21.75 -39.46
N PRO A 53 18.36 -20.68 -38.71
CA PRO A 53 19.64 -19.94 -38.69
C PRO A 53 20.77 -20.58 -37.87
N CYS A 54 20.45 -21.57 -37.07
CA CYS A 54 21.39 -22.05 -36.05
C CYS A 54 22.27 -23.21 -36.52
N THR A 55 23.49 -23.25 -36.00
CA THR A 55 24.41 -24.37 -36.25
C THR A 55 24.97 -24.88 -34.92
N PRO A 56 25.51 -26.11 -34.90
CA PRO A 56 26.17 -26.68 -33.72
C PRO A 56 27.16 -25.71 -33.08
N ARG A 57 27.78 -24.84 -33.87
CA ARG A 57 28.82 -23.96 -33.34
C ARG A 57 28.32 -22.60 -32.78
N ARG A 58 27.09 -22.22 -33.10
CA ARG A 58 26.56 -20.92 -32.67
C ARG A 58 25.05 -20.86 -32.82
N CYS A 59 24.39 -20.32 -31.80
CA CYS A 59 22.95 -20.19 -31.81
C CYS A 59 22.57 -18.76 -32.20
N LEU A 60 21.67 -18.65 -33.18
CA LEU A 60 21.22 -17.34 -33.65
C LEU A 60 19.74 -17.16 -33.37
N GLY A 61 19.27 -17.83 -32.34
CA GLY A 61 17.88 -17.75 -31.92
C GLY A 61 17.35 -16.35 -31.66
N SER A 62 18.20 -15.46 -31.16
CA SER A 62 17.72 -14.13 -30.80
C SER A 62 17.52 -13.20 -32.00
N LEU A 63 17.97 -13.61 -33.18
CA LEU A 63 17.92 -12.76 -34.36
C LEU A 63 16.47 -12.60 -34.85
N VAL A 64 16.05 -11.36 -35.09
CA VAL A 64 14.69 -11.10 -35.54
C VAL A 64 14.42 -11.62 -36.96
N PHE A 65 15.32 -11.33 -37.89
CA PHE A 65 15.25 -11.88 -39.25
C PHE A 65 16.38 -12.88 -39.48
N PRO A 66 16.05 -14.18 -39.49
CA PRO A 66 17.04 -15.22 -39.75
C PRO A 66 17.70 -15.06 -41.13
N ARG A 67 19.00 -14.79 -41.13
CA ARG A 67 19.80 -14.69 -42.35
C ARG A 67 19.33 -13.56 -43.27
N LYS A 68 18.58 -13.91 -44.31
CA LYS A 68 18.02 -12.91 -45.21
C LYS A 68 16.70 -13.38 -45.82
N LEU A 69 16.02 -12.46 -46.49
CA LEU A 69 14.66 -12.67 -46.96
C LEU A 69 14.60 -13.35 -48.32
N ALA A 79 13.04 -24.20 -63.76
CA ALA A 79 12.85 -25.56 -63.26
C ALA A 79 11.86 -25.59 -62.09
N PRO A 80 10.55 -25.73 -62.40
CA PRO A 80 9.45 -25.72 -61.43
C PRO A 80 9.31 -27.02 -60.61
N GLU A 81 10.24 -27.96 -60.78
CA GLU A 81 10.20 -29.26 -60.13
C GLU A 81 9.89 -29.21 -58.62
N GLN A 82 10.29 -28.12 -57.99
CA GLN A 82 10.14 -27.97 -56.54
C GLN A 82 8.68 -27.81 -56.13
N LEU A 83 7.91 -27.11 -56.96
CA LEU A 83 6.53 -26.76 -56.63
C LEU A 83 5.68 -27.99 -56.29
N LEU A 84 5.83 -29.04 -57.09
CA LEU A 84 5.08 -30.28 -56.89
C LEU A 84 5.37 -30.93 -55.56
N SER A 85 6.65 -30.94 -55.16
CA SER A 85 7.08 -31.61 -53.93
C SER A 85 6.39 -31.03 -52.69
N GLN A 86 6.34 -29.70 -52.61
CA GLN A 86 5.65 -29.03 -51.51
C GLN A 86 4.13 -29.21 -51.61
N ALA A 87 3.62 -29.31 -52.83
CA ALA A 87 2.18 -29.46 -53.04
C ALA A 87 1.68 -30.83 -52.58
N ARG A 88 2.38 -31.90 -52.98
CA ARG A 88 1.99 -33.23 -52.55
C ARG A 88 2.02 -33.33 -51.03
N ASP A 89 3.04 -32.73 -50.41
CA ASP A 89 3.15 -32.73 -48.95
C ASP A 89 1.91 -32.11 -48.31
N PHE A 90 1.57 -30.91 -48.77
CA PHE A 90 0.42 -30.21 -48.22
C PHE A 90 -0.89 -30.97 -48.39
N ILE A 91 -1.13 -31.49 -49.59
CA ILE A 91 -2.36 -32.23 -49.84
C ILE A 91 -2.45 -33.46 -48.96
N ASN A 92 -1.30 -34.09 -48.72
CA ASN A 92 -1.25 -35.35 -47.99
C ASN A 92 -1.71 -35.29 -46.53
N GLN A 93 -1.38 -34.21 -45.84
CA GLN A 93 -1.76 -34.10 -44.44
C GLN A 93 -3.14 -33.46 -44.30
N TYR A 94 -3.62 -32.84 -45.37
CA TYR A 94 -4.99 -32.35 -45.42
C TYR A 94 -5.96 -33.50 -45.19
N TYR A 95 -5.71 -34.60 -45.89
CA TYR A 95 -6.56 -35.78 -45.81
C TYR A 95 -6.24 -36.60 -44.57
N SER A 96 -5.02 -36.45 -44.06
CA SER A 96 -4.66 -37.03 -42.78
C SER A 96 -5.55 -36.43 -41.71
N SER A 97 -5.63 -35.10 -41.73
CA SER A 97 -6.48 -34.35 -40.80
C SER A 97 -7.93 -34.80 -40.82
N ILE A 98 -8.52 -34.87 -42.01
CA ILE A 98 -9.93 -35.21 -42.11
C ILE A 98 -10.14 -36.72 -42.24
N LYS A 99 -9.18 -37.48 -41.72
CA LYS A 99 -9.20 -38.97 -41.71
C LYS A 99 -8.89 -39.63 -43.06
N ARG A 100 -9.47 -39.13 -44.14
CA ARG A 100 -9.47 -39.88 -45.40
C ARG A 100 -8.14 -39.84 -46.15
N SER A 101 -7.08 -40.29 -45.50
CA SER A 101 -5.88 -40.66 -46.21
C SER A 101 -6.02 -42.14 -46.55
N GLY A 102 -5.88 -42.47 -47.83
CA GLY A 102 -6.18 -43.80 -48.31
C GLY A 102 -7.52 -43.84 -49.01
N SER A 103 -7.49 -44.19 -50.29
CA SER A 103 -8.69 -44.28 -51.13
C SER A 103 -9.37 -42.93 -51.35
N GLN A 104 -10.47 -42.96 -52.11
CA GLN A 104 -11.35 -41.79 -52.24
C GLN A 104 -10.61 -40.67 -52.98
N ALA A 105 -11.15 -39.45 -52.94
CA ALA A 105 -10.56 -38.26 -53.57
C ALA A 105 -9.13 -37.97 -53.14
N HIS A 106 -8.64 -38.59 -52.08
CA HIS A 106 -7.24 -38.42 -51.71
C HIS A 106 -6.41 -38.86 -52.90
N GLU A 107 -6.67 -40.08 -53.35
CA GLU A 107 -6.15 -40.55 -54.63
C GLU A 107 -6.33 -39.46 -55.68
N GLN A 108 -7.60 -39.18 -55.99
CA GLN A 108 -8.00 -38.26 -57.05
C GLN A 108 -7.38 -36.85 -56.99
N ARG A 109 -7.42 -36.21 -55.83
CA ARG A 109 -6.94 -34.83 -55.67
C ARG A 109 -5.46 -34.71 -56.01
N LEU A 110 -4.72 -35.79 -55.82
CA LEU A 110 -3.28 -35.82 -56.11
C LEU A 110 -2.95 -35.57 -57.59
N GLN A 111 -3.70 -36.20 -58.51
CA GLN A 111 -3.39 -36.05 -59.93
C GLN A 111 -3.80 -34.69 -60.48
N GLU A 112 -4.91 -34.15 -59.99
CA GLU A 112 -5.39 -32.86 -60.48
C GLU A 112 -4.28 -31.82 -60.31
N VAL A 113 -3.69 -31.79 -59.12
CA VAL A 113 -2.53 -30.93 -58.88
C VAL A 113 -1.40 -31.28 -59.84
N GLU A 114 -1.10 -32.57 -59.96
CA GLU A 114 -0.10 -33.03 -60.92
C GLU A 114 -0.40 -32.53 -62.34
N ALA A 115 -1.64 -32.74 -62.78
CA ALA A 115 -2.07 -32.31 -64.10
C ALA A 115 -2.06 -30.78 -64.23
N GLU A 116 -2.55 -30.11 -63.19
CA GLU A 116 -2.65 -28.65 -63.19
C GLU A 116 -1.29 -27.97 -63.35
N VAL A 117 -0.26 -28.54 -62.70
CA VAL A 117 1.09 -27.99 -62.80
C VAL A 117 1.72 -28.37 -64.15
N ALA A 118 1.55 -29.62 -64.55
CA ALA A 118 2.03 -30.06 -65.86
C ALA A 118 1.47 -29.17 -66.98
N ALA A 119 0.20 -28.81 -66.88
CA ALA A 119 -0.46 -27.98 -67.90
C ALA A 119 -0.07 -26.51 -67.82
N THR A 120 -0.07 -25.94 -66.61
CA THR A 120 0.04 -24.49 -66.45
C THR A 120 1.25 -24.01 -65.66
N GLY A 121 1.99 -24.92 -65.05
CA GLY A 121 3.17 -24.55 -64.28
C GLY A 121 2.87 -24.33 -62.82
N THR A 122 1.72 -23.74 -62.54
CA THR A 122 1.29 -23.55 -61.15
C THR A 122 0.04 -24.38 -60.90
N TYR A 123 -0.66 -24.11 -59.80
CA TYR A 123 -1.94 -24.75 -59.54
C TYR A 123 -2.80 -23.87 -58.64
N GLN A 124 -4.09 -24.18 -58.56
CA GLN A 124 -4.99 -23.43 -57.69
C GLN A 124 -5.47 -24.33 -56.54
N LEU A 125 -5.52 -23.78 -55.33
CA LEU A 125 -6.03 -24.52 -54.17
C LEU A 125 -7.57 -24.55 -54.10
N ARG A 126 -8.12 -25.73 -53.79
CA ARG A 126 -9.51 -25.84 -53.36
C ARG A 126 -9.77 -24.92 -52.17
N GLU A 127 -10.97 -24.35 -52.10
CA GLU A 127 -11.35 -23.39 -51.05
C GLU A 127 -11.10 -23.96 -49.65
N SER A 128 -11.46 -25.23 -49.46
CA SER A 128 -11.29 -25.90 -48.17
C SER A 128 -9.81 -26.04 -47.81
N GLU A 129 -8.99 -26.25 -48.83
CA GLU A 129 -7.56 -26.38 -48.67
C GLU A 129 -6.97 -25.03 -48.26
N LEU A 130 -7.43 -23.96 -48.92
CA LEU A 130 -7.01 -22.61 -48.58
C LEU A 130 -7.30 -22.35 -47.11
N VAL A 131 -8.51 -22.71 -46.68
CA VAL A 131 -8.92 -22.60 -45.30
C VAL A 131 -8.01 -23.42 -44.38
N PHE A 132 -7.81 -24.68 -44.73
CA PHE A 132 -6.99 -25.57 -43.93
C PHE A 132 -5.54 -25.09 -43.84
N GLY A 133 -5.01 -24.61 -44.96
CA GLY A 133 -3.65 -24.10 -45.01
C GLY A 133 -3.45 -22.84 -44.20
N ALA A 134 -4.45 -21.96 -44.22
CA ALA A 134 -4.37 -20.69 -43.48
C ALA A 134 -4.34 -20.94 -41.98
N LYS A 135 -5.20 -21.85 -41.52
CA LYS A 135 -5.21 -22.23 -40.11
C LYS A 135 -3.91 -22.93 -39.71
N GLN A 136 -3.39 -23.76 -40.61
CA GLN A 136 -2.17 -24.50 -40.33
C GLN A 136 -0.97 -23.57 -40.20
N ALA A 137 -0.93 -22.56 -41.06
CA ALA A 137 0.17 -21.60 -41.04
C ALA A 137 0.17 -20.84 -39.71
N TRP A 138 -1.02 -20.45 -39.24
CA TRP A 138 -1.11 -19.81 -37.92
C TRP A 138 -0.70 -20.80 -36.81
N ARG A 139 -1.14 -22.05 -36.94
CA ARG A 139 -0.80 -23.10 -35.99
C ARG A 139 0.73 -23.28 -35.83
N ASN A 140 1.43 -23.00 -36.93
CA ASN A 140 2.85 -23.25 -37.07
C ASN A 140 3.73 -22.03 -36.77
N ALA A 141 3.12 -20.89 -36.45
CA ALA A 141 3.89 -19.67 -36.20
C ALA A 141 4.60 -19.74 -34.85
N PRO A 142 5.92 -19.96 -34.83
CA PRO A 142 6.62 -20.20 -33.57
C PRO A 142 6.55 -19.01 -32.62
N ARG A 143 6.41 -17.82 -33.18
CA ARG A 143 6.48 -16.60 -32.38
C ARG A 143 5.13 -16.12 -31.88
N CYS A 144 4.04 -16.81 -32.27
CA CYS A 144 2.69 -16.40 -31.85
C CYS A 144 2.24 -17.09 -30.56
N VAL A 145 1.95 -16.28 -29.55
CA VAL A 145 1.48 -16.74 -28.24
C VAL A 145 -0.04 -16.98 -28.18
N GLY A 146 -0.75 -16.55 -29.22
CA GLY A 146 -2.20 -16.67 -29.24
C GLY A 146 -2.72 -17.88 -29.98
N ARG A 147 -1.87 -18.87 -30.24
CA ARG A 147 -2.26 -19.96 -31.12
C ARG A 147 -3.31 -20.92 -30.54
N ILE A 148 -3.71 -20.75 -29.28
CA ILE A 148 -4.79 -21.57 -28.75
C ILE A 148 -6.06 -21.33 -29.58
N GLN A 149 -6.08 -20.19 -30.28
CA GLN A 149 -7.22 -19.78 -31.12
C GLN A 149 -7.14 -20.28 -32.56
N TRP A 150 -6.12 -21.04 -32.88
CA TRP A 150 -5.80 -21.29 -34.28
C TRP A 150 -6.94 -21.95 -35.00
N GLY A 151 -7.77 -22.68 -34.28
CA GLY A 151 -8.91 -23.37 -34.88
C GLY A 151 -10.05 -22.44 -35.30
N LYS A 152 -10.07 -21.25 -34.72
CA LYS A 152 -11.13 -20.29 -34.98
C LYS A 152 -10.61 -19.12 -35.80
N LEU A 153 -10.63 -19.27 -37.11
CA LEU A 153 -10.09 -18.28 -38.04
C LEU A 153 -11.02 -18.14 -39.23
N GLN A 154 -11.40 -16.91 -39.56
CA GLN A 154 -12.30 -16.68 -40.69
C GLN A 154 -11.50 -16.31 -41.93
N VAL A 155 -11.58 -17.17 -42.94
CA VAL A 155 -10.79 -17.04 -44.15
C VAL A 155 -11.59 -16.47 -45.31
N PHE A 156 -11.23 -15.27 -45.75
CA PHE A 156 -11.86 -14.64 -46.90
C PHE A 156 -11.05 -14.89 -48.17
N ASP A 157 -11.70 -15.51 -49.15
CA ASP A 157 -11.08 -15.85 -50.43
C ASP A 157 -11.16 -14.68 -51.41
N ALA A 158 -10.02 -14.04 -51.66
CA ALA A 158 -9.99 -12.85 -52.51
C ALA A 158 -9.15 -13.12 -53.75
N ARG A 159 -9.03 -14.38 -54.13
CA ARG A 159 -8.22 -14.76 -55.27
C ARG A 159 -8.86 -14.39 -56.62
N ASP A 160 -10.03 -13.76 -56.57
CA ASP A 160 -10.70 -13.33 -57.80
C ASP A 160 -10.64 -11.80 -57.95
N CYS A 161 -9.87 -11.15 -57.09
CA CYS A 161 -9.64 -9.71 -57.14
C CYS A 161 -8.50 -9.35 -58.09
N ARG A 162 -8.68 -8.32 -58.90
CA ARG A 162 -7.65 -7.94 -59.86
C ARG A 162 -7.48 -6.42 -59.98
N SER A 163 -7.73 -5.69 -58.90
CA SER A 163 -7.58 -4.23 -58.91
C SER A 163 -7.23 -3.69 -57.53
N ALA A 164 -6.69 -2.47 -57.49
CA ALA A 164 -6.36 -1.81 -56.23
C ALA A 164 -7.63 -1.43 -55.47
N GLN A 165 -8.64 -0.93 -56.21
CA GLN A 165 -9.91 -0.59 -55.61
C GLN A 165 -10.60 -1.86 -55.09
N GLU A 166 -10.29 -2.99 -55.71
CA GLU A 166 -10.87 -4.26 -55.32
C GLU A 166 -10.24 -4.75 -54.02
N MET A 167 -8.92 -4.64 -53.95
CA MET A 167 -8.20 -4.95 -52.72
C MET A 167 -8.75 -4.11 -51.58
N PHE A 168 -8.84 -2.80 -51.82
CA PHE A 168 -9.31 -1.87 -50.81
C PHE A 168 -10.69 -2.26 -50.26
N THR A 169 -11.59 -2.70 -51.14
CA THR A 169 -12.90 -3.13 -50.72
C THR A 169 -12.80 -4.43 -49.92
N TYR A 170 -11.94 -5.34 -50.38
CA TYR A 170 -11.66 -6.59 -49.65
C TYR A 170 -11.06 -6.35 -48.27
N ILE A 171 -10.18 -5.36 -48.18
CA ILE A 171 -9.53 -4.99 -46.94
C ILE A 171 -10.56 -4.38 -46.00
N CYS A 172 -11.45 -3.57 -46.57
CA CYS A 172 -12.45 -2.86 -45.79
C CYS A 172 -13.51 -3.82 -45.24
N ASN A 173 -13.89 -4.82 -46.03
CA ASN A 173 -14.78 -5.87 -45.53
C ASN A 173 -14.14 -6.61 -44.36
N HIS A 174 -12.87 -6.97 -44.54
CA HIS A 174 -12.08 -7.62 -43.51
C HIS A 174 -12.09 -6.81 -42.23
N ILE A 175 -11.58 -5.58 -42.32
CA ILE A 175 -11.50 -4.68 -41.17
C ILE A 175 -12.84 -4.58 -40.45
N LYS A 176 -13.91 -4.33 -41.22
CA LYS A 176 -15.23 -4.24 -40.63
C LYS A 176 -15.64 -5.55 -39.93
N TYR A 177 -15.50 -6.68 -40.64
CA TYR A 177 -15.82 -7.98 -40.04
C TYR A 177 -14.93 -8.26 -38.81
N ALA A 178 -13.63 -8.05 -38.94
CA ALA A 178 -12.72 -8.36 -37.84
C ALA A 178 -12.97 -7.47 -36.61
N THR A 179 -13.15 -6.18 -36.84
CA THR A 179 -13.39 -5.24 -35.75
C THR A 179 -14.69 -5.58 -35.02
N ASN A 180 -15.77 -5.76 -35.77
CA ASN A 180 -17.04 -6.23 -35.23
C ASN A 180 -17.50 -5.41 -34.02
N ARG A 181 -17.40 -4.10 -34.14
CA ARG A 181 -17.82 -3.17 -33.08
C ARG A 181 -17.08 -3.43 -31.76
N GLY A 182 -15.88 -4.02 -31.85
CA GLY A 182 -15.06 -4.24 -30.66
C GLY A 182 -15.01 -5.68 -30.18
N ASN A 183 -15.98 -6.49 -30.56
CA ASN A 183 -15.92 -7.93 -30.30
C ASN A 183 -15.08 -8.59 -31.38
N LEU A 184 -13.77 -8.43 -31.26
CA LEU A 184 -12.84 -8.81 -32.34
C LEU A 184 -12.91 -10.29 -32.74
N ARG A 185 -12.76 -10.54 -34.03
CA ARG A 185 -12.75 -11.89 -34.56
C ARG A 185 -11.55 -12.09 -35.49
N SER A 186 -10.74 -13.12 -35.19
CA SER A 186 -9.62 -13.49 -36.04
C SER A 186 -10.02 -13.62 -37.49
N ALA A 187 -9.24 -13.02 -38.38
CA ALA A 187 -9.55 -13.04 -39.80
C ALA A 187 -8.31 -12.93 -40.67
N ILE A 188 -8.33 -13.65 -41.79
CA ILE A 188 -7.34 -13.49 -42.84
C ILE A 188 -8.05 -13.33 -44.19
N THR A 189 -7.55 -12.43 -45.02
CA THR A 189 -8.02 -12.30 -46.39
C THR A 189 -6.89 -12.71 -47.32
N VAL A 190 -7.16 -13.64 -48.22
CA VAL A 190 -6.12 -14.17 -49.11
C VAL A 190 -6.30 -13.71 -50.56
N PHE A 191 -5.32 -12.95 -51.04
CA PHE A 191 -5.34 -12.40 -52.38
C PHE A 191 -4.63 -13.38 -53.32
N PRO A 192 -4.73 -13.19 -54.66
CA PRO A 192 -4.22 -14.16 -55.63
C PRO A 192 -2.79 -14.62 -55.42
N GLN A 193 -2.54 -15.89 -55.70
CA GLN A 193 -1.20 -16.44 -55.56
C GLN A 193 -0.24 -15.86 -56.59
N ARG A 194 1.00 -15.71 -56.18
CA ARG A 194 2.06 -15.23 -57.05
C ARG A 194 2.20 -16.11 -58.29
N CYS A 195 2.25 -15.48 -59.46
CA CYS A 195 2.42 -16.23 -60.71
C CYS A 195 3.77 -15.90 -61.33
N PRO A 196 4.35 -16.87 -62.06
CA PRO A 196 5.65 -16.66 -62.73
C PRO A 196 5.54 -15.57 -63.79
N GLY A 197 6.37 -14.55 -63.68
CA GLY A 197 6.24 -13.38 -64.53
C GLY A 197 4.99 -12.60 -64.17
N ARG A 198 5.01 -11.29 -64.44
CA ARG A 198 3.94 -10.35 -64.07
C ARG A 198 3.81 -10.26 -62.53
N GLY A 199 3.73 -9.03 -62.02
CA GLY A 199 3.89 -8.77 -60.61
C GLY A 199 2.91 -9.34 -59.59
N ASP A 200 3.06 -8.89 -58.35
CA ASP A 200 2.27 -9.38 -57.21
C ASP A 200 1.37 -8.31 -56.60
N PHE A 201 0.27 -8.75 -56.00
CA PHE A 201 -0.47 -7.91 -55.09
C PHE A 201 0.37 -7.72 -53.82
N ARG A 202 0.23 -6.55 -53.19
CA ARG A 202 1.08 -6.21 -52.05
C ARG A 202 0.64 -4.96 -51.31
N ILE A 203 0.43 -5.09 -50.00
CA ILE A 203 0.14 -3.94 -49.16
C ILE A 203 1.45 -3.35 -48.63
N TRP A 204 1.66 -2.06 -48.86
CA TRP A 204 2.94 -1.44 -48.54
C TRP A 204 3.12 -1.14 -47.05
N ASN A 205 2.02 -0.91 -46.35
CA ASN A 205 2.08 -0.73 -44.90
C ASN A 205 2.36 -2.07 -44.22
N SER A 206 2.98 -2.02 -43.06
CA SER A 206 3.28 -3.22 -42.29
C SER A 206 2.01 -3.76 -41.63
N GLN A 207 1.11 -2.84 -41.31
CA GLN A 207 -0.20 -3.19 -40.78
C GLN A 207 -1.26 -2.37 -41.48
N LEU A 208 -2.51 -2.77 -41.34
CA LEU A 208 -3.60 -2.02 -41.97
C LEU A 208 -3.77 -0.70 -41.23
N VAL A 209 -3.66 -0.75 -39.90
CA VAL A 209 -3.68 0.47 -39.09
C VAL A 209 -2.28 0.79 -38.57
N ARG A 210 -1.75 1.94 -38.98
CA ARG A 210 -0.44 2.43 -38.53
C ARG A 210 -0.51 3.94 -38.33
N TYR A 211 0.15 4.44 -37.29
CA TYR A 211 0.15 5.88 -37.03
C TYR A 211 1.31 6.60 -37.71
N ALA A 212 1.11 7.88 -38.00
CA ALA A 212 2.08 8.68 -38.72
C ALA A 212 3.40 8.85 -37.99
N GLY A 213 4.48 9.02 -38.76
CA GLY A 213 5.78 9.34 -38.20
C GLY A 213 6.41 10.50 -38.97
N TYR A 214 6.44 11.67 -38.36
CA TYR A 214 6.89 12.88 -39.03
C TYR A 214 8.28 13.34 -38.56
N ARG A 215 9.23 13.41 -39.49
CA ARG A 215 10.54 14.00 -39.21
C ARG A 215 10.43 15.47 -38.87
N GLN A 216 11.55 16.13 -38.57
CA GLN A 216 11.54 17.57 -38.32
C GLN A 216 12.89 18.28 -38.25
N GLN A 217 12.86 19.48 -37.69
CA GLN A 217 13.99 20.38 -37.56
C GLN A 217 15.16 19.74 -36.80
N ASP A 218 14.83 18.89 -35.83
CA ASP A 218 15.84 18.22 -35.02
C ASP A 218 16.08 16.81 -35.52
N GLY A 219 15.43 16.44 -36.62
CA GLY A 219 15.51 15.09 -37.14
C GLY A 219 14.74 14.09 -36.29
N SER A 220 14.19 14.57 -35.18
CA SER A 220 13.40 13.72 -34.30
C SER A 220 12.03 13.46 -34.92
N VAL A 221 11.17 12.75 -34.20
CA VAL A 221 9.90 12.31 -34.76
C VAL A 221 8.70 12.62 -33.86
N ARG A 222 7.73 13.30 -34.45
CA ARG A 222 6.38 13.39 -33.88
C ARG A 222 5.57 12.23 -34.47
N GLY A 223 5.00 11.42 -33.60
CA GLY A 223 4.27 10.24 -34.03
C GLY A 223 5.00 8.93 -33.76
N ASP A 224 4.72 7.92 -34.55
CA ASP A 224 5.36 6.62 -34.39
C ASP A 224 6.61 6.52 -35.25
N PRO A 225 7.77 6.33 -34.60
CA PRO A 225 9.05 6.22 -35.30
C PRO A 225 9.19 4.94 -36.11
N ALA A 226 8.44 3.91 -35.76
CA ALA A 226 8.44 2.66 -36.53
C ALA A 226 7.92 2.87 -37.95
N ASN A 227 7.06 3.86 -38.12
CA ASN A 227 6.33 4.05 -39.38
C ASN A 227 6.74 5.31 -40.14
N VAL A 228 7.84 5.91 -39.76
CA VAL A 228 8.34 7.12 -40.40
C VAL A 228 8.59 6.92 -41.90
N GLU A 229 9.11 5.75 -42.24
CA GLU A 229 9.45 5.44 -43.62
C GLU A 229 8.22 5.33 -44.54
N ILE A 230 7.22 4.58 -44.11
CA ILE A 230 6.01 4.42 -44.91
C ILE A 230 5.24 5.74 -44.94
N THR A 231 5.36 6.52 -43.87
CA THR A 231 4.84 7.88 -43.86
C THR A 231 5.53 8.71 -44.95
N GLU A 232 6.84 8.50 -45.10
CA GLU A 232 7.62 9.17 -46.15
C GLU A 232 7.07 8.81 -47.54
N LEU A 233 6.84 7.52 -47.75
CA LEU A 233 6.36 7.02 -49.03
C LEU A 233 4.92 7.46 -49.27
N CYS A 234 4.15 7.59 -48.20
CA CYS A 234 2.76 8.06 -48.32
C CYS A 234 2.70 9.48 -48.86
N ILE A 235 3.54 10.36 -48.33
CA ILE A 235 3.56 11.75 -48.74
C ILE A 235 4.06 11.90 -50.17
N GLN A 236 5.12 11.18 -50.53
CA GLN A 236 5.66 11.27 -51.89
C GLN A 236 4.86 10.43 -52.89
N HIS A 237 3.65 10.06 -52.50
CA HIS A 237 2.71 9.41 -53.41
C HIS A 237 1.39 10.17 -53.41
N GLY A 238 1.41 11.35 -52.80
CA GLY A 238 0.29 12.26 -52.89
C GLY A 238 -0.61 12.35 -51.68
N TRP A 239 -0.08 12.01 -50.50
CA TRP A 239 -0.85 12.12 -49.27
C TRP A 239 -0.56 13.42 -48.54
N THR A 240 -1.62 14.16 -48.24
CA THR A 240 -1.50 15.36 -47.42
C THR A 240 -1.20 14.92 -45.98
N PRO A 241 -0.06 15.35 -45.43
CA PRO A 241 0.38 15.04 -44.06
C PRO A 241 -0.64 15.49 -43.01
N GLY A 242 -0.28 15.43 -41.74
CA GLY A 242 -1.26 15.71 -40.70
C GLY A 242 -0.81 16.43 -39.45
N ASN A 243 -1.78 16.55 -38.54
CA ASN A 243 -1.61 17.12 -37.21
C ASN A 243 -0.41 16.55 -36.42
N GLY A 244 -0.62 15.45 -35.70
CA GLY A 244 0.39 15.03 -34.75
C GLY A 244 0.70 13.54 -34.66
N ARG A 245 0.68 13.03 -33.43
CA ARG A 245 1.29 11.75 -33.14
C ARG A 245 0.36 10.57 -33.19
N PHE A 246 -0.85 10.75 -33.72
CA PHE A 246 -1.77 9.63 -33.85
C PHE A 246 -2.63 9.72 -35.12
N ASP A 247 -2.02 10.21 -36.20
CA ASP A 247 -2.66 10.24 -37.50
C ASP A 247 -2.62 8.86 -38.17
N VAL A 248 -3.78 8.22 -38.29
CA VAL A 248 -3.91 6.96 -39.02
C VAL A 248 -3.50 7.10 -40.48
N LEU A 249 -2.38 6.49 -40.85
CA LEU A 249 -1.85 6.61 -42.20
C LEU A 249 -2.81 6.04 -43.24
N PRO A 250 -2.68 6.49 -44.50
CA PRO A 250 -3.48 5.90 -45.58
C PRO A 250 -2.87 4.59 -46.04
N LEU A 251 -3.63 3.79 -46.77
CA LEU A 251 -3.09 2.53 -47.28
C LEU A 251 -2.40 2.74 -48.62
N LEU A 252 -1.23 2.15 -48.78
CA LEU A 252 -0.60 2.11 -50.08
C LEU A 252 -0.77 0.72 -50.66
N LEU A 253 -1.76 0.59 -51.56
CA LEU A 253 -2.14 -0.70 -52.11
C LEU A 253 -1.67 -0.84 -53.55
N GLN A 254 -1.22 -2.04 -53.90
CA GLN A 254 -0.51 -2.25 -55.17
C GLN A 254 -1.02 -3.46 -55.94
N ALA A 255 -1.60 -3.21 -57.11
CA ALA A 255 -1.99 -4.27 -58.02
C ALA A 255 -0.79 -4.58 -58.91
N PRO A 256 -0.70 -5.81 -59.44
CA PRO A 256 0.43 -6.26 -60.27
C PRO A 256 0.93 -5.22 -61.29
N ASP A 257 2.26 -5.07 -61.33
CA ASP A 257 2.96 -4.17 -62.26
C ASP A 257 2.60 -2.70 -62.08
N GLU A 258 1.33 -2.35 -62.30
CA GLU A 258 0.87 -0.97 -62.18
C GLU A 258 1.18 -0.46 -60.76
N PRO A 259 2.02 0.59 -60.67
CA PRO A 259 2.60 1.09 -59.41
C PRO A 259 1.52 1.48 -58.40
N PRO A 260 1.86 1.47 -57.10
CA PRO A 260 0.93 1.67 -55.99
C PRO A 260 0.07 2.92 -56.09
N GLU A 261 -1.04 2.93 -55.35
CA GLU A 261 -1.92 4.09 -55.27
C GLU A 261 -2.51 4.21 -53.87
N LEU A 262 -2.68 5.46 -53.41
CA LEU A 262 -3.16 5.74 -52.05
C LEU A 262 -4.65 5.48 -51.87
N PHE A 263 -5.00 4.94 -50.70
CA PHE A 263 -6.40 4.76 -50.32
C PHE A 263 -6.62 5.17 -48.86
N LEU A 264 -7.49 6.16 -48.66
CA LEU A 264 -7.73 6.70 -47.33
C LEU A 264 -8.73 5.84 -46.57
N LEU A 265 -8.41 5.54 -45.31
CA LEU A 265 -9.26 4.69 -44.50
C LEU A 265 -10.43 5.49 -43.93
N PRO A 266 -11.65 4.93 -44.05
CA PRO A 266 -12.80 5.57 -43.42
C PRO A 266 -12.65 5.59 -41.89
N PRO A 267 -12.71 6.79 -41.29
CA PRO A 267 -12.56 7.01 -39.85
C PRO A 267 -13.45 6.09 -39.01
N GLU A 268 -14.68 5.88 -39.47
CA GLU A 268 -15.64 5.03 -38.78
C GLU A 268 -15.28 3.55 -38.85
N LEU A 269 -14.40 3.19 -39.76
CA LEU A 269 -13.95 1.81 -39.87
C LEU A 269 -12.74 1.59 -38.97
N VAL A 270 -12.05 2.67 -38.62
CA VAL A 270 -10.84 2.58 -37.82
C VAL A 270 -11.15 2.79 -36.33
N LEU A 271 -11.35 1.69 -35.61
CA LEU A 271 -11.74 1.80 -34.22
C LEU A 271 -10.52 2.04 -33.33
N GLU A 272 -10.63 3.03 -32.46
CA GLU A 272 -9.55 3.42 -31.57
C GLU A 272 -10.06 3.55 -30.15
N VAL A 273 -9.14 3.33 -29.21
CA VAL A 273 -9.40 3.40 -27.79
C VAL A 273 -8.54 4.48 -27.13
N PRO A 274 -9.16 5.58 -26.70
CA PRO A 274 -8.39 6.61 -25.96
C PRO A 274 -7.92 6.03 -24.65
N LEU A 275 -6.71 6.38 -24.21
CA LEU A 275 -6.15 5.72 -23.06
C LEU A 275 -6.39 6.51 -21.77
N GLU A 276 -7.04 5.86 -20.81
CA GLU A 276 -7.23 6.43 -19.48
CA GLU A 276 -7.24 6.43 -19.49
C GLU A 276 -6.78 5.42 -18.44
N HIS A 277 -6.47 5.91 -17.24
CA HIS A 277 -6.05 5.03 -16.16
C HIS A 277 -7.19 4.98 -15.14
N PRO A 278 -7.49 3.80 -14.61
CA PRO A 278 -8.65 3.72 -13.70
C PRO A 278 -8.57 4.61 -12.45
N THR A 279 -7.38 4.98 -12.00
CA THR A 279 -7.28 5.79 -10.78
C THR A 279 -6.41 7.04 -10.92
N LEU A 280 -5.47 7.01 -11.86
CA LEU A 280 -4.62 8.16 -12.14
C LEU A 280 -5.36 9.10 -13.10
N GLU A 281 -6.01 10.11 -12.54
CA GLU A 281 -6.90 10.99 -13.29
C GLU A 281 -6.19 11.69 -14.46
N TRP A 282 -4.92 12.06 -14.28
CA TRP A 282 -4.21 12.84 -15.30
C TRP A 282 -3.81 12.04 -16.55
N PHE A 283 -3.83 10.70 -16.47
CA PHE A 283 -3.37 9.88 -17.58
C PHE A 283 -4.09 10.18 -18.90
N ALA A 284 -5.42 10.33 -18.83
CA ALA A 284 -6.22 10.72 -19.99
C ALA A 284 -5.67 11.95 -20.68
N ALA A 285 -5.14 12.89 -19.88
CA ALA A 285 -4.70 14.18 -20.40
C ALA A 285 -3.42 14.06 -21.21
N LEU A 286 -2.71 12.95 -21.04
CA LEU A 286 -1.55 12.65 -21.85
C LEU A 286 -1.95 12.44 -23.31
N GLY A 287 -3.25 12.29 -23.55
CA GLY A 287 -3.79 12.22 -24.90
C GLY A 287 -3.37 11.00 -25.71
N LEU A 288 -3.07 9.90 -25.03
CA LEU A 288 -2.66 8.67 -25.70
C LEU A 288 -3.85 7.89 -26.22
N ARG A 289 -3.65 7.26 -27.38
CA ARG A 289 -4.63 6.34 -27.96
C ARG A 289 -3.90 5.16 -28.58
N TRP A 290 -4.61 4.05 -28.77
CA TRP A 290 -4.16 3.01 -29.70
C TRP A 290 -5.36 2.47 -30.47
N TYR A 291 -5.12 1.87 -31.63
CA TYR A 291 -6.21 1.31 -32.42
C TYR A 291 -6.60 -0.08 -31.90
N ALA A 292 -7.76 -0.56 -32.35
CA ALA A 292 -8.32 -1.81 -31.85
C ALA A 292 -7.75 -3.05 -32.53
N LEU A 293 -7.50 -2.97 -33.84
CA LEU A 293 -7.26 -4.17 -34.64
C LEU A 293 -5.81 -4.35 -35.09
N PRO A 294 -5.10 -5.35 -34.54
CA PRO A 294 -3.76 -5.66 -35.03
C PRO A 294 -3.88 -6.52 -36.28
N ALA A 295 -3.56 -5.94 -37.45
CA ALA A 295 -3.72 -6.66 -38.70
C ALA A 295 -2.44 -6.57 -39.51
N VAL A 296 -1.72 -7.68 -39.61
CA VAL A 296 -0.40 -7.71 -40.23
C VAL A 296 -0.46 -7.92 -41.76
N SER A 297 0.02 -6.92 -42.48
CA SER A 297 -0.19 -6.83 -43.91
C SER A 297 1.09 -6.75 -44.70
N ASN A 298 2.11 -7.49 -44.29
CA ASN A 298 3.32 -7.50 -45.10
C ASN A 298 3.99 -8.86 -45.15
N MET A 299 3.34 -9.85 -44.57
CA MET A 299 3.93 -11.19 -44.53
C MET A 299 3.39 -12.07 -45.63
N LEU A 300 4.25 -12.97 -46.10
CA LEU A 300 3.95 -13.84 -47.21
C LEU A 300 3.44 -15.18 -46.70
N LEU A 301 2.28 -15.57 -47.21
CA LEU A 301 1.63 -16.82 -46.84
C LEU A 301 2.03 -17.92 -47.81
N GLU A 302 2.52 -19.03 -47.27
CA GLU A 302 2.92 -20.17 -48.08
C GLU A 302 2.08 -21.40 -47.75
N ILE A 303 1.27 -21.83 -48.71
CA ILE A 303 0.51 -23.06 -48.60
C ILE A 303 0.76 -23.98 -49.79
N GLY A 304 1.28 -25.16 -49.52
CA GLY A 304 1.54 -26.14 -50.56
C GLY A 304 2.49 -25.63 -51.61
N GLY A 305 3.43 -24.80 -51.20
CA GLY A 305 4.43 -24.27 -52.11
C GLY A 305 3.93 -23.11 -52.95
N LEU A 306 2.78 -22.57 -52.61
CA LEU A 306 2.28 -21.39 -53.31
C LEU A 306 2.41 -20.15 -52.44
N GLU A 307 2.66 -19.02 -53.07
CA GLU A 307 3.05 -17.83 -52.33
C GLU A 307 2.04 -16.69 -52.50
N PHE A 308 1.51 -16.21 -51.38
CA PHE A 308 0.53 -15.13 -51.40
C PHE A 308 1.12 -13.90 -50.70
N PRO A 309 1.79 -13.03 -51.47
CA PRO A 309 2.48 -11.84 -50.91
C PRO A 309 1.51 -10.86 -50.25
N ALA A 310 0.23 -11.02 -50.57
CA ALA A 310 -0.82 -10.22 -49.96
C ALA A 310 -1.85 -11.13 -49.29
N ALA A 311 -1.72 -11.33 -47.98
CA ALA A 311 -2.66 -12.16 -47.22
C ALA A 311 -2.81 -11.66 -45.80
N PRO A 312 -3.39 -10.47 -45.62
CA PRO A 312 -3.44 -9.82 -44.30
C PRO A 312 -4.23 -10.60 -43.27
N PHE A 313 -3.61 -10.92 -42.14
CA PHE A 313 -4.33 -11.59 -41.06
C PHE A 313 -4.50 -10.66 -39.86
N SER A 314 -5.52 -10.94 -39.05
CA SER A 314 -5.83 -10.09 -37.93
C SER A 314 -6.38 -10.92 -36.77
N GLY A 315 -6.12 -10.45 -35.56
CA GLY A 315 -6.63 -11.11 -34.37
C GLY A 315 -7.03 -10.06 -33.37
N TRP A 316 -6.53 -10.20 -32.14
CA TRP A 316 -6.68 -9.14 -31.16
C TRP A 316 -5.41 -9.02 -30.33
N TYR A 317 -5.27 -7.88 -29.67
CA TYR A 317 -4.04 -7.54 -29.00
C TYR A 317 -3.87 -8.27 -27.69
N MET A 318 -2.61 -8.59 -27.39
CA MET A 318 -2.19 -8.80 -26.01
C MET A 318 -1.75 -7.43 -25.48
N SER A 319 -2.15 -7.09 -24.27
CA SER A 319 -1.96 -5.71 -23.80
C SER A 319 -0.51 -5.25 -23.73
N THR A 320 0.44 -6.16 -23.48
CA THR A 320 1.84 -5.77 -23.40
C THR A 320 2.36 -5.23 -24.72
N GLU A 321 1.80 -5.74 -25.81
CA GLU A 321 2.16 -5.26 -27.14
C GLU A 321 1.97 -3.75 -27.26
N ILE A 322 0.84 -3.26 -26.74
CA ILE A 322 0.53 -1.85 -26.81
C ILE A 322 1.25 -1.10 -25.70
N GLY A 323 0.96 -1.53 -24.47
CA GLY A 323 1.42 -0.84 -23.28
C GLY A 323 2.92 -0.88 -23.06
N THR A 324 3.55 -2.00 -23.39
CA THR A 324 4.98 -2.09 -23.13
C THR A 324 5.81 -1.81 -24.38
N ARG A 325 5.51 -2.46 -25.49
CA ARG A 325 6.38 -2.31 -26.65
C ARG A 325 6.05 -1.05 -27.46
N ASN A 326 4.77 -0.82 -27.77
CA ASN A 326 4.45 0.31 -28.62
C ASN A 326 4.67 1.64 -27.92
N LEU A 327 4.23 1.73 -26.68
CA LEU A 327 4.29 3.00 -25.96
C LEU A 327 5.63 3.20 -25.25
N CYS A 328 6.24 2.13 -24.74
CA CYS A 328 7.43 2.30 -23.88
C CYS A 328 8.80 2.01 -24.50
N ASP A 329 8.85 1.37 -25.67
CA ASP A 329 10.12 1.15 -26.36
C ASP A 329 10.82 2.50 -26.61
N PRO A 330 12.14 2.54 -26.36
CA PRO A 330 12.92 3.77 -26.57
C PRO A 330 12.79 4.32 -27.99
N HIS A 331 12.60 3.42 -28.96
CA HIS A 331 12.56 3.81 -30.36
C HIS A 331 11.14 3.86 -30.90
N ARG A 332 10.17 3.66 -30.02
CA ARG A 332 8.77 3.84 -30.39
C ARG A 332 8.26 5.13 -29.74
N TYR A 333 7.13 5.07 -29.04
CA TYR A 333 6.59 6.31 -28.47
C TYR A 333 7.36 6.75 -27.23
N ASN A 334 8.12 5.85 -26.62
CA ASN A 334 9.06 6.22 -25.53
C ASN A 334 8.45 7.14 -24.46
N ILE A 335 7.35 6.71 -23.85
CA ILE A 335 6.60 7.62 -22.96
C ILE A 335 6.96 7.40 -21.50
N LEU A 336 7.71 6.34 -21.23
CA LEU A 336 7.96 5.86 -19.88
C LEU A 336 8.32 6.97 -18.88
N GLU A 337 9.23 7.85 -19.31
CA GLU A 337 9.72 8.91 -18.47
C GLU A 337 8.60 9.91 -18.15
N ASP A 338 7.84 10.25 -19.17
CA ASP A 338 6.78 11.22 -19.03
C ASP A 338 5.71 10.73 -18.04
N VAL A 339 5.45 9.44 -18.04
CA VAL A 339 4.47 8.89 -17.11
C VAL A 339 5.03 8.85 -15.69
N ALA A 340 6.34 8.60 -15.59
CA ALA A 340 7.02 8.57 -14.30
C ALA A 340 7.01 9.95 -13.62
N VAL A 341 7.24 11.00 -14.40
CA VAL A 341 7.18 12.35 -13.83
C VAL A 341 5.77 12.64 -13.28
N CYS A 342 4.75 12.20 -13.99
CA CYS A 342 3.38 12.40 -13.57
C CYS A 342 3.08 11.66 -12.27
N MET A 343 3.70 10.50 -12.10
CA MET A 343 3.52 9.72 -10.88
C MET A 343 4.45 10.21 -9.79
N ASP A 344 5.16 11.31 -10.05
CA ASP A 344 6.13 11.87 -9.12
C ASP A 344 7.15 10.83 -8.65
N LEU A 345 7.59 9.94 -9.54
CA LEU A 345 8.57 8.91 -9.17
C LEU A 345 9.98 9.46 -9.16
N ASP A 346 10.86 8.79 -8.42
CA ASP A 346 12.23 9.23 -8.32
C ASP A 346 13.03 8.76 -9.53
N THR A 347 13.07 9.58 -10.58
CA THR A 347 13.81 9.21 -11.77
C THR A 347 15.31 9.45 -11.65
N ARG A 348 15.77 9.88 -10.46
CA ARG A 348 17.19 10.20 -10.26
C ARG A 348 18.04 8.93 -10.13
N THR A 349 17.44 7.81 -9.74
CA THR A 349 18.21 6.58 -9.57
C THR A 349 17.47 5.33 -10.10
N THR A 350 18.18 4.51 -10.88
CA THR A 350 17.57 3.33 -11.51
C THR A 350 16.98 2.39 -10.46
N SER A 351 17.51 2.45 -9.24
CA SER A 351 17.18 1.45 -8.23
C SER A 351 15.88 1.75 -7.51
N SER A 352 15.26 2.88 -7.85
CA SER A 352 13.90 3.17 -7.40
C SER A 352 12.89 2.31 -8.17
N LEU A 353 13.36 1.68 -9.25
CA LEU A 353 12.52 0.91 -10.18
C LEU A 353 11.36 1.74 -10.75
N TRP A 354 11.65 3.01 -11.06
CA TRP A 354 10.62 3.88 -11.59
C TRP A 354 10.15 3.48 -12.98
N LYS A 355 11.07 2.95 -13.79
CA LYS A 355 10.69 2.41 -15.11
C LYS A 355 9.68 1.30 -14.96
N ASP A 356 9.99 0.35 -14.09
CA ASP A 356 9.11 -0.78 -13.81
C ASP A 356 7.73 -0.34 -13.33
N LYS A 357 7.70 0.59 -12.38
CA LYS A 357 6.44 1.06 -11.81
C LYS A 357 5.59 1.77 -12.88
N ALA A 358 6.21 2.65 -13.65
CA ALA A 358 5.51 3.37 -14.71
C ALA A 358 5.03 2.42 -15.81
N ALA A 359 5.83 1.41 -16.11
CA ALA A 359 5.45 0.47 -17.16
C ALA A 359 4.19 -0.26 -16.74
N VAL A 360 4.16 -0.73 -15.51
CA VAL A 360 3.00 -1.51 -15.07
C VAL A 360 1.71 -0.68 -15.16
N GLU A 361 1.79 0.61 -14.83
CA GLU A 361 0.60 1.45 -14.83
C GLU A 361 0.18 1.78 -16.25
N ILE A 362 1.14 1.96 -17.14
CA ILE A 362 0.82 2.10 -18.55
C ILE A 362 0.08 0.85 -19.05
N ASN A 363 0.54 -0.32 -18.64
CA ASN A 363 -0.17 -1.54 -18.99
C ASN A 363 -1.55 -1.60 -18.34
N VAL A 364 -1.66 -1.21 -17.08
CA VAL A 364 -2.96 -1.22 -16.41
C VAL A 364 -3.94 -0.30 -17.18
N ALA A 365 -3.43 0.83 -17.66
CA ALA A 365 -4.26 1.76 -18.41
C ALA A 365 -4.75 1.13 -19.70
N VAL A 366 -3.90 0.33 -20.35
CA VAL A 366 -4.29 -0.21 -21.64
C VAL A 366 -5.43 -1.21 -21.44
N LEU A 367 -5.28 -2.07 -20.46
CA LEU A 367 -6.31 -3.07 -20.18
C LEU A 367 -7.63 -2.42 -19.77
N HIS A 368 -7.55 -1.44 -18.87
CA HIS A 368 -8.74 -0.76 -18.40
C HIS A 368 -9.47 -0.06 -19.56
N SER A 369 -8.71 0.68 -20.37
CA SER A 369 -9.30 1.45 -21.47
C SER A 369 -9.98 0.55 -22.49
N TYR A 370 -9.31 -0.55 -22.87
CA TYR A 370 -9.92 -1.46 -23.85
C TYR A 370 -11.16 -2.11 -23.29
N GLN A 371 -11.11 -2.49 -22.01
CA GLN A 371 -12.25 -3.08 -21.35
C GLN A 371 -13.41 -2.10 -21.27
N LEU A 372 -13.09 -0.83 -21.00
CA LEU A 372 -14.10 0.19 -20.87
C LEU A 372 -14.75 0.42 -22.22
N ALA A 373 -13.93 0.44 -23.27
CA ALA A 373 -14.43 0.60 -24.63
C ALA A 373 -15.01 -0.70 -25.19
N LYS A 374 -15.07 -1.75 -24.36
CA LYS A 374 -15.60 -3.04 -24.80
C LYS A 374 -14.88 -3.54 -26.06
N VAL A 375 -13.56 -3.42 -26.08
CA VAL A 375 -12.75 -3.93 -27.18
C VAL A 375 -11.95 -5.13 -26.67
N THR A 376 -12.02 -6.23 -27.42
CA THR A 376 -11.31 -7.46 -27.08
C THR A 376 -9.81 -7.23 -26.83
N ILE A 377 -9.34 -7.63 -25.65
CA ILE A 377 -7.91 -7.58 -25.36
C ILE A 377 -7.55 -8.64 -24.33
N VAL A 378 -6.32 -9.12 -24.37
CA VAL A 378 -5.91 -10.14 -23.39
C VAL A 378 -4.61 -9.73 -22.70
N ASP A 379 -4.59 -9.89 -21.38
CA ASP A 379 -3.41 -9.57 -20.59
C ASP A 379 -2.37 -10.70 -20.75
N HIS A 380 -1.11 -10.39 -20.53
CA HIS A 380 -0.05 -11.37 -20.80
C HIS A 380 -0.08 -12.58 -19.87
N HIS A 381 -0.63 -12.44 -18.66
CA HIS A 381 -0.85 -13.62 -17.82
C HIS A 381 -1.88 -14.59 -18.40
N ALA A 382 -3.05 -14.08 -18.80
CA ALA A 382 -4.07 -14.94 -19.40
C ALA A 382 -3.56 -15.58 -20.70
N ALA A 383 -2.88 -14.78 -21.51
CA ALA A 383 -2.41 -15.23 -22.81
C ALA A 383 -1.41 -16.37 -22.69
N THR A 384 -0.44 -16.23 -21.77
CA THR A 384 0.62 -17.22 -21.62
C THR A 384 0.04 -18.48 -21.00
N ALA A 385 -0.88 -18.33 -20.05
CA ALA A 385 -1.55 -19.48 -19.48
C ALA A 385 -2.29 -20.27 -20.58
N SER A 386 -2.92 -19.56 -21.52
CA SER A 386 -3.61 -20.25 -22.61
CA SER A 386 -3.60 -20.25 -22.61
C SER A 386 -2.58 -20.94 -23.52
N PHE A 387 -1.41 -20.34 -23.66
CA PHE A 387 -0.40 -20.93 -24.53
C PHE A 387 0.10 -22.24 -23.93
N MET A 388 0.27 -22.25 -22.61
CA MET A 388 0.62 -23.48 -21.92
C MET A 388 -0.40 -24.57 -22.24
N LYS A 389 -1.67 -24.17 -22.22
CA LYS A 389 -2.74 -25.11 -22.54
C LYS A 389 -2.59 -25.54 -23.98
N HIS A 390 -2.27 -24.58 -24.85
CA HIS A 390 -2.02 -24.93 -26.25
C HIS A 390 -0.86 -25.90 -26.42
N LEU A 391 0.17 -25.78 -25.58
CA LEU A 391 1.31 -26.69 -25.70
C LEU A 391 0.85 -28.12 -25.44
N GLU A 392 0.07 -28.32 -24.38
CA GLU A 392 -0.35 -29.66 -24.02
C GLU A 392 -1.27 -30.27 -25.06
N ASN A 393 -2.19 -29.47 -25.62
CA ASN A 393 -3.04 -29.93 -26.72
C ASN A 393 -2.22 -30.39 -27.90
N GLU A 394 -1.22 -29.58 -28.27
CA GLU A 394 -0.40 -29.88 -29.44
C GLU A 394 0.49 -31.09 -29.17
N GLN A 395 0.87 -31.30 -27.92
CA GLN A 395 1.66 -32.48 -27.55
C GLN A 395 0.88 -33.74 -27.89
N LYS A 396 -0.40 -33.80 -27.51
CA LYS A 396 -1.22 -34.96 -27.81
C LYS A 396 -1.54 -35.05 -29.29
N ALA A 397 -1.86 -33.91 -29.89
CA ALA A 397 -2.29 -33.90 -31.29
C ALA A 397 -1.14 -34.20 -32.26
N ARG A 398 -0.04 -33.46 -32.16
CA ARG A 398 1.04 -33.61 -33.14
C ARG A 398 2.38 -34.05 -32.56
N GLY A 399 2.45 -34.28 -31.26
CA GLY A 399 3.70 -34.68 -30.62
C GLY A 399 4.72 -33.55 -30.52
N GLY A 400 4.27 -32.37 -30.09
CA GLY A 400 5.14 -31.21 -29.97
C GLY A 400 4.59 -29.96 -30.63
N CYS A 401 5.33 -28.86 -30.52
CA CYS A 401 4.86 -27.56 -30.99
C CYS A 401 6.04 -26.60 -31.18
N PRO A 402 6.17 -26.00 -32.38
CA PRO A 402 7.27 -25.05 -32.58
C PRO A 402 7.00 -23.72 -31.87
N ALA A 403 7.90 -23.40 -30.94
CA ALA A 403 7.74 -22.20 -30.13
C ALA A 403 9.07 -21.50 -29.98
N ASP A 404 9.04 -20.17 -30.13
CA ASP A 404 10.21 -19.33 -30.02
C ASP A 404 10.16 -18.61 -28.68
N TRP A 405 10.85 -19.21 -27.71
CA TRP A 405 10.90 -18.71 -26.33
C TRP A 405 10.96 -17.20 -26.18
N ALA A 406 11.90 -16.58 -26.90
CA ALA A 406 12.13 -15.15 -26.79
C ALA A 406 10.91 -14.31 -27.20
N TRP A 407 10.06 -14.85 -28.07
CA TRP A 407 8.88 -14.12 -28.52
C TRP A 407 7.60 -14.53 -27.76
N ILE A 408 7.62 -15.71 -27.13
CA ILE A 408 6.46 -16.17 -26.36
C ILE A 408 6.43 -15.58 -24.95
N VAL A 409 7.62 -15.47 -24.34
CA VAL A 409 7.74 -14.84 -23.03
C VAL A 409 7.43 -13.34 -23.14
N PRO A 410 6.50 -12.84 -22.32
CA PRO A 410 6.09 -11.43 -22.42
C PRO A 410 7.22 -10.46 -22.10
N PRO A 411 7.15 -9.22 -22.63
CA PRO A 411 8.22 -8.23 -22.47
C PRO A 411 8.25 -7.54 -21.10
N ILE A 412 7.26 -7.78 -20.27
CA ILE A 412 7.34 -7.44 -18.85
C ILE A 412 6.98 -8.69 -18.04
N SER A 413 7.51 -8.77 -16.83
CA SER A 413 7.13 -9.83 -15.89
C SER A 413 7.32 -11.24 -16.46
N GLY A 414 8.30 -11.41 -17.35
CA GLY A 414 8.60 -12.70 -17.95
C GLY A 414 8.51 -13.89 -17.00
N SER A 415 9.29 -13.90 -15.93
CA SER A 415 9.30 -15.12 -15.10
C SER A 415 8.07 -15.27 -14.23
N LEU A 416 7.18 -14.29 -14.22
CA LEU A 416 5.91 -14.43 -13.49
C LEU A 416 4.86 -15.17 -14.32
N THR A 417 5.20 -15.48 -15.57
CA THR A 417 4.29 -16.23 -16.44
C THR A 417 4.82 -17.66 -16.63
N PRO A 418 3.92 -18.63 -16.89
CA PRO A 418 4.36 -20.04 -16.90
C PRO A 418 5.30 -20.39 -18.06
N VAL A 419 5.16 -19.71 -19.19
CA VAL A 419 5.96 -20.02 -20.38
C VAL A 419 7.46 -19.82 -20.15
N PHE A 420 7.79 -18.94 -19.20
CA PHE A 420 9.18 -18.64 -18.87
C PHE A 420 9.93 -19.91 -18.45
N HIS A 421 9.25 -20.73 -17.65
CA HIS A 421 9.88 -21.92 -17.08
C HIS A 421 9.72 -23.16 -17.93
N GLN A 422 9.16 -22.95 -19.13
CA GLN A 422 8.94 -24.03 -20.10
C GLN A 422 10.00 -23.97 -21.19
N GLU A 423 10.83 -25.01 -21.29
CA GLU A 423 11.71 -25.14 -22.44
C GLU A 423 10.89 -25.33 -23.72
N MET A 424 11.42 -24.82 -24.82
CA MET A 424 10.76 -24.89 -26.12
C MET A 424 11.74 -25.27 -27.21
N VAL A 425 11.19 -25.84 -28.27
CA VAL A 425 11.93 -26.17 -29.47
C VAL A 425 11.39 -25.35 -30.64
N ASN A 426 12.31 -24.71 -31.35
CA ASN A 426 11.96 -23.82 -32.44
C ASN A 426 12.42 -24.40 -33.77
N TYR A 427 11.51 -24.38 -34.74
CA TYR A 427 11.76 -24.97 -36.05
C TYR A 427 10.66 -24.54 -37.03
N PHE A 428 10.86 -24.87 -38.31
CA PHE A 428 9.96 -24.42 -39.36
C PHE A 428 9.08 -25.56 -39.89
N LEU A 429 7.77 -25.40 -39.78
CA LEU A 429 6.81 -26.29 -40.44
C LEU A 429 6.07 -25.56 -41.57
N SER A 430 5.55 -26.32 -42.52
CA SER A 430 4.72 -25.75 -43.56
C SER A 430 3.32 -26.37 -43.44
N PRO A 431 2.26 -25.61 -43.73
CA PRO A 431 2.17 -24.21 -44.17
C PRO A 431 2.73 -23.21 -43.16
N ALA A 432 3.07 -22.02 -43.64
CA ALA A 432 3.68 -21.03 -42.77
C ALA A 432 3.54 -19.60 -43.29
N PHE A 433 3.65 -18.64 -42.37
CA PHE A 433 3.85 -17.24 -42.69
C PHE A 433 5.35 -16.93 -42.68
N ARG A 434 5.81 -16.26 -43.73
CA ARG A 434 7.21 -15.89 -43.86
C ARG A 434 7.34 -14.39 -44.04
N TYR A 435 8.53 -13.87 -43.69
CA TYR A 435 8.87 -12.50 -44.00
C TYR A 435 9.24 -12.41 -45.47
N GLN A 436 9.22 -11.21 -46.02
CA GLN A 436 9.54 -11.03 -47.42
C GLN A 436 10.07 -9.64 -47.65
N PRO A 437 10.84 -9.45 -48.73
CA PRO A 437 11.39 -8.12 -49.03
C PRO A 437 10.28 -7.09 -49.16
N ASP A 438 10.56 -5.84 -48.84
CA ASP A 438 9.57 -4.78 -49.01
C ASP A 438 9.59 -4.28 -50.47
N PRO A 439 8.46 -3.73 -50.96
CA PRO A 439 8.28 -3.44 -52.39
C PRO A 439 9.06 -2.24 -52.91
N TRP A 440 10.28 -2.04 -52.43
CA TRP A 440 11.08 -0.90 -52.85
C TRP A 440 12.57 -1.19 -52.70
N LYS B 27 31.27 -13.96 -44.02
CA LYS B 27 30.30 -14.99 -43.68
C LYS B 27 30.24 -15.22 -42.15
N PHE B 28 30.25 -14.11 -41.42
CA PHE B 28 30.09 -14.13 -39.97
C PHE B 28 28.73 -13.51 -39.63
N PRO B 29 28.08 -13.99 -38.56
CA PRO B 29 26.70 -13.58 -38.24
C PRO B 29 26.51 -12.07 -38.09
N ARG B 30 25.50 -11.54 -38.77
CA ARG B 30 25.14 -10.14 -38.64
C ARG B 30 24.21 -9.94 -37.45
N VAL B 31 24.57 -9.01 -36.58
CA VAL B 31 23.87 -8.77 -35.32
C VAL B 31 23.38 -7.32 -35.21
N LYS B 32 22.09 -7.15 -34.98
CA LYS B 32 21.51 -5.81 -34.95
C LYS B 32 21.06 -5.42 -33.54
N ASN B 33 21.28 -4.16 -33.18
CA ASN B 33 20.63 -3.58 -32.02
C ASN B 33 19.40 -2.84 -32.52
N TRP B 34 18.23 -3.16 -31.98
CA TRP B 34 17.00 -2.62 -32.52
C TRP B 34 16.59 -1.29 -31.88
N GLU B 35 17.06 -1.04 -30.67
CA GLU B 35 16.81 0.25 -30.04
C GLU B 35 17.51 1.39 -30.79
N VAL B 36 18.76 1.15 -31.21
CA VAL B 36 19.58 2.22 -31.79
C VAL B 36 19.76 2.09 -33.32
N GLY B 37 19.77 0.85 -33.81
CA GLY B 37 20.01 0.61 -35.23
C GLY B 37 21.44 0.17 -35.55
N SER B 38 22.21 -0.17 -34.53
CA SER B 38 23.59 -0.63 -34.71
C SER B 38 23.66 -1.98 -35.43
N ILE B 39 24.76 -2.19 -36.15
CA ILE B 39 25.02 -3.47 -36.80
C ILE B 39 26.50 -3.85 -36.65
N THR B 40 26.74 -5.05 -36.14
CA THR B 40 28.08 -5.59 -36.00
C THR B 40 28.11 -7.03 -36.51
N TYR B 41 29.31 -7.56 -36.75
CA TYR B 41 29.44 -8.94 -37.18
C TYR B 41 30.29 -9.72 -36.19
N ASP B 42 29.72 -10.78 -35.63
CA ASP B 42 30.41 -11.56 -34.60
C ASP B 42 31.40 -12.52 -35.25
N THR B 43 32.61 -12.03 -35.52
CA THR B 43 33.64 -12.84 -36.15
C THR B 43 34.27 -13.79 -35.13
N LEU B 44 34.10 -13.48 -33.84
CA LEU B 44 34.62 -14.31 -32.76
C LEU B 44 33.95 -15.68 -32.72
N SER B 45 32.68 -15.74 -33.11
CA SER B 45 31.92 -16.99 -33.11
C SER B 45 32.59 -18.07 -33.96
N ALA B 46 33.29 -17.65 -35.03
CA ALA B 46 33.93 -18.60 -35.94
C ALA B 46 35.02 -19.40 -35.25
N GLN B 47 35.48 -18.92 -34.10
CA GLN B 47 36.51 -19.59 -33.33
C GLN B 47 35.96 -20.59 -32.32
N ALA B 48 34.62 -20.74 -32.29
CA ALA B 48 33.94 -21.54 -31.28
C ALA B 48 34.51 -22.94 -31.18
N GLN B 49 35.19 -23.20 -30.07
CA GLN B 49 35.99 -24.41 -29.87
C GLN B 49 35.16 -25.61 -29.45
N GLN B 50 33.83 -25.48 -29.50
CA GLN B 50 32.94 -26.57 -29.13
C GLN B 50 31.54 -26.38 -29.71
N ASP B 51 30.70 -27.41 -29.58
CA ASP B 51 29.39 -27.41 -30.20
C ASP B 51 28.23 -27.47 -29.21
N GLY B 52 27.26 -26.57 -29.38
CA GLY B 52 26.04 -26.55 -28.57
C GLY B 52 24.90 -27.37 -29.19
N PRO B 53 23.68 -27.22 -28.65
CA PRO B 53 22.56 -28.13 -28.99
C PRO B 53 21.84 -27.85 -30.31
N CYS B 54 22.13 -26.74 -30.96
CA CYS B 54 21.30 -26.31 -32.10
C CYS B 54 21.76 -26.88 -33.42
N THR B 55 20.79 -27.08 -34.32
CA THR B 55 21.05 -27.52 -35.69
C THR B 55 20.24 -26.63 -36.64
N PRO B 56 20.53 -26.70 -37.94
CA PRO B 56 19.66 -25.98 -38.88
C PRO B 56 18.20 -26.44 -38.79
N ARG B 57 17.98 -27.67 -38.35
CA ARG B 57 16.64 -28.23 -38.23
C ARG B 57 15.85 -27.59 -37.09
N ARG B 58 16.52 -27.28 -36.00
CA ARG B 58 15.84 -26.85 -34.79
C ARG B 58 16.77 -26.12 -33.84
N CYS B 59 16.24 -25.07 -33.21
CA CYS B 59 17.00 -24.35 -32.21
C CYS B 59 16.60 -24.89 -30.83
N LEU B 60 17.60 -25.22 -30.02
CA LEU B 60 17.38 -25.69 -28.64
C LEU B 60 17.99 -24.68 -27.65
N GLY B 61 18.02 -23.42 -28.08
CA GLY B 61 18.62 -22.36 -27.29
C GLY B 61 18.03 -22.18 -25.90
N SER B 62 16.75 -22.49 -25.73
CA SER B 62 16.10 -22.28 -24.43
C SER B 62 16.27 -23.44 -23.45
N LEU B 63 16.97 -24.49 -23.86
CA LEU B 63 17.24 -25.58 -22.93
C LEU B 63 18.24 -25.09 -21.86
N VAL B 64 17.94 -25.38 -20.61
CA VAL B 64 18.82 -25.00 -19.50
C VAL B 64 20.12 -25.83 -19.52
N PHE B 65 20.01 -27.13 -19.72
CA PHE B 65 21.21 -27.95 -19.89
C PHE B 65 21.35 -28.35 -21.35
N PRO B 66 22.26 -27.67 -22.06
CA PRO B 66 22.51 -27.81 -23.50
C PRO B 66 23.58 -28.87 -23.83
N ALA B 79 43.30 -39.89 -25.91
CA ALA B 79 43.16 -38.70 -25.07
C ALA B 79 44.33 -37.70 -25.14
N PRO B 80 45.60 -38.17 -25.24
CA PRO B 80 46.67 -37.16 -25.18
C PRO B 80 46.63 -36.12 -26.30
N GLU B 81 46.33 -36.53 -27.51
CA GLU B 81 46.43 -35.64 -28.67
C GLU B 81 45.42 -34.49 -28.58
N GLN B 82 44.30 -34.73 -27.91
CA GLN B 82 43.23 -33.75 -27.83
C GLN B 82 43.43 -32.86 -26.61
N LEU B 83 44.00 -33.43 -25.56
CA LEU B 83 44.45 -32.63 -24.43
C LEU B 83 45.52 -31.69 -24.94
N LEU B 84 46.33 -32.21 -25.86
CA LEU B 84 47.42 -31.45 -26.46
C LEU B 84 46.93 -30.22 -27.22
N SER B 85 45.95 -30.41 -28.10
CA SER B 85 45.52 -29.31 -28.96
C SER B 85 44.73 -28.29 -28.16
N GLN B 86 44.04 -28.74 -27.11
CA GLN B 86 43.37 -27.82 -26.18
C GLN B 86 44.42 -26.96 -25.46
N ALA B 87 45.40 -27.63 -24.86
CA ALA B 87 46.48 -26.93 -24.15
C ALA B 87 47.21 -25.95 -25.07
N ARG B 88 47.48 -26.38 -26.30
CA ARG B 88 48.24 -25.55 -27.23
C ARG B 88 47.47 -24.27 -27.55
N ASP B 89 46.15 -24.38 -27.64
CA ASP B 89 45.32 -23.22 -27.92
C ASP B 89 45.23 -22.27 -26.73
N PHE B 90 45.23 -22.81 -25.51
CA PHE B 90 45.18 -21.94 -24.34
C PHE B 90 46.50 -21.19 -24.15
N ILE B 91 47.62 -21.89 -24.36
CA ILE B 91 48.95 -21.28 -24.28
C ILE B 91 49.07 -20.18 -25.32
N ASN B 92 48.57 -20.45 -26.53
CA ASN B 92 48.53 -19.42 -27.56
C ASN B 92 47.77 -18.20 -27.05
N GLN B 93 46.64 -18.45 -26.38
CA GLN B 93 45.83 -17.38 -25.81
C GLN B 93 46.61 -16.58 -24.79
N TYR B 94 47.26 -17.29 -23.88
CA TYR B 94 47.93 -16.64 -22.76
C TYR B 94 49.01 -15.72 -23.29
N TYR B 95 49.82 -16.24 -24.20
CA TYR B 95 50.91 -15.46 -24.75
C TYR B 95 50.44 -14.34 -25.70
N SER B 96 49.21 -14.43 -26.18
CA SER B 96 48.61 -13.31 -26.93
C SER B 96 48.28 -12.17 -25.99
N SER B 97 47.66 -12.52 -24.86
CA SER B 97 47.19 -11.56 -23.88
C SER B 97 48.31 -10.72 -23.26
N ILE B 98 49.52 -11.28 -23.19
CA ILE B 98 50.65 -10.55 -22.62
C ILE B 98 51.50 -9.94 -23.73
N LYS B 99 50.94 -9.89 -24.93
CA LYS B 99 51.62 -9.31 -26.09
C LYS B 99 53.00 -9.94 -26.31
N ARG B 100 53.02 -11.27 -26.32
CA ARG B 100 54.25 -12.04 -26.42
C ARG B 100 54.05 -13.24 -27.34
N SER B 101 53.10 -13.11 -28.28
CA SER B 101 52.78 -14.17 -29.22
CA SER B 101 52.78 -14.17 -29.22
C SER B 101 53.96 -14.54 -30.11
N GLY B 102 54.22 -15.84 -30.22
CA GLY B 102 55.27 -16.34 -31.11
C GLY B 102 56.70 -16.20 -30.63
N SER B 103 56.90 -15.73 -29.40
CA SER B 103 58.25 -15.50 -28.89
C SER B 103 58.93 -16.82 -28.48
N GLN B 104 60.19 -16.72 -28.05
CA GLN B 104 60.90 -17.90 -27.57
C GLN B 104 60.21 -18.45 -26.31
N ALA B 105 59.93 -17.56 -25.36
CA ALA B 105 59.20 -17.94 -24.15
C ALA B 105 57.90 -18.69 -24.50
N HIS B 106 57.27 -18.29 -25.60
CA HIS B 106 56.04 -18.93 -26.05
C HIS B 106 56.31 -20.36 -26.51
N GLU B 107 57.28 -20.52 -27.41
CA GLU B 107 57.54 -21.84 -27.96
C GLU B 107 58.13 -22.77 -26.92
N GLN B 108 58.94 -22.22 -26.01
CA GLN B 108 59.48 -23.01 -24.90
C GLN B 108 58.34 -23.61 -24.09
N ARG B 109 57.34 -22.79 -23.77
CA ARG B 109 56.22 -23.22 -22.96
C ARG B 109 55.42 -24.31 -23.69
N LEU B 110 55.26 -24.16 -24.99
CA LEU B 110 54.61 -25.19 -25.79
C LEU B 110 55.39 -26.50 -25.70
N GLN B 111 56.70 -26.39 -25.83
CA GLN B 111 57.53 -27.59 -25.81
C GLN B 111 57.51 -28.25 -24.44
N GLU B 112 57.52 -27.43 -23.39
CA GLU B 112 57.39 -27.95 -22.03
C GLU B 112 56.08 -28.72 -21.86
N VAL B 113 54.98 -28.12 -22.30
CA VAL B 113 53.66 -28.70 -22.11
C VAL B 113 53.51 -30.08 -22.79
N GLU B 114 53.90 -30.19 -24.05
CA GLU B 114 53.69 -31.46 -24.74
C GLU B 114 54.70 -32.50 -24.31
N ALA B 115 55.79 -32.06 -23.69
CA ALA B 115 56.74 -32.98 -23.09
C ALA B 115 56.19 -33.53 -21.77
N GLU B 116 55.55 -32.67 -20.99
CA GLU B 116 55.02 -33.09 -19.69
C GLU B 116 53.80 -33.99 -19.86
N VAL B 117 53.08 -33.84 -20.97
CA VAL B 117 51.95 -34.70 -21.25
C VAL B 117 52.47 -36.09 -21.66
N ALA B 118 53.65 -36.11 -22.26
CA ALA B 118 54.25 -37.36 -22.73
C ALA B 118 54.64 -38.25 -21.55
N ALA B 119 55.13 -37.63 -20.49
CA ALA B 119 55.69 -38.38 -19.37
C ALA B 119 54.68 -38.63 -18.25
N THR B 120 53.68 -37.77 -18.14
CA THR B 120 52.75 -37.87 -17.03
C THR B 120 51.29 -38.00 -17.47
N GLY B 121 51.04 -37.79 -18.77
CA GLY B 121 49.68 -37.80 -19.27
C GLY B 121 48.91 -36.53 -18.96
N THR B 122 49.61 -35.53 -18.44
CA THR B 122 48.96 -34.26 -18.10
C THR B 122 49.99 -33.14 -17.97
N TYR B 123 49.58 -32.00 -17.43
CA TYR B 123 50.51 -30.92 -17.19
C TYR B 123 49.99 -29.98 -16.10
N GLN B 124 50.83 -29.03 -15.69
CA GLN B 124 50.46 -28.10 -14.61
C GLN B 124 50.48 -26.68 -15.14
N LEU B 125 49.50 -25.89 -14.74
CA LEU B 125 49.47 -24.48 -15.11
C LEU B 125 50.47 -23.68 -14.25
N ARG B 126 51.18 -22.74 -14.87
CA ARG B 126 51.92 -21.74 -14.10
C ARG B 126 50.87 -20.86 -13.43
N GLU B 127 51.24 -20.18 -12.34
CA GLU B 127 50.28 -19.38 -11.59
C GLU B 127 49.61 -18.29 -12.43
N SER B 128 50.42 -17.53 -13.18
CA SER B 128 49.88 -16.48 -14.05
CA SER B 128 49.89 -16.48 -14.06
C SER B 128 48.95 -17.04 -15.12
N GLU B 129 49.19 -18.29 -15.53
CA GLU B 129 48.33 -18.92 -16.51
C GLU B 129 47.00 -19.26 -15.88
N LEU B 130 47.04 -19.72 -14.62
CA LEU B 130 45.83 -20.06 -13.88
C LEU B 130 44.93 -18.83 -13.69
N VAL B 131 45.54 -17.72 -13.29
CA VAL B 131 44.82 -16.48 -13.06
C VAL B 131 44.16 -15.98 -14.35
N PHE B 132 44.92 -16.00 -15.44
CA PHE B 132 44.40 -15.62 -16.74
C PHE B 132 43.26 -16.55 -17.14
N GLY B 133 43.48 -17.85 -16.96
CA GLY B 133 42.50 -18.85 -17.33
C GLY B 133 41.16 -18.70 -16.62
N ALA B 134 41.19 -18.37 -15.34
CA ALA B 134 39.99 -18.23 -14.55
C ALA B 134 39.22 -16.98 -14.99
N LYS B 135 39.97 -15.92 -15.29
CA LYS B 135 39.35 -14.70 -15.80
C LYS B 135 38.67 -14.90 -17.14
N GLN B 136 39.33 -15.62 -18.06
CA GLN B 136 38.76 -15.86 -19.38
C GLN B 136 37.50 -16.68 -19.27
N ALA B 137 37.52 -17.66 -18.38
CA ALA B 137 36.36 -18.50 -18.13
C ALA B 137 35.15 -17.64 -17.76
N TRP B 138 35.37 -16.65 -16.90
CA TRP B 138 34.29 -15.70 -16.56
C TRP B 138 33.90 -14.85 -17.76
N ARG B 139 34.91 -14.25 -18.39
CA ARG B 139 34.73 -13.49 -19.62
C ARG B 139 33.92 -14.25 -20.69
N ASN B 140 34.14 -15.57 -20.76
CA ASN B 140 33.51 -16.44 -21.77
C ASN B 140 32.12 -16.99 -21.43
N ALA B 141 31.63 -16.72 -20.23
CA ALA B 141 30.36 -17.29 -19.77
C ALA B 141 29.15 -16.56 -20.38
N PRO B 142 28.47 -17.19 -21.36
CA PRO B 142 27.42 -16.55 -22.18
C PRO B 142 26.21 -16.06 -21.40
N ARG B 143 25.90 -16.70 -20.28
CA ARG B 143 24.72 -16.39 -19.49
C ARG B 143 24.97 -15.41 -18.34
N CYS B 144 26.20 -14.88 -18.25
CA CYS B 144 26.54 -13.95 -17.16
C CYS B 144 26.41 -12.49 -17.58
N VAL B 145 25.50 -11.78 -16.96
CA VAL B 145 25.26 -10.38 -17.28
C VAL B 145 26.27 -9.49 -16.57
N GLY B 146 27.00 -10.04 -15.59
CA GLY B 146 27.94 -9.26 -14.80
C GLY B 146 29.36 -9.14 -15.33
N ARG B 147 29.60 -9.55 -16.58
CA ARG B 147 30.97 -9.72 -17.06
C ARG B 147 31.76 -8.45 -17.29
N ILE B 148 31.14 -7.27 -17.19
CA ILE B 148 31.90 -6.02 -17.33
C ILE B 148 33.08 -6.02 -16.34
N GLN B 149 32.87 -6.71 -15.23
CA GLN B 149 33.81 -6.96 -14.14
C GLN B 149 34.89 -8.03 -14.35
N TRP B 150 34.88 -8.72 -15.50
CA TRP B 150 35.64 -9.97 -15.65
C TRP B 150 37.14 -9.87 -15.30
N GLY B 151 37.73 -8.70 -15.51
CA GLY B 151 39.13 -8.49 -15.27
C GLY B 151 39.46 -8.32 -13.80
N LYS B 152 38.47 -7.88 -13.03
CA LYS B 152 38.62 -7.74 -11.58
C LYS B 152 38.14 -9.00 -10.88
N LEU B 153 39.05 -9.95 -10.72
CA LEU B 153 38.72 -11.24 -10.13
C LEU B 153 39.90 -11.65 -9.25
N GLN B 154 39.63 -11.97 -8.00
CA GLN B 154 40.68 -12.42 -7.09
C GLN B 154 40.77 -13.92 -7.18
N VAL B 155 41.91 -14.41 -7.62
CA VAL B 155 42.10 -15.85 -7.80
C VAL B 155 42.90 -16.44 -6.65
N PHE B 156 42.26 -17.29 -5.85
CA PHE B 156 42.96 -17.98 -4.79
C PHE B 156 43.40 -19.36 -5.26
N ASP B 157 44.72 -19.58 -5.23
CA ASP B 157 45.31 -20.81 -5.71
C ASP B 157 45.36 -21.84 -4.60
N ALA B 158 44.40 -22.78 -4.61
CA ALA B 158 44.37 -23.84 -3.60
C ALA B 158 44.77 -25.19 -4.20
N ARG B 159 45.63 -25.16 -5.21
CA ARG B 159 45.94 -26.40 -5.92
C ARG B 159 46.81 -27.33 -5.08
N ASP B 160 47.34 -26.81 -3.98
CA ASP B 160 48.13 -27.63 -3.06
C ASP B 160 47.26 -28.23 -1.97
N CYS B 161 45.95 -27.98 -2.04
CA CYS B 161 45.01 -28.50 -1.02
C CYS B 161 45.12 -30.01 -0.90
N ARG B 162 45.08 -30.48 0.34
CA ARG B 162 45.48 -31.83 0.65
C ARG B 162 44.34 -32.68 1.19
N SER B 163 43.34 -32.03 1.76
CA SER B 163 42.26 -32.75 2.41
C SER B 163 40.98 -31.95 2.42
N ALA B 164 39.91 -32.55 2.93
CA ALA B 164 38.65 -31.85 3.08
C ALA B 164 38.74 -30.75 4.16
N GLN B 165 39.45 -31.03 5.24
CA GLN B 165 39.58 -30.07 6.36
C GLN B 165 40.27 -28.79 5.87
N GLU B 166 41.39 -28.96 5.16
CA GLU B 166 42.08 -27.85 4.51
C GLU B 166 41.16 -27.19 3.48
N MET B 167 40.38 -27.99 2.76
CA MET B 167 39.43 -27.48 1.79
C MET B 167 38.48 -26.50 2.45
N PHE B 168 37.96 -26.89 3.61
CA PHE B 168 37.07 -26.05 4.39
C PHE B 168 37.73 -24.71 4.80
N THR B 169 38.99 -24.75 5.21
CA THR B 169 39.70 -23.53 5.61
C THR B 169 39.82 -22.55 4.43
N TYR B 170 40.21 -23.08 3.28
CA TYR B 170 40.28 -22.29 2.03
C TYR B 170 38.97 -21.63 1.67
N ILE B 171 37.88 -22.34 1.95
CA ILE B 171 36.55 -21.86 1.59
C ILE B 171 36.13 -20.75 2.54
N CYS B 172 36.34 -20.99 3.83
CA CYS B 172 36.07 -19.99 4.85
C CYS B 172 36.82 -18.69 4.55
N ASN B 173 38.08 -18.80 4.14
CA ASN B 173 38.80 -17.59 3.73
C ASN B 173 38.23 -16.92 2.50
N HIS B 174 37.76 -17.72 1.55
CA HIS B 174 37.13 -17.18 0.37
C HIS B 174 35.92 -16.33 0.79
N ILE B 175 35.01 -16.93 1.56
CA ILE B 175 33.78 -16.27 1.99
C ILE B 175 34.10 -15.00 2.75
N LYS B 176 35.15 -15.03 3.55
CA LYS B 176 35.50 -13.87 4.36
C LYS B 176 36.03 -12.74 3.48
N TYR B 177 36.91 -13.05 2.55
CA TYR B 177 37.47 -12.05 1.65
C TYR B 177 36.40 -11.48 0.70
N ALA B 178 35.62 -12.37 0.11
CA ALA B 178 34.61 -11.99 -0.86
C ALA B 178 33.52 -11.08 -0.24
N THR B 179 33.09 -11.45 0.95
CA THR B 179 32.03 -10.73 1.64
C THR B 179 32.52 -9.36 2.08
N ASN B 180 33.68 -9.35 2.73
CA ASN B 180 34.34 -8.09 3.05
C ASN B 180 33.41 -7.12 3.78
N ARG B 181 32.67 -7.65 4.74
CA ARG B 181 31.72 -6.87 5.55
C ARG B 181 30.66 -6.15 4.73
N GLY B 182 30.25 -6.74 3.62
CA GLY B 182 29.22 -6.18 2.78
C GLY B 182 29.71 -5.45 1.56
N ASN B 183 30.98 -5.05 1.55
CA ASN B 183 31.58 -4.48 0.34
C ASN B 183 32.16 -5.60 -0.54
N LEU B 184 31.29 -6.24 -1.30
CA LEU B 184 31.61 -7.53 -1.93
C LEU B 184 32.70 -7.44 -2.99
N ARG B 185 33.55 -8.46 -3.04
CA ARG B 185 34.64 -8.54 -3.99
C ARG B 185 34.54 -9.85 -4.74
N SER B 186 34.67 -9.82 -6.07
CA SER B 186 34.65 -11.06 -6.86
C SER B 186 35.88 -11.96 -6.63
N ALA B 187 35.64 -13.26 -6.46
CA ALA B 187 36.76 -14.15 -6.25
C ALA B 187 36.45 -15.54 -6.69
N ILE B 188 37.51 -16.31 -6.93
CA ILE B 188 37.41 -17.74 -7.21
C ILE B 188 38.52 -18.46 -6.41
N THR B 189 38.19 -19.60 -5.82
CA THR B 189 39.23 -20.47 -5.24
C THR B 189 39.35 -21.74 -6.07
N VAL B 190 40.57 -22.04 -6.53
CA VAL B 190 40.81 -23.19 -7.39
C VAL B 190 41.50 -24.33 -6.67
N PHE B 191 40.76 -25.42 -6.50
CA PHE B 191 41.29 -26.62 -5.86
C PHE B 191 42.01 -27.50 -6.88
N PRO B 192 42.66 -28.60 -6.42
CA PRO B 192 43.47 -29.39 -7.36
C PRO B 192 42.68 -29.93 -8.55
N GLN B 193 43.32 -29.91 -9.73
CA GLN B 193 42.72 -30.43 -10.94
C GLN B 193 42.47 -31.93 -10.90
N ARG B 194 41.49 -32.36 -11.69
CA ARG B 194 41.27 -33.76 -11.95
C ARG B 194 42.58 -34.32 -12.46
N CYS B 195 42.94 -35.52 -12.00
N CYS B 195 42.92 -35.52 -12.01
CA CYS B 195 44.22 -36.10 -12.32
CA CYS B 195 44.20 -36.11 -12.36
C CYS B 195 44.16 -37.63 -12.30
C CYS B 195 44.08 -37.63 -12.37
N PRO B 196 44.87 -38.28 -13.23
CA PRO B 196 44.90 -39.74 -13.32
C PRO B 196 45.36 -40.40 -12.02
N GLY B 197 44.60 -41.38 -11.56
CA GLY B 197 44.98 -42.19 -10.41
C GLY B 197 44.24 -41.84 -9.14
N ARG B 198 43.67 -40.64 -9.10
CA ARG B 198 43.06 -40.15 -7.89
C ARG B 198 41.66 -39.61 -8.19
N GLY B 199 40.77 -39.65 -7.21
CA GLY B 199 39.43 -39.11 -7.38
C GLY B 199 39.41 -37.59 -7.35
N ASP B 200 38.23 -37.02 -7.51
CA ASP B 200 38.07 -35.57 -7.61
C ASP B 200 37.86 -34.89 -6.26
N PHE B 201 38.40 -33.70 -6.11
CA PHE B 201 37.84 -32.76 -5.14
C PHE B 201 36.45 -32.33 -5.65
N ARG B 202 35.44 -32.41 -4.79
CA ARG B 202 34.11 -31.88 -5.11
C ARG B 202 33.50 -31.18 -3.91
N ILE B 203 32.87 -30.05 -4.18
CA ILE B 203 31.93 -29.46 -3.23
C ILE B 203 30.53 -29.95 -3.62
N TRP B 204 29.85 -30.65 -2.71
CA TRP B 204 28.53 -31.22 -3.05
C TRP B 204 27.42 -30.15 -3.18
N ASN B 205 27.47 -29.14 -2.32
CA ASN B 205 26.54 -27.99 -2.35
C ASN B 205 26.64 -27.23 -3.65
N SER B 206 25.49 -26.85 -4.21
CA SER B 206 25.48 -26.04 -5.43
C SER B 206 25.97 -24.60 -5.23
N GLN B 207 25.76 -24.03 -4.04
CA GLN B 207 26.35 -22.74 -3.68
C GLN B 207 26.95 -22.86 -2.29
N LEU B 208 27.90 -22.00 -1.95
CA LEU B 208 28.47 -22.01 -0.59
C LEU B 208 27.42 -21.68 0.46
N VAL B 209 26.53 -20.75 0.15
CA VAL B 209 25.42 -20.45 1.05
C VAL B 209 24.09 -20.87 0.44
N ARG B 210 23.39 -21.75 1.15
CA ARG B 210 22.05 -22.16 0.75
C ARG B 210 21.20 -22.37 1.97
N TYR B 211 19.90 -22.12 1.81
CA TYR B 211 18.94 -22.42 2.87
C TYR B 211 18.36 -23.80 2.73
N ALA B 212 18.22 -24.49 3.86
CA ALA B 212 17.62 -25.82 3.90
C ALA B 212 16.24 -25.87 3.26
N GLY B 213 15.87 -27.05 2.77
CA GLY B 213 14.53 -27.28 2.25
C GLY B 213 13.98 -28.57 2.80
N TYR B 214 13.07 -28.45 3.78
CA TYR B 214 12.51 -29.59 4.48
C TYR B 214 11.14 -30.01 3.94
N ARG B 215 10.98 -31.28 3.59
CA ARG B 215 9.67 -31.83 3.21
C ARG B 215 8.69 -31.81 4.39
N GLN B 216 7.40 -31.86 4.11
CA GLN B 216 6.41 -31.67 5.17
C GLN B 216 5.33 -32.74 5.22
N GLN B 217 4.36 -32.52 6.10
CA GLN B 217 3.18 -33.37 6.25
C GLN B 217 2.17 -33.07 5.14
N ASP B 218 2.15 -31.82 4.68
CA ASP B 218 1.31 -31.40 3.58
C ASP B 218 1.86 -31.94 2.26
N GLY B 219 2.99 -32.64 2.33
CA GLY B 219 3.76 -32.97 1.15
C GLY B 219 4.52 -31.72 0.71
N SER B 220 4.39 -30.68 1.52
CA SER B 220 4.92 -29.35 1.19
C SER B 220 6.41 -29.25 1.53
N VAL B 221 6.98 -28.08 1.27
CA VAL B 221 8.38 -27.84 1.58
C VAL B 221 8.48 -26.61 2.45
N ARG B 222 9.25 -26.73 3.53
CA ARG B 222 9.54 -25.59 4.39
C ARG B 222 10.98 -25.16 4.15
N GLY B 223 11.15 -23.92 3.70
CA GLY B 223 12.45 -23.44 3.29
C GLY B 223 12.55 -23.31 1.79
N ASP B 224 13.75 -23.50 1.25
CA ASP B 224 13.95 -23.36 -0.19
C ASP B 224 13.77 -24.72 -0.87
N PRO B 225 12.74 -24.84 -1.73
CA PRO B 225 12.46 -26.10 -2.44
C PRO B 225 13.57 -26.51 -3.41
N ALA B 226 14.35 -25.57 -3.91
CA ALA B 226 15.46 -25.91 -4.78
C ALA B 226 16.53 -26.79 -4.06
N ASN B 227 16.48 -26.86 -2.73
CA ASN B 227 17.57 -27.45 -1.93
C ASN B 227 17.14 -28.68 -1.11
N VAL B 228 16.04 -29.28 -1.49
CA VAL B 228 15.56 -30.47 -0.80
C VAL B 228 16.58 -31.62 -0.85
N GLU B 229 17.17 -31.83 -2.02
CA GLU B 229 18.07 -32.95 -2.26
C GLU B 229 19.34 -32.80 -1.41
N ILE B 230 19.99 -31.65 -1.52
CA ILE B 230 21.20 -31.40 -0.74
C ILE B 230 20.88 -31.43 0.76
N THR B 231 19.72 -30.91 1.13
CA THR B 231 19.29 -30.93 2.52
C THR B 231 19.20 -32.35 3.04
N GLU B 232 18.57 -33.24 2.27
CA GLU B 232 18.45 -34.66 2.63
C GLU B 232 19.81 -35.33 2.79
N LEU B 233 20.71 -35.04 1.86
CA LEU B 233 22.06 -35.58 1.89
C LEU B 233 22.78 -35.19 3.17
N CYS B 234 22.68 -33.91 3.51
CA CYS B 234 23.30 -33.37 4.71
C CYS B 234 22.81 -34.11 5.95
N ILE B 235 21.51 -34.35 6.00
CA ILE B 235 20.88 -34.98 7.15
C ILE B 235 21.37 -36.41 7.36
N GLN B 236 21.46 -37.13 6.25
CA GLN B 236 21.85 -38.52 6.29
C GLN B 236 23.37 -38.65 6.38
N HIS B 237 24.07 -37.52 6.33
CA HIS B 237 25.50 -37.48 6.62
C HIS B 237 25.75 -36.84 7.98
N GLY B 238 24.76 -36.96 8.87
CA GLY B 238 24.94 -36.60 10.25
C GLY B 238 24.42 -35.23 10.68
N TRP B 239 23.90 -34.45 9.75
CA TRP B 239 23.47 -33.10 10.11
C TRP B 239 22.21 -33.11 10.95
N THR B 240 22.22 -32.29 12.00
CA THR B 240 21.03 -32.06 12.81
C THR B 240 20.23 -30.93 12.19
N PRO B 241 19.10 -31.29 11.55
CA PRO B 241 18.36 -30.31 10.76
C PRO B 241 17.62 -29.31 11.62
N GLY B 242 17.37 -28.13 11.06
CA GLY B 242 16.58 -27.13 11.75
C GLY B 242 15.12 -27.28 11.39
N ASN B 243 14.34 -26.22 11.60
CA ASN B 243 12.93 -26.25 11.25
C ASN B 243 12.43 -24.89 10.79
N GLY B 244 13.36 -24.02 10.44
CA GLY B 244 13.03 -22.71 9.90
C GLY B 244 13.03 -22.68 8.37
N ARG B 245 12.67 -21.51 7.83
CA ARG B 245 12.62 -21.29 6.39
C ARG B 245 13.93 -20.75 5.82
N PHE B 246 14.82 -20.34 6.71
CA PHE B 246 16.07 -19.75 6.27
C PHE B 246 17.28 -20.32 7.03
N ASP B 247 17.26 -21.63 7.24
CA ASP B 247 18.38 -22.32 7.90
C ASP B 247 19.54 -22.55 6.92
N VAL B 248 20.70 -21.96 7.21
CA VAL B 248 21.87 -22.10 6.34
C VAL B 248 22.42 -23.53 6.38
N LEU B 249 22.60 -24.14 5.21
CA LEU B 249 23.09 -25.52 5.14
C LEU B 249 24.57 -25.69 5.50
N PRO B 250 24.94 -26.87 6.02
CA PRO B 250 26.38 -27.09 6.19
C PRO B 250 26.99 -27.47 4.85
N LEU B 251 28.31 -27.42 4.76
CA LEU B 251 29.02 -27.86 3.56
C LEU B 251 29.32 -29.36 3.57
N LEU B 252 29.10 -29.98 2.42
CA LEU B 252 29.51 -31.37 2.20
C LEU B 252 30.70 -31.36 1.26
N LEU B 253 31.87 -31.71 1.78
CA LEU B 253 33.12 -31.52 1.05
C LEU B 253 33.82 -32.85 0.82
N GLN B 254 34.17 -33.11 -0.43
CA GLN B 254 34.72 -34.40 -0.86
C GLN B 254 36.19 -34.25 -1.26
N ALA B 255 37.06 -34.88 -0.47
CA ALA B 255 38.46 -35.08 -0.82
C ALA B 255 38.55 -36.34 -1.70
N PRO B 256 39.60 -36.43 -2.55
CA PRO B 256 39.73 -37.58 -3.45
C PRO B 256 39.57 -38.92 -2.75
N ASP B 257 38.71 -39.77 -3.32
CA ASP B 257 38.52 -41.16 -2.88
C ASP B 257 38.14 -41.24 -1.40
N GLU B 258 37.41 -40.22 -0.97
CA GLU B 258 36.90 -40.11 0.39
C GLU B 258 35.39 -39.87 0.32
N PRO B 259 34.64 -40.34 1.32
CA PRO B 259 33.23 -39.91 1.42
C PRO B 259 33.15 -38.41 1.72
N PRO B 260 32.02 -37.76 1.41
CA PRO B 260 31.96 -36.35 1.75
C PRO B 260 31.92 -36.14 3.25
N GLU B 261 32.49 -35.02 3.69
CA GLU B 261 32.56 -34.70 5.10
C GLU B 261 31.76 -33.43 5.35
N LEU B 262 30.99 -33.45 6.43
CA LEU B 262 30.12 -32.35 6.79
C LEU B 262 30.89 -31.28 7.54
N PHE B 263 30.75 -30.03 7.12
CA PHE B 263 31.33 -28.90 7.85
C PHE B 263 30.29 -27.79 8.03
N LEU B 264 30.15 -27.31 9.27
CA LEU B 264 29.26 -26.18 9.56
C LEU B 264 29.97 -24.86 9.29
N LEU B 265 29.26 -23.91 8.66
CA LEU B 265 29.80 -22.57 8.46
C LEU B 265 29.64 -21.78 9.74
N PRO B 266 30.72 -21.09 10.17
CA PRO B 266 30.53 -20.19 11.32
C PRO B 266 29.46 -19.17 11.01
N PRO B 267 28.46 -19.06 11.89
CA PRO B 267 27.33 -18.14 11.71
C PRO B 267 27.79 -16.74 11.29
N GLU B 268 28.83 -16.22 11.94
CA GLU B 268 29.31 -14.88 11.67
C GLU B 268 30.11 -14.77 10.38
N LEU B 269 30.37 -15.89 9.71
CA LEU B 269 30.98 -15.84 8.40
C LEU B 269 29.93 -15.60 7.31
N VAL B 270 28.67 -15.95 7.62
CA VAL B 270 27.61 -15.90 6.61
C VAL B 270 26.79 -14.61 6.79
N LEU B 271 27.14 -13.57 6.04
CA LEU B 271 26.42 -12.30 6.12
C LEU B 271 25.04 -12.41 5.48
N GLU B 272 24.02 -11.99 6.24
CA GLU B 272 22.64 -12.03 5.76
C GLU B 272 22.01 -10.66 5.81
N VAL B 273 20.92 -10.50 5.07
CA VAL B 273 20.15 -9.25 5.01
C VAL B 273 18.68 -9.52 5.28
N PRO B 274 18.16 -9.08 6.44
CA PRO B 274 16.71 -9.21 6.63
C PRO B 274 16.03 -8.29 5.63
N LEU B 275 14.90 -8.71 5.06
CA LEU B 275 14.25 -7.92 4.02
C LEU B 275 13.15 -7.04 4.60
N GLU B 276 13.21 -5.76 4.24
CA GLU B 276 12.14 -4.84 4.61
C GLU B 276 11.82 -3.96 3.42
N HIS B 277 10.67 -3.29 3.47
CA HIS B 277 10.28 -2.43 2.36
C HIS B 277 10.21 -0.99 2.86
N PRO B 278 10.79 -0.04 2.10
CA PRO B 278 10.92 1.39 2.45
C PRO B 278 9.60 2.06 2.83
N THR B 279 8.51 1.63 2.22
CA THR B 279 7.22 2.20 2.58
C THR B 279 6.20 1.14 2.97
N LEU B 280 6.45 -0.16 2.85
CA LEU B 280 5.39 -1.07 3.31
C LEU B 280 5.85 -1.74 4.59
N GLU B 281 5.46 -1.21 5.74
CA GLU B 281 6.10 -1.62 6.99
C GLU B 281 5.69 -3.02 7.40
N TRP B 282 4.58 -3.52 6.87
CA TRP B 282 4.15 -4.87 7.22
C TRP B 282 5.08 -5.90 6.57
N PHE B 283 5.81 -5.47 5.54
CA PHE B 283 6.69 -6.38 4.80
C PHE B 283 7.72 -7.04 5.71
N ALA B 284 8.24 -6.25 6.64
CA ALA B 284 9.27 -6.72 7.54
C ALA B 284 8.77 -7.90 8.37
N ALA B 285 7.46 -7.95 8.59
CA ALA B 285 6.88 -8.99 9.44
C ALA B 285 6.71 -10.32 8.69
N LEU B 286 7.03 -10.33 7.40
CA LEU B 286 7.04 -11.60 6.65
C LEU B 286 8.25 -12.44 7.09
N GLY B 287 9.26 -11.79 7.66
CA GLY B 287 10.40 -12.48 8.21
C GLY B 287 11.33 -13.01 7.14
N LEU B 288 11.32 -12.38 5.98
CA LEU B 288 12.15 -12.82 4.88
C LEU B 288 13.57 -12.30 5.05
N ARG B 289 14.53 -13.11 4.59
CA ARG B 289 15.94 -12.78 4.61
C ARG B 289 16.58 -13.30 3.33
N TRP B 290 17.74 -12.76 2.98
CA TRP B 290 18.59 -13.46 2.02
C TRP B 290 20.04 -13.21 2.38
N TYR B 291 20.95 -14.01 1.80
CA TYR B 291 22.38 -13.90 2.13
C TYR B 291 23.08 -12.95 1.15
N ALA B 292 24.21 -12.41 1.59
CA ALA B 292 25.00 -11.47 0.80
C ALA B 292 25.72 -12.08 -0.40
N LEU B 293 26.33 -13.24 -0.20
CA LEU B 293 27.33 -13.76 -1.12
C LEU B 293 26.76 -14.82 -2.07
N PRO B 294 26.61 -14.49 -3.37
CA PRO B 294 26.25 -15.59 -4.28
C PRO B 294 27.52 -16.34 -4.69
N ALA B 295 27.69 -17.57 -4.22
CA ALA B 295 28.94 -18.31 -4.50
C ALA B 295 28.67 -19.66 -5.12
N VAL B 296 28.84 -19.73 -6.44
CA VAL B 296 28.51 -20.96 -7.14
C VAL B 296 29.65 -21.97 -6.99
N SER B 297 29.32 -23.17 -6.55
CA SER B 297 30.37 -24.09 -6.12
C SER B 297 30.32 -25.50 -6.75
N ASN B 298 29.43 -25.71 -7.70
CA ASN B 298 29.29 -27.06 -8.27
C ASN B 298 29.60 -27.12 -9.75
N MET B 299 30.20 -26.07 -10.29
CA MET B 299 30.57 -26.03 -11.70
C MET B 299 32.02 -26.43 -11.90
N LEU B 300 32.33 -26.95 -13.09
CA LEU B 300 33.68 -27.36 -13.43
C LEU B 300 34.40 -26.26 -14.21
N LEU B 301 35.60 -25.92 -13.77
CA LEU B 301 36.39 -24.92 -14.48
C LEU B 301 37.34 -25.65 -15.39
N GLU B 302 37.28 -25.32 -16.67
CA GLU B 302 38.14 -25.96 -17.66
C GLU B 302 39.11 -24.96 -18.24
N ILE B 303 40.40 -25.28 -18.16
CA ILE B 303 41.44 -24.39 -18.66
C ILE B 303 42.45 -25.25 -19.44
N GLY B 304 42.64 -24.93 -20.71
CA GLY B 304 43.60 -25.63 -21.56
C GLY B 304 43.51 -27.14 -21.51
N GLY B 305 42.29 -27.67 -21.44
CA GLY B 305 42.08 -29.10 -21.36
C GLY B 305 42.17 -29.68 -19.96
N LEU B 306 42.64 -28.89 -19.00
CA LEU B 306 42.68 -29.37 -17.62
C LEU B 306 41.34 -29.10 -16.97
N GLU B 307 40.94 -30.00 -16.07
CA GLU B 307 39.60 -29.87 -15.49
C GLU B 307 39.69 -29.70 -13.99
N PHE B 308 39.07 -28.63 -13.49
CA PHE B 308 39.00 -28.35 -12.07
C PHE B 308 37.56 -28.51 -11.56
N PRO B 309 37.21 -29.74 -11.10
CA PRO B 309 35.85 -30.06 -10.62
C PRO B 309 35.41 -29.28 -9.40
N ALA B 310 36.38 -28.72 -8.69
CA ALA B 310 36.07 -27.89 -7.52
C ALA B 310 36.75 -26.54 -7.63
N ALA B 311 35.98 -25.52 -7.98
CA ALA B 311 36.53 -24.19 -8.04
C ALA B 311 35.42 -23.16 -7.83
N PRO B 312 35.01 -22.98 -6.56
CA PRO B 312 33.86 -22.10 -6.25
C PRO B 312 34.17 -20.68 -6.61
N PHE B 313 33.23 -19.98 -7.22
CA PHE B 313 33.42 -18.56 -7.52
C PHE B 313 32.24 -17.71 -7.00
N SER B 314 32.51 -16.44 -6.73
CA SER B 314 31.49 -15.59 -6.14
C SER B 314 31.59 -14.17 -6.68
N GLY B 315 30.43 -13.48 -6.74
CA GLY B 315 30.38 -12.10 -7.20
C GLY B 315 29.52 -11.33 -6.23
N TRP B 316 28.60 -10.53 -6.76
CA TRP B 316 27.54 -9.97 -5.92
C TRP B 316 26.22 -10.09 -6.70
N TYR B 317 25.10 -10.05 -5.98
CA TYR B 317 23.79 -10.28 -6.57
C TYR B 317 23.27 -9.14 -7.46
N MET B 318 22.57 -9.53 -8.51
CA MET B 318 21.64 -8.63 -9.19
C MET B 318 20.28 -8.80 -8.52
N SER B 319 19.61 -7.70 -8.17
CA SER B 319 18.42 -7.80 -7.31
C SER B 319 17.30 -8.71 -7.81
N THR B 320 17.16 -8.86 -9.13
CA THR B 320 16.12 -9.73 -9.64
C THR B 320 16.32 -11.20 -9.31
N GLU B 321 17.56 -11.65 -9.14
CA GLU B 321 17.76 -13.08 -8.80
C GLU B 321 17.06 -13.40 -7.50
N ILE B 322 17.18 -12.48 -6.56
CA ILE B 322 16.56 -12.64 -5.26
C ILE B 322 15.07 -12.30 -5.29
N GLY B 323 14.74 -11.07 -5.68
CA GLY B 323 13.37 -10.60 -5.61
C GLY B 323 12.44 -11.37 -6.53
N THR B 324 12.81 -11.46 -7.80
CA THR B 324 11.95 -12.17 -8.74
C THR B 324 12.13 -13.70 -8.67
N ARG B 325 13.32 -14.21 -8.92
CA ARG B 325 13.41 -15.65 -9.07
C ARG B 325 13.37 -16.37 -7.73
N ASN B 326 14.25 -16.02 -6.78
CA ASN B 326 14.32 -16.84 -5.58
C ASN B 326 13.06 -16.70 -4.74
N LEU B 327 12.53 -15.49 -4.64
CA LEU B 327 11.36 -15.29 -3.80
C LEU B 327 10.03 -15.54 -4.54
N CYS B 328 9.95 -15.23 -5.83
CA CYS B 328 8.66 -15.32 -6.52
C CYS B 328 8.38 -16.55 -7.44
N ASP B 329 9.40 -17.25 -7.94
CA ASP B 329 9.15 -18.50 -8.69
C ASP B 329 8.16 -19.37 -7.93
N PRO B 330 7.17 -19.93 -8.64
CA PRO B 330 6.19 -20.79 -7.97
C PRO B 330 6.88 -21.99 -7.32
N HIS B 331 8.03 -22.39 -7.85
CA HIS B 331 8.69 -23.59 -7.35
C HIS B 331 9.82 -23.22 -6.39
N ARG B 332 9.90 -21.95 -6.04
CA ARG B 332 10.82 -21.50 -4.98
C ARG B 332 10.04 -21.02 -3.76
N TYR B 333 10.38 -19.86 -3.20
CA TYR B 333 9.68 -19.42 -1.99
C TYR B 333 8.23 -19.00 -2.29
N ASN B 334 7.95 -18.61 -3.53
CA ASN B 334 6.56 -18.46 -4.00
C ASN B 334 5.73 -17.51 -3.12
N ILE B 335 6.26 -16.32 -2.84
CA ILE B 335 5.59 -15.41 -1.88
C ILE B 335 4.66 -14.42 -2.58
N LEU B 336 4.62 -14.47 -3.90
CA LEU B 336 3.95 -13.44 -4.70
C LEU B 336 2.50 -13.18 -4.26
N GLU B 337 1.72 -14.25 -4.14
CA GLU B 337 0.31 -14.08 -3.81
C GLU B 337 0.15 -13.50 -2.41
N ASP B 338 0.92 -14.00 -1.45
CA ASP B 338 0.79 -13.54 -0.07
C ASP B 338 1.16 -12.04 0.05
N VAL B 339 2.15 -11.62 -0.71
CA VAL B 339 2.51 -10.21 -0.81
C VAL B 339 1.39 -9.37 -1.45
N ALA B 340 0.81 -9.88 -2.54
CA ALA B 340 -0.27 -9.15 -3.24
C ALA B 340 -1.51 -8.96 -2.37
N VAL B 341 -1.86 -9.99 -1.62
CA VAL B 341 -3.00 -9.92 -0.71
C VAL B 341 -2.75 -8.86 0.34
N CYS B 342 -1.55 -8.90 0.93
CA CYS B 342 -1.16 -7.89 1.88
C CYS B 342 -1.19 -6.48 1.28
N MET B 343 -0.86 -6.36 0.00
CA MET B 343 -0.91 -5.06 -0.69
C MET B 343 -2.35 -4.64 -0.99
N ASP B 344 -3.28 -5.53 -0.65
CA ASP B 344 -4.69 -5.38 -0.96
C ASP B 344 -4.92 -5.22 -2.45
N LEU B 345 -4.09 -5.86 -3.26
CA LEU B 345 -4.40 -5.93 -4.69
C LEU B 345 -5.56 -6.88 -4.93
N ASP B 346 -6.25 -6.68 -6.04
CA ASP B 346 -7.33 -7.57 -6.47
C ASP B 346 -6.75 -8.80 -7.14
N THR B 347 -6.67 -9.90 -6.40
CA THR B 347 -6.08 -11.12 -6.91
C THR B 347 -7.09 -12.05 -7.58
N ARG B 348 -8.33 -11.59 -7.73
CA ARG B 348 -9.36 -12.41 -8.35
C ARG B 348 -9.13 -12.54 -9.85
N THR B 349 -8.56 -11.50 -10.44
CA THR B 349 -8.44 -11.39 -11.89
C THR B 349 -7.01 -11.03 -12.33
N THR B 350 -6.59 -11.53 -13.49
CA THR B 350 -5.21 -11.32 -13.91
C THR B 350 -5.01 -9.92 -14.47
N SER B 351 -6.09 -9.35 -15.03
CA SER B 351 -6.00 -8.08 -15.74
C SER B 351 -5.72 -6.87 -14.84
N SER B 352 -5.88 -7.02 -13.53
CA SER B 352 -5.45 -5.98 -12.59
C SER B 352 -3.92 -5.90 -12.44
N LEU B 353 -3.22 -6.92 -12.98
CA LEU B 353 -1.76 -7.02 -12.94
C LEU B 353 -1.22 -7.04 -11.52
N TRP B 354 -1.95 -7.71 -10.63
CA TRP B 354 -1.49 -7.86 -9.26
C TRP B 354 -0.13 -8.55 -9.17
N LYS B 355 0.13 -9.51 -10.06
CA LYS B 355 1.41 -10.21 -10.03
C LYS B 355 2.54 -9.25 -10.31
N ASP B 356 2.39 -8.46 -11.35
CA ASP B 356 3.41 -7.49 -11.75
C ASP B 356 3.65 -6.44 -10.65
N LYS B 357 2.58 -5.91 -10.08
CA LYS B 357 2.69 -4.93 -9.01
C LYS B 357 3.39 -5.47 -7.75
N ALA B 358 2.99 -6.66 -7.29
CA ALA B 358 3.64 -7.26 -6.12
C ALA B 358 5.12 -7.56 -6.35
N ALA B 359 5.46 -8.10 -7.51
CA ALA B 359 6.85 -8.42 -7.81
C ALA B 359 7.70 -7.17 -7.86
N VAL B 360 7.13 -6.07 -8.33
CA VAL B 360 7.92 -4.86 -8.38
C VAL B 360 8.29 -4.41 -6.96
N GLU B 361 7.33 -4.51 -6.05
CA GLU B 361 7.58 -4.07 -4.69
C GLU B 361 8.51 -5.03 -3.98
N ILE B 362 8.44 -6.32 -4.33
CA ILE B 362 9.35 -7.29 -3.72
C ILE B 362 10.79 -6.94 -4.12
N ASN B 363 10.98 -6.58 -5.38
CA ASN B 363 12.31 -6.16 -5.82
C ASN B 363 12.78 -4.85 -5.18
N VAL B 364 11.87 -3.88 -5.05
CA VAL B 364 12.19 -2.64 -4.34
C VAL B 364 12.69 -2.98 -2.94
N ALA B 365 11.97 -3.88 -2.28
CA ALA B 365 12.31 -4.31 -0.93
C ALA B 365 13.72 -4.87 -0.85
N VAL B 366 14.08 -5.67 -1.84
CA VAL B 366 15.39 -6.30 -1.86
C VAL B 366 16.48 -5.24 -2.02
N LEU B 367 16.27 -4.32 -2.95
CA LEU B 367 17.23 -3.25 -3.20
C LEU B 367 17.40 -2.36 -1.96
N HIS B 368 16.26 -1.94 -1.40
CA HIS B 368 16.25 -1.10 -0.21
C HIS B 368 17.02 -1.76 0.93
N SER B 369 16.73 -3.05 1.12
CA SER B 369 17.26 -3.77 2.27
C SER B 369 18.78 -3.92 2.17
N TYR B 370 19.27 -4.28 0.99
CA TYR B 370 20.69 -4.46 0.79
C TYR B 370 21.44 -3.13 0.90
N GLN B 371 20.87 -2.08 0.32
CA GLN B 371 21.49 -0.76 0.42
C GLN B 371 21.54 -0.29 1.87
N LEU B 372 20.44 -0.51 2.60
CA LEU B 372 20.35 -0.20 4.02
C LEU B 372 21.42 -0.94 4.81
N ALA B 373 21.56 -2.23 4.52
CA ALA B 373 22.52 -3.10 5.18
C ALA B 373 23.95 -2.89 4.68
N LYS B 374 24.11 -1.99 3.70
CA LYS B 374 25.45 -1.69 3.14
C LYS B 374 26.11 -2.92 2.53
N VAL B 375 25.30 -3.76 1.88
CA VAL B 375 25.76 -4.93 1.15
C VAL B 375 25.61 -4.69 -0.34
N THR B 376 26.69 -4.89 -1.10
CA THR B 376 26.69 -4.66 -2.54
C THR B 376 25.54 -5.33 -3.26
N ILE B 377 24.89 -4.59 -4.14
CA ILE B 377 23.82 -5.09 -4.96
C ILE B 377 23.70 -4.19 -6.20
N VAL B 378 23.29 -4.79 -7.32
CA VAL B 378 23.05 -4.03 -8.54
C VAL B 378 21.63 -4.34 -9.04
N ASP B 379 20.91 -3.31 -9.48
CA ASP B 379 19.57 -3.54 -10.00
C ASP B 379 19.65 -3.92 -11.49
N HIS B 380 18.59 -4.50 -12.04
CA HIS B 380 18.65 -5.00 -13.42
C HIS B 380 18.86 -3.92 -14.49
N HIS B 381 18.53 -2.66 -14.17
CA HIS B 381 18.78 -1.57 -15.10
C HIS B 381 20.26 -1.19 -15.20
N ALA B 382 20.91 -0.97 -14.06
CA ALA B 382 22.35 -0.69 -14.07
C ALA B 382 23.11 -1.90 -14.64
N ALA B 383 22.72 -3.09 -14.24
CA ALA B 383 23.48 -4.26 -14.67
C ALA B 383 23.39 -4.43 -16.19
N THR B 384 22.19 -4.32 -16.75
CA THR B 384 22.06 -4.52 -18.19
C THR B 384 22.74 -3.39 -18.93
N ALA B 385 22.74 -2.20 -18.32
CA ALA B 385 23.40 -1.06 -18.94
C ALA B 385 24.89 -1.29 -19.01
N SER B 386 25.44 -1.89 -17.97
CA SER B 386 26.87 -2.12 -17.97
C SER B 386 27.20 -3.29 -18.90
N PHE B 387 26.27 -4.25 -19.02
CA PHE B 387 26.52 -5.35 -19.95
C PHE B 387 26.59 -4.86 -21.39
N MET B 388 25.83 -3.82 -21.72
CA MET B 388 25.89 -3.22 -23.05
C MET B 388 27.28 -2.64 -23.31
N LYS B 389 27.84 -1.98 -22.29
CA LYS B 389 29.20 -1.45 -22.39
C LYS B 389 30.21 -2.59 -22.59
N HIS B 390 29.99 -3.72 -21.91
CA HIS B 390 30.83 -4.91 -22.07
C HIS B 390 30.79 -5.42 -23.51
N LEU B 391 29.58 -5.47 -24.06
CA LEU B 391 29.39 -5.91 -25.45
C LEU B 391 30.19 -5.03 -26.38
N GLU B 392 30.18 -3.73 -26.11
CA GLU B 392 30.95 -2.77 -26.91
C GLU B 392 32.45 -2.94 -26.67
N ASN B 393 32.86 -3.14 -25.42
CA ASN B 393 34.26 -3.41 -25.16
C ASN B 393 34.68 -4.65 -25.92
N GLU B 394 33.88 -5.71 -25.79
CA GLU B 394 34.25 -7.01 -26.33
C GLU B 394 34.29 -7.02 -27.85
N GLN B 395 33.47 -6.19 -28.50
CA GLN B 395 33.49 -6.12 -29.95
C GLN B 395 34.82 -5.54 -30.41
N LYS B 396 35.27 -4.48 -29.74
CA LYS B 396 36.56 -3.88 -30.06
C LYS B 396 37.70 -4.86 -29.79
N ALA B 397 37.58 -5.58 -28.69
CA ALA B 397 38.64 -6.47 -28.21
C ALA B 397 38.78 -7.77 -29.00
N ARG B 398 37.67 -8.50 -29.16
CA ARG B 398 37.74 -9.86 -29.70
C ARG B 398 36.90 -10.08 -30.95
N GLY B 399 36.20 -9.03 -31.39
CA GLY B 399 35.34 -9.14 -32.55
C GLY B 399 34.05 -9.87 -32.21
N GLY B 400 33.52 -9.58 -31.03
CA GLY B 400 32.29 -10.20 -30.59
C GLY B 400 32.29 -10.64 -29.15
N CYS B 401 31.19 -11.29 -28.76
CA CYS B 401 30.99 -11.70 -27.38
C CYS B 401 29.86 -12.73 -27.28
N PRO B 402 30.19 -13.95 -26.85
CA PRO B 402 29.18 -14.99 -26.60
C PRO B 402 28.14 -14.58 -25.56
N ALA B 403 26.87 -14.61 -25.93
CA ALA B 403 25.81 -14.20 -25.00
C ALA B 403 24.50 -14.96 -25.23
N ASP B 404 23.91 -15.40 -24.13
CA ASP B 404 22.66 -16.14 -24.12
C ASP B 404 21.49 -15.20 -23.78
N TRP B 405 20.84 -14.69 -24.83
CA TRP B 405 19.78 -13.68 -24.72
C TRP B 405 18.81 -13.97 -23.60
N ALA B 406 18.33 -15.20 -23.54
CA ALA B 406 17.31 -15.59 -22.57
C ALA B 406 17.79 -15.55 -21.13
N TRP B 407 19.10 -15.61 -20.91
CA TRP B 407 19.62 -15.55 -19.55
C TRP B 407 20.05 -14.14 -19.20
N ILE B 408 20.44 -13.38 -20.21
CA ILE B 408 20.91 -12.01 -20.07
C ILE B 408 19.73 -11.06 -19.83
N VAL B 409 18.63 -11.24 -20.56
CA VAL B 409 17.42 -10.44 -20.31
C VAL B 409 16.83 -10.79 -18.95
N PRO B 410 16.67 -9.79 -18.06
CA PRO B 410 16.12 -10.03 -16.72
C PRO B 410 14.71 -10.57 -16.71
N PRO B 411 14.37 -11.36 -15.67
CA PRO B 411 13.05 -12.00 -15.53
C PRO B 411 11.87 -11.04 -15.29
N ILE B 412 12.11 -9.78 -14.95
CA ILE B 412 11.05 -8.75 -15.02
C ILE B 412 11.52 -7.63 -15.91
N SER B 413 10.57 -6.90 -16.49
CA SER B 413 10.86 -5.66 -17.22
C SER B 413 11.88 -5.79 -18.35
N GLY B 414 11.85 -6.94 -19.04
CA GLY B 414 12.80 -7.25 -20.09
C GLY B 414 13.05 -6.16 -21.11
N SER B 415 12.00 -5.69 -21.80
CA SER B 415 12.18 -4.71 -22.86
C SER B 415 12.39 -3.29 -22.34
N LEU B 416 12.32 -3.12 -21.03
CA LEU B 416 12.68 -1.84 -20.43
C LEU B 416 14.20 -1.77 -20.28
N THR B 417 14.88 -2.90 -20.46
CA THR B 417 16.35 -2.92 -20.37
C THR B 417 16.91 -2.92 -21.78
N PRO B 418 18.13 -2.38 -21.95
CA PRO B 418 18.69 -2.27 -23.30
C PRO B 418 19.12 -3.62 -23.91
N VAL B 419 19.33 -4.66 -23.10
CA VAL B 419 19.78 -5.93 -23.67
C VAL B 419 18.66 -6.65 -24.44
N PHE B 420 17.42 -6.34 -24.11
CA PHE B 420 16.28 -6.94 -24.79
C PHE B 420 16.33 -6.71 -26.30
N HIS B 421 16.73 -5.49 -26.69
CA HIS B 421 16.62 -5.06 -28.08
C HIS B 421 17.89 -5.35 -28.84
N GLN B 422 18.80 -6.04 -28.16
CA GLN B 422 20.09 -6.41 -28.73
C GLN B 422 20.09 -7.88 -29.14
N GLU B 423 20.31 -8.13 -30.44
CA GLU B 423 20.49 -9.49 -30.90
C GLU B 423 21.82 -10.02 -30.35
N MET B 424 21.88 -11.33 -30.12
CA MET B 424 23.09 -11.95 -29.59
C MET B 424 23.39 -13.30 -30.23
N VAL B 425 24.68 -13.65 -30.24
CA VAL B 425 25.15 -14.95 -30.75
C VAL B 425 25.62 -15.80 -29.58
N ASN B 426 24.96 -16.93 -29.36
CA ASN B 426 25.41 -17.83 -28.30
C ASN B 426 26.38 -18.89 -28.82
N TYR B 427 27.50 -19.08 -28.13
CA TYR B 427 28.47 -20.12 -28.45
C TYR B 427 29.44 -20.36 -27.29
N PHE B 428 30.18 -21.46 -27.38
CA PHE B 428 31.09 -21.91 -26.32
C PHE B 428 32.55 -21.62 -26.62
N LEU B 429 33.17 -20.78 -25.81
CA LEU B 429 34.62 -20.55 -25.85
C LEU B 429 35.30 -21.17 -24.64
N SER B 430 36.57 -21.53 -24.79
CA SER B 430 37.35 -22.07 -23.69
C SER B 430 38.54 -21.15 -23.46
N PRO B 431 38.95 -20.94 -22.19
CA PRO B 431 38.47 -21.44 -20.90
C PRO B 431 36.99 -21.20 -20.62
N ALA B 432 36.45 -22.05 -19.76
CA ALA B 432 35.01 -22.04 -19.56
C ALA B 432 34.60 -22.65 -18.24
N PHE B 433 33.46 -22.19 -17.73
CA PHE B 433 32.77 -22.89 -16.66
C PHE B 433 31.74 -23.80 -17.29
N ARG B 434 31.73 -25.06 -16.86
CA ARG B 434 30.84 -26.10 -17.42
C ARG B 434 29.97 -26.68 -16.31
N TYR B 435 28.80 -27.18 -16.65
CA TYR B 435 28.03 -27.96 -15.69
C TYR B 435 28.69 -29.32 -15.56
N GLN B 436 28.42 -30.02 -14.45
CA GLN B 436 28.91 -31.38 -14.29
C GLN B 436 27.88 -32.15 -13.51
N PRO B 437 27.90 -33.48 -13.60
CA PRO B 437 26.89 -34.21 -12.84
C PRO B 437 27.12 -34.12 -11.32
N ASP B 438 26.04 -34.35 -10.57
CA ASP B 438 26.11 -34.40 -9.13
C ASP B 438 26.89 -35.64 -8.71
N PRO B 439 27.83 -35.47 -7.77
CA PRO B 439 28.71 -36.56 -7.31
C PRO B 439 27.95 -37.75 -6.73
N TRP B 440 26.71 -37.55 -6.29
CA TRP B 440 25.94 -38.66 -5.71
C TRP B 440 25.08 -39.40 -6.74
N PHE C 28 -21.93 28.79 41.41
CA PHE C 28 -21.25 27.51 41.66
C PHE C 28 -21.82 26.41 40.79
N PRO C 29 -21.10 26.04 39.72
CA PRO C 29 -21.56 24.99 38.78
C PRO C 29 -21.89 23.67 39.48
N ARG C 30 -23.05 23.10 39.14
CA ARG C 30 -23.42 21.75 39.56
C ARG C 30 -22.82 20.69 38.63
N VAL C 31 -22.28 19.62 39.20
CA VAL C 31 -21.52 18.63 38.45
C VAL C 31 -22.02 17.23 38.76
N LYS C 32 -22.49 16.54 37.71
CA LYS C 32 -23.10 15.23 37.89
C LYS C 32 -22.24 14.10 37.35
N ASN C 33 -22.23 12.98 38.08
CA ASN C 33 -21.72 11.74 37.53
C ASN C 33 -22.90 10.87 37.10
N TRP C 34 -22.93 10.53 35.81
CA TRP C 34 -24.11 9.89 35.21
C TRP C 34 -24.15 8.39 35.37
N GLU C 35 -23.02 7.81 35.78
CA GLU C 35 -22.93 6.38 36.10
C GLU C 35 -23.49 6.11 37.48
N VAL C 36 -23.14 6.97 38.43
CA VAL C 36 -23.46 6.75 39.84
C VAL C 36 -24.64 7.61 40.26
N GLY C 37 -24.82 8.73 39.56
CA GLY C 37 -25.92 9.64 39.86
C GLY C 37 -25.55 10.67 40.91
N SER C 38 -24.28 10.63 41.35
CA SER C 38 -23.83 11.53 42.41
C SER C 38 -23.60 12.95 41.90
N ILE C 39 -23.81 13.90 42.81
CA ILE C 39 -23.73 15.33 42.54
C ILE C 39 -22.72 16.04 43.44
N THR C 40 -21.84 16.86 42.87
CA THR C 40 -21.07 17.83 43.65
C THR C 40 -21.18 19.24 43.04
N TYR C 41 -20.69 20.23 43.78
CA TYR C 41 -20.62 21.60 43.28
C TYR C 41 -19.16 22.07 43.27
N ASP C 42 -18.74 22.66 42.16
CA ASP C 42 -17.39 23.19 42.06
C ASP C 42 -17.36 24.64 42.54
N THR C 43 -16.78 24.84 43.72
CA THR C 43 -16.68 26.19 44.28
C THR C 43 -15.30 26.77 43.99
N LEU C 44 -14.36 25.91 43.61
CA LEU C 44 -12.99 26.34 43.29
C LEU C 44 -12.93 27.15 41.99
N SER C 45 -13.85 26.91 41.05
CA SER C 45 -13.85 27.64 39.78
C SER C 45 -14.05 29.13 39.99
N ALA C 46 -14.73 29.50 41.08
CA ALA C 46 -14.91 30.91 41.43
C ALA C 46 -13.58 31.66 41.60
N GLN C 47 -12.52 30.92 41.87
CA GLN C 47 -11.19 31.51 42.08
C GLN C 47 -10.31 31.46 40.83
N ALA C 48 -10.93 31.25 39.67
CA ALA C 48 -10.20 31.24 38.40
C ALA C 48 -9.48 32.55 38.16
N GLN C 49 -8.16 32.49 38.23
CA GLN C 49 -7.30 33.67 38.14
C GLN C 49 -7.44 34.38 36.79
N GLN C 50 -7.31 33.63 35.70
CA GLN C 50 -7.32 34.23 34.37
C GLN C 50 -8.63 33.96 33.64
N ASP C 51 -8.59 34.06 32.32
CA ASP C 51 -9.78 33.84 31.50
C ASP C 51 -9.52 32.86 30.36
N GLY C 52 -10.45 31.93 30.16
CA GLY C 52 -10.37 30.97 29.07
C GLY C 52 -11.01 31.45 27.77
N PRO C 53 -11.23 30.54 26.82
CA PRO C 53 -11.61 31.04 25.50
C PRO C 53 -13.12 31.08 25.23
N CYS C 54 -13.91 30.53 26.14
CA CYS C 54 -15.34 30.36 25.92
C CYS C 54 -16.14 31.59 26.30
N THR C 55 -17.28 31.76 25.63
CA THR C 55 -18.26 32.80 26.01
C THR C 55 -19.67 32.17 25.99
N PRO C 56 -20.66 32.88 26.58
CA PRO C 56 -22.04 32.40 26.54
C PRO C 56 -22.53 32.15 25.11
N ARG C 57 -21.96 32.88 24.16
CA ARG C 57 -22.29 32.74 22.75
C ARG C 57 -21.74 31.46 22.12
N ARG C 58 -20.53 31.06 22.50
CA ARG C 58 -19.90 29.85 21.92
C ARG C 58 -18.87 29.24 22.85
N CYS C 59 -18.83 27.91 22.86
CA CYS C 59 -17.84 27.15 23.62
C CYS C 59 -16.66 26.74 22.74
N LEU C 60 -15.46 27.12 23.16
CA LEU C 60 -14.24 26.77 22.43
C LEU C 60 -13.37 25.76 23.20
N GLY C 61 -14.00 25.02 24.11
CA GLY C 61 -13.32 24.01 24.89
C GLY C 61 -12.47 22.98 24.13
N SER C 62 -12.90 22.60 22.93
CA SER C 62 -12.17 21.60 22.17
C SER C 62 -10.90 22.15 21.49
N LEU C 63 -10.67 23.45 21.54
CA LEU C 63 -9.47 24.00 20.91
C LEU C 63 -8.23 23.65 21.74
N VAL C 64 -7.16 23.23 21.06
CA VAL C 64 -5.94 22.81 21.75
C VAL C 64 -5.15 24.00 22.29
N PHE C 65 -4.96 25.01 21.44
CA PHE C 65 -4.35 26.26 21.87
C PHE C 65 -5.41 27.36 21.94
N PRO C 66 -5.79 27.75 23.17
CA PRO C 66 -6.75 28.83 23.38
C PRO C 66 -6.08 30.21 23.44
N ALA C 79 5.45 46.98 33.82
CA ALA C 79 4.40 46.80 34.80
C ALA C 79 4.91 46.13 36.08
N PRO C 80 5.49 46.93 36.99
CA PRO C 80 5.83 46.45 38.33
C PRO C 80 4.58 46.22 39.16
N GLU C 81 3.54 47.02 38.91
CA GLU C 81 2.25 46.87 39.60
C GLU C 81 1.63 45.51 39.31
N GLN C 82 1.71 45.08 38.06
CA GLN C 82 1.15 43.80 37.65
C GLN C 82 1.90 42.62 38.30
N LEU C 83 3.23 42.72 38.33
CA LEU C 83 4.05 41.68 38.96
C LEU C 83 3.68 41.47 40.42
N LEU C 84 3.59 42.57 41.16
CA LEU C 84 3.29 42.52 42.59
C LEU C 84 1.97 41.83 42.93
N SER C 85 0.96 42.05 42.09
CA SER C 85 -0.37 41.50 42.33
C SER C 85 -0.32 39.98 42.37
N GLN C 86 0.32 39.40 41.37
CA GLN C 86 0.44 37.95 41.27
C GLN C 86 1.39 37.43 42.35
N ALA C 87 2.47 38.17 42.60
CA ALA C 87 3.44 37.81 43.63
C ALA C 87 2.76 37.74 45.00
N ARG C 88 1.96 38.75 45.31
CA ARG C 88 1.23 38.78 46.57
C ARG C 88 0.28 37.59 46.66
N ASP C 89 -0.47 37.34 45.58
CA ASP C 89 -1.49 36.29 45.55
C ASP C 89 -0.92 34.92 45.88
N PHE C 90 0.21 34.58 45.25
CA PHE C 90 0.82 33.28 45.45
C PHE C 90 1.43 33.12 46.85
N ILE C 91 2.01 34.19 47.41
CA ILE C 91 2.57 34.12 48.77
C ILE C 91 1.45 33.81 49.74
N ASN C 92 0.30 34.43 49.51
CA ASN C 92 -0.87 34.21 50.34
C ASN C 92 -1.37 32.78 50.22
N GLN C 93 -1.41 32.27 48.99
CA GLN C 93 -1.74 30.87 48.74
C GLN C 93 -0.83 30.00 49.62
N TYR C 94 0.47 30.10 49.35
CA TYR C 94 1.50 29.30 50.02
C TYR C 94 1.33 29.25 51.55
N TYR C 95 1.22 30.42 52.17
CA TYR C 95 1.19 30.47 53.63
C TYR C 95 -0.12 29.91 54.17
N SER C 96 -1.20 30.10 53.42
CA SER C 96 -2.47 29.44 53.73
C SER C 96 -2.32 27.93 53.73
N SER C 97 -1.55 27.43 52.77
CA SER C 97 -1.38 26.00 52.57
C SER C 97 -0.50 25.35 53.63
N ILE C 98 0.26 26.15 54.36
CA ILE C 98 1.09 25.61 55.41
C ILE C 98 0.56 26.03 56.78
N LYS C 99 -0.64 26.62 56.77
CA LYS C 99 -1.36 27.01 57.98
C LYS C 99 -0.60 28.09 58.77
N ARG C 100 0.09 28.98 58.07
CA ARG C 100 0.85 30.05 58.70
C ARG C 100 0.60 31.40 58.01
N SER C 101 -0.61 31.61 57.50
CA SER C 101 -0.94 32.90 56.89
C SER C 101 -1.48 33.82 57.97
N GLY C 102 -1.02 35.07 57.95
CA GLY C 102 -1.27 36.01 59.04
C GLY C 102 -0.07 35.96 59.98
N SER C 103 0.31 34.74 60.34
CA SER C 103 1.55 34.47 61.04
C SER C 103 2.68 35.27 60.40
N GLN C 104 3.25 36.20 61.17
CA GLN C 104 4.08 37.26 60.61
C GLN C 104 5.40 36.81 59.96
N ALA C 105 5.57 35.50 59.77
CA ALA C 105 6.50 35.02 58.75
C ALA C 105 5.87 35.29 57.38
N HIS C 106 4.55 35.43 57.37
CA HIS C 106 3.80 35.80 56.17
C HIS C 106 4.14 37.25 55.83
N GLU C 107 4.13 38.11 56.84
CA GLU C 107 4.31 39.53 56.58
C GLU C 107 5.73 39.85 56.12
N GLN C 108 6.70 39.12 56.67
CA GLN C 108 8.11 39.35 56.34
C GLN C 108 8.36 39.04 54.87
N ARG C 109 7.86 37.89 54.44
CA ARG C 109 7.99 37.44 53.07
C ARG C 109 7.35 38.45 52.11
N LEU C 110 6.20 38.98 52.49
CA LEU C 110 5.48 39.95 51.67
C LEU C 110 6.31 41.21 51.44
N GLN C 111 6.94 41.70 52.50
CA GLN C 111 7.69 42.94 52.44
C GLN C 111 8.98 42.77 51.65
N GLU C 112 9.60 41.60 51.77
CA GLU C 112 10.83 41.32 51.03
C GLU C 112 10.57 41.34 49.52
N VAL C 113 9.53 40.64 49.09
CA VAL C 113 9.13 40.64 47.68
C VAL C 113 8.93 42.07 47.17
N GLU C 114 8.15 42.85 47.91
CA GLU C 114 7.97 44.27 47.65
C GLU C 114 9.29 45.01 47.33
N ALA C 115 10.20 45.05 48.30
CA ALA C 115 11.45 45.79 48.15
C ALA C 115 12.34 45.28 47.01
N GLU C 116 12.32 43.97 46.79
CA GLU C 116 13.15 43.34 45.78
C GLU C 116 12.70 43.73 44.36
N VAL C 117 11.39 43.79 44.15
CA VAL C 117 10.86 44.22 42.86
C VAL C 117 11.06 45.72 42.69
N ALA C 118 11.01 46.47 43.79
CA ALA C 118 11.18 47.92 43.74
C ALA C 118 12.60 48.26 43.33
N ALA C 119 13.55 47.50 43.86
CA ALA C 119 14.96 47.75 43.60
C ALA C 119 15.44 47.15 42.27
N THR C 120 14.83 46.04 41.83
CA THR C 120 15.36 45.32 40.68
C THR C 120 14.35 44.98 39.58
N GLY C 121 13.05 45.08 39.87
CA GLY C 121 12.03 44.84 38.87
C GLY C 121 11.41 43.45 38.90
N THR C 122 12.06 42.54 39.63
CA THR C 122 11.61 41.15 39.74
C THR C 122 11.88 40.71 41.17
N TYR C 123 11.67 39.44 41.49
CA TYR C 123 12.05 38.92 42.81
C TYR C 123 12.44 37.44 42.76
N GLN C 124 13.00 36.96 43.87
CA GLN C 124 13.42 35.56 43.95
C GLN C 124 12.49 34.72 44.82
N LEU C 125 12.17 33.52 44.34
CA LEU C 125 11.43 32.53 45.13
C LEU C 125 12.37 31.83 46.13
N ARG C 126 11.89 31.63 47.36
CA ARG C 126 12.55 30.73 48.30
C ARG C 126 12.44 29.33 47.72
N GLU C 127 13.36 28.44 48.07
CA GLU C 127 13.37 27.11 47.45
C GLU C 127 12.08 26.36 47.77
N SER C 128 11.58 26.55 48.98
CA SER C 128 10.31 25.96 49.39
C SER C 128 9.14 26.46 48.54
N GLU C 129 9.09 27.76 48.30
CA GLU C 129 8.07 28.35 47.44
C GLU C 129 8.18 27.81 46.02
N LEU C 130 9.40 27.67 45.52
CA LEU C 130 9.63 27.09 44.20
C LEU C 130 9.10 25.67 44.09
N VAL C 131 9.29 24.89 45.16
CA VAL C 131 8.79 23.52 45.23
C VAL C 131 7.27 23.46 45.25
N PHE C 132 6.67 24.21 46.18
CA PHE C 132 5.22 24.29 46.28
C PHE C 132 4.58 24.72 44.97
N GLY C 133 5.18 25.71 44.30
CA GLY C 133 4.65 26.25 43.06
C GLY C 133 4.71 25.29 41.88
N ALA C 134 5.78 24.50 41.82
CA ALA C 134 5.90 23.48 40.80
C ALA C 134 4.80 22.45 40.99
N LYS C 135 4.61 22.02 42.24
CA LYS C 135 3.59 21.03 42.57
C LYS C 135 2.17 21.56 42.30
N GLN C 136 1.91 22.82 42.64
CA GLN C 136 0.59 23.38 42.38
C GLN C 136 0.29 23.44 40.90
N ALA C 137 1.30 23.80 40.11
CA ALA C 137 1.11 23.98 38.69
C ALA C 137 0.76 22.65 38.03
N TRP C 138 1.33 21.55 38.52
CA TRP C 138 0.93 20.23 38.08
C TRP C 138 -0.51 19.95 38.52
N ARG C 139 -0.77 20.18 39.81
CA ARG C 139 -2.06 19.96 40.42
C ARG C 139 -3.20 20.70 39.71
N ASN C 140 -2.88 21.85 39.12
CA ASN C 140 -3.89 22.71 38.48
C ASN C 140 -4.06 22.44 37.00
N ALA C 141 -3.22 21.59 36.43
CA ALA C 141 -3.21 21.36 34.99
C ALA C 141 -4.45 20.58 34.54
N PRO C 142 -5.37 21.25 33.84
CA PRO C 142 -6.69 20.64 33.61
C PRO C 142 -6.65 19.40 32.72
N ARG C 143 -5.65 19.30 31.85
CA ARG C 143 -5.63 18.21 30.88
C ARG C 143 -4.86 16.98 31.35
N CYS C 144 -4.25 17.05 32.53
CA CYS C 144 -3.43 15.93 33.01
C CYS C 144 -4.23 14.91 33.81
N VAL C 145 -4.24 13.66 33.35
CA VAL C 145 -4.98 12.61 34.04
C VAL C 145 -4.14 11.95 35.17
N GLY C 146 -2.85 12.26 35.24
CA GLY C 146 -2.00 11.61 36.22
C GLY C 146 -1.86 12.34 37.54
N ARG C 147 -2.83 13.19 37.88
CA ARG C 147 -2.65 14.15 38.97
C ARG C 147 -2.85 13.58 40.38
N ILE C 148 -3.40 12.38 40.50
CA ILE C 148 -3.43 11.69 41.79
C ILE C 148 -2.02 11.68 42.45
N GLN C 149 -0.98 11.88 41.64
CA GLN C 149 0.43 11.81 42.01
C GLN C 149 1.07 13.15 42.35
N TRP C 150 0.28 14.22 42.30
CA TRP C 150 0.81 15.58 42.28
C TRP C 150 1.68 15.94 43.48
N GLY C 151 1.42 15.30 44.62
CA GLY C 151 2.19 15.59 45.83
C GLY C 151 3.59 14.99 45.85
N LYS C 152 3.82 14.02 44.98
CA LYS C 152 5.10 13.34 44.85
C LYS C 152 5.78 13.79 43.57
N LEU C 153 6.57 14.84 43.67
CA LEU C 153 7.30 15.41 42.54
C LEU C 153 8.69 15.84 42.99
N GLN C 154 9.71 15.40 42.27
CA GLN C 154 11.08 15.82 42.60
C GLN C 154 11.43 17.12 41.89
N VAL C 155 11.68 18.17 42.66
CA VAL C 155 12.01 19.47 42.10
C VAL C 155 13.51 19.70 42.14
N PHE C 156 14.11 19.92 40.98
CA PHE C 156 15.54 20.24 40.91
C PHE C 156 15.72 21.72 40.62
N ASP C 157 16.39 22.41 41.53
CA ASP C 157 16.60 23.84 41.38
C ASP C 157 17.86 24.09 40.52
N ALA C 158 17.65 24.54 39.29
CA ALA C 158 18.75 24.83 38.37
C ALA C 158 18.84 26.32 38.06
N ARG C 159 18.33 27.16 38.97
CA ARG C 159 18.22 28.60 38.73
C ARG C 159 19.58 29.30 38.75
N ASP C 160 20.63 28.54 39.03
CA ASP C 160 21.99 29.07 39.04
C ASP C 160 22.70 28.80 37.72
N CYS C 161 21.97 28.25 36.76
CA CYS C 161 22.57 27.75 35.51
C CYS C 161 23.23 28.86 34.69
N ARG C 162 24.40 28.55 34.14
CA ARG C 162 25.25 29.54 33.49
C ARG C 162 25.21 29.47 31.96
N SER C 163 25.34 28.26 31.41
CA SER C 163 25.36 28.11 29.96
C SER C 163 24.68 26.83 29.48
N ALA C 164 24.63 26.66 28.16
CA ALA C 164 24.03 25.49 27.55
C ALA C 164 24.75 24.20 27.97
N GLN C 165 26.05 24.29 28.24
CA GLN C 165 26.80 23.13 28.67
C GLN C 165 26.38 22.70 30.08
N GLU C 166 26.07 23.68 30.92
CA GLU C 166 25.59 23.40 32.27
C GLU C 166 24.13 22.97 32.22
N MET C 167 23.35 23.67 31.39
CA MET C 167 21.97 23.31 31.12
C MET C 167 21.91 21.83 30.71
N PHE C 168 22.83 21.44 29.83
CA PHE C 168 22.91 20.05 29.38
C PHE C 168 23.20 19.09 30.53
N THR C 169 23.97 19.55 31.52
CA THR C 169 24.32 18.72 32.66
C THR C 169 23.15 18.54 33.62
N TYR C 170 22.39 19.60 33.87
CA TYR C 170 21.18 19.50 34.67
C TYR C 170 20.17 18.53 34.03
N ILE C 171 20.04 18.62 32.71
CA ILE C 171 19.07 17.78 31.99
C ILE C 171 19.44 16.32 32.12
N CYS C 172 20.71 16.02 31.90
CA CYS C 172 21.21 14.65 32.01
C CYS C 172 21.02 14.11 33.43
N ASN C 173 21.17 14.97 34.42
CA ASN C 173 20.91 14.56 35.80
C ASN C 173 19.45 14.21 36.01
N HIS C 174 18.57 15.12 35.57
CA HIS C 174 17.13 14.87 35.58
C HIS C 174 16.82 13.52 34.95
N ILE C 175 17.26 13.35 33.72
CA ILE C 175 16.94 12.14 32.96
C ILE C 175 17.38 10.88 33.70
N LYS C 176 18.60 10.90 34.26
CA LYS C 176 19.11 9.74 34.99
C LYS C 176 18.27 9.49 36.26
N TYR C 177 17.97 10.55 37.00
CA TYR C 177 17.15 10.40 38.21
C TYR C 177 15.73 9.90 37.88
N ALA C 178 15.06 10.55 36.93
CA ALA C 178 13.67 10.22 36.65
C ALA C 178 13.53 8.82 36.07
N THR C 179 14.47 8.42 35.21
CA THR C 179 14.41 7.09 34.62
C THR C 179 14.58 6.02 35.70
N ASN C 180 15.69 6.10 36.45
CA ASN C 180 15.90 5.24 37.62
C ASN C 180 15.75 3.76 37.24
N ARG C 181 16.44 3.36 36.16
CA ARG C 181 16.45 1.97 35.68
C ARG C 181 15.08 1.39 35.34
N GLY C 182 14.13 2.25 34.98
CA GLY C 182 12.81 1.75 34.58
C GLY C 182 11.75 2.00 35.64
N ASN C 183 12.19 2.19 36.88
CA ASN C 183 11.25 2.53 37.93
C ASN C 183 11.10 4.05 37.98
N LEU C 184 10.18 4.55 37.17
CA LEU C 184 10.09 5.97 36.91
C LEU C 184 9.64 6.77 38.12
N ARG C 185 10.22 7.96 38.26
CA ARG C 185 9.95 8.88 39.34
C ARG C 185 9.70 10.26 38.77
N SER C 186 8.67 10.93 39.27
CA SER C 186 8.33 12.22 38.70
C SER C 186 9.36 13.27 39.09
N ALA C 187 9.61 14.22 38.19
CA ALA C 187 10.62 15.25 38.44
C ALA C 187 10.47 16.47 37.53
N ILE C 188 10.83 17.64 38.06
CA ILE C 188 10.95 18.86 37.26
C ILE C 188 12.28 19.56 37.59
N THR C 189 12.93 20.10 36.57
CA THR C 189 14.11 20.93 36.77
C THR C 189 13.80 22.35 36.32
N VAL C 190 14.11 23.31 37.19
CA VAL C 190 13.80 24.72 36.93
C VAL C 190 15.04 25.56 36.64
N PHE C 191 15.11 26.07 35.42
CA PHE C 191 16.20 26.93 34.97
C PHE C 191 15.88 28.38 35.30
N PRO C 192 16.83 29.32 35.08
CA PRO C 192 16.54 30.68 35.55
C PRO C 192 15.31 31.34 34.90
N GLN C 193 14.64 32.16 35.69
CA GLN C 193 13.46 32.88 35.26
C GLN C 193 13.82 33.94 34.24
N ARG C 194 12.87 34.29 33.40
CA ARG C 194 13.06 35.42 32.52
C ARG C 194 13.19 36.67 33.37
N CYS C 195 13.98 37.63 32.89
CA CYS C 195 14.25 38.88 33.58
C CYS C 195 14.20 40.04 32.58
N PRO C 196 14.28 41.30 33.05
CA PRO C 196 14.27 42.38 32.06
C PRO C 196 15.57 42.50 31.25
N GLY C 197 15.46 42.97 30.00
CA GLY C 197 16.60 43.24 29.15
C GLY C 197 17.58 42.09 29.08
N ARG C 198 17.05 40.92 28.75
CA ARG C 198 17.73 39.65 28.95
C ARG C 198 17.90 38.84 27.68
N GLY C 199 18.49 37.67 27.87
CA GLY C 199 18.30 36.56 26.95
C GLY C 199 17.55 35.49 27.72
N ASP C 200 16.90 34.58 27.01
CA ASP C 200 16.12 33.53 27.65
C ASP C 200 16.82 32.17 27.61
N PHE C 201 16.57 31.37 28.64
CA PHE C 201 16.89 29.95 28.58
C PHE C 201 15.74 29.23 27.90
N ARG C 202 16.02 28.48 26.84
CA ARG C 202 15.00 27.69 26.16
C ARG C 202 15.53 26.32 25.76
N ILE C 203 14.65 25.32 25.85
CA ILE C 203 14.90 24.03 25.23
C ILE C 203 14.07 23.96 23.96
N TRP C 204 14.73 24.07 22.81
CA TRP C 204 14.03 24.09 21.52
C TRP C 204 13.27 22.79 21.24
N ASN C 205 13.79 21.68 21.75
CA ASN C 205 13.10 20.41 21.63
C ASN C 205 11.80 20.42 22.44
N SER C 206 10.72 19.88 21.87
CA SER C 206 9.43 19.83 22.55
C SER C 206 9.46 18.81 23.69
N GLN C 207 10.31 17.80 23.53
CA GLN C 207 10.60 16.81 24.57
C GLN C 207 12.08 16.55 24.61
N LEU C 208 12.56 16.10 25.77
CA LEU C 208 13.96 15.72 25.93
C LEU C 208 14.31 14.56 25.00
N VAL C 209 13.37 13.63 24.88
CA VAL C 209 13.51 12.51 23.96
C VAL C 209 12.49 12.65 22.83
N ARG C 210 12.99 12.73 21.60
CA ARG C 210 12.16 12.86 20.40
C ARG C 210 12.83 12.12 19.23
N TYR C 211 12.11 11.22 18.58
CA TYR C 211 12.61 10.58 17.38
C TYR C 211 12.62 11.53 16.17
N ALA C 212 13.60 11.36 15.30
CA ALA C 212 13.73 12.23 14.14
C ALA C 212 12.61 12.01 13.12
N GLY C 213 12.32 13.05 12.36
CA GLY C 213 11.40 12.95 11.24
C GLY C 213 12.08 13.47 9.99
N TYR C 214 12.27 12.59 9.00
CA TYR C 214 12.97 12.96 7.78
C TYR C 214 12.02 13.03 6.60
N ARG C 215 11.97 14.20 5.96
CA ARG C 215 11.12 14.39 4.79
C ARG C 215 11.80 13.83 3.54
N GLN C 216 11.04 13.07 2.75
CA GLN C 216 11.62 12.35 1.61
C GLN C 216 11.23 12.95 0.27
N GLN C 217 11.67 12.29 -0.81
CA GLN C 217 11.39 12.76 -2.17
C GLN C 217 9.92 12.61 -2.53
N ASP C 218 9.25 11.64 -1.91
CA ASP C 218 7.82 11.44 -2.16
C ASP C 218 6.97 12.31 -1.24
N GLY C 219 7.62 13.20 -0.50
CA GLY C 219 6.92 14.10 0.41
C GLY C 219 6.66 13.49 1.78
N SER C 220 6.49 12.17 1.81
CA SER C 220 6.23 11.46 3.05
C SER C 220 7.39 11.58 4.02
N VAL C 221 7.14 11.22 5.29
CA VAL C 221 8.18 11.32 6.31
C VAL C 221 8.55 9.97 6.91
N ARG C 222 9.85 9.66 6.89
CA ARG C 222 10.39 8.54 7.65
C ARG C 222 10.73 9.04 9.05
N GLY C 223 10.24 8.32 10.05
CA GLY C 223 10.37 8.74 11.43
C GLY C 223 9.09 9.34 11.96
N ASP C 224 9.22 10.33 12.84
CA ASP C 224 8.07 10.98 13.46
C ASP C 224 7.73 12.29 12.76
N PRO C 225 6.55 12.36 12.14
CA PRO C 225 6.10 13.59 11.46
C PRO C 225 5.99 14.79 12.40
N ALA C 226 5.76 14.54 13.68
CA ALA C 226 5.63 15.61 14.68
C ALA C 226 6.94 16.35 14.88
N ASN C 227 8.03 15.76 14.39
CA ASN C 227 9.35 16.28 14.70
C ASN C 227 10.13 16.68 13.45
N VAL C 228 9.42 16.91 12.35
CA VAL C 228 10.06 17.27 11.11
C VAL C 228 10.79 18.60 11.25
N GLU C 229 10.18 19.53 11.97
CA GLU C 229 10.72 20.87 12.16
C GLU C 229 12.01 20.86 12.97
N ILE C 230 11.98 20.22 14.13
CA ILE C 230 13.14 20.17 15.01
C ILE C 230 14.28 19.34 14.40
N THR C 231 13.91 18.27 13.68
CA THR C 231 14.92 17.44 13.03
C THR C 231 15.71 18.30 12.03
N GLU C 232 15.01 19.16 11.30
CA GLU C 232 15.66 20.04 10.33
C GLU C 232 16.51 21.10 11.01
N LEU C 233 16.08 21.55 12.18
CA LEU C 233 16.86 22.53 12.93
C LEU C 233 18.13 21.89 13.49
N CYS C 234 18.02 20.64 13.91
CA CYS C 234 19.18 19.92 14.42
C CYS C 234 20.18 19.71 13.30
N ILE C 235 19.68 19.30 12.13
CA ILE C 235 20.53 19.11 10.97
C ILE C 235 21.28 20.38 10.62
N GLN C 236 20.56 21.49 10.57
CA GLN C 236 21.15 22.78 10.21
C GLN C 236 22.19 23.23 11.24
N HIS C 237 21.91 22.97 12.51
CA HIS C 237 22.82 23.36 13.59
C HIS C 237 23.81 22.25 13.92
N GLY C 238 24.39 21.66 12.89
CA GLY C 238 25.47 20.71 13.07
C GLY C 238 25.13 19.25 12.85
N TRP C 239 24.04 18.78 13.43
CA TRP C 239 23.79 17.35 13.58
C TRP C 239 23.78 16.55 12.28
N THR C 240 24.50 15.42 12.31
CA THR C 240 24.51 14.48 11.19
C THR C 240 23.29 13.57 11.26
N PRO C 241 22.37 13.69 10.30
CA PRO C 241 21.11 12.94 10.31
C PRO C 241 21.31 11.42 10.27
N GLY C 242 20.35 10.69 10.82
CA GLY C 242 20.36 9.23 10.75
C GLY C 242 19.54 8.76 9.57
N ASN C 243 19.32 7.46 9.46
CA ASN C 243 18.52 6.92 8.37
C ASN C 243 17.29 6.17 8.86
N GLY C 244 17.06 6.20 10.17
CA GLY C 244 16.10 5.31 10.81
C GLY C 244 14.73 5.91 11.14
N ARG C 245 13.79 5.02 11.48
CA ARG C 245 12.44 5.41 11.86
C ARG C 245 12.39 5.82 13.32
N PHE C 246 13.46 5.52 14.06
CA PHE C 246 13.52 5.87 15.48
C PHE C 246 14.88 6.42 15.89
N ASP C 247 15.38 7.39 15.13
CA ASP C 247 16.62 8.08 15.52
C ASP C 247 16.35 9.15 16.56
N VAL C 248 16.85 8.93 17.78
CA VAL C 248 16.71 9.89 18.87
C VAL C 248 17.41 11.20 18.53
N LEU C 249 16.67 12.30 18.54
CA LEU C 249 17.24 13.61 18.24
C LEU C 249 18.27 14.05 19.29
N PRO C 250 19.19 14.94 18.90
CA PRO C 250 20.04 15.66 19.86
C PRO C 250 19.27 16.81 20.49
N LEU C 251 19.80 17.39 21.56
CA LEU C 251 19.14 18.51 22.22
C LEU C 251 19.65 19.84 21.70
N LEU C 252 18.72 20.71 21.29
CA LEU C 252 19.06 22.07 20.90
C LEU C 252 18.78 23.03 22.05
N LEU C 253 19.82 23.31 22.84
CA LEU C 253 19.70 24.07 24.08
C LEU C 253 20.16 25.52 23.92
N GLN C 254 19.37 26.45 24.44
CA GLN C 254 19.66 27.87 24.23
C GLN C 254 19.83 28.65 25.52
N ALA C 255 21.04 29.16 25.72
CA ALA C 255 21.36 30.07 26.82
C ALA C 255 21.08 31.51 26.39
N PRO C 256 20.84 32.42 27.35
CA PRO C 256 20.57 33.84 27.10
C PRO C 256 21.39 34.50 26.00
N ASP C 257 20.69 34.95 24.96
CA ASP C 257 21.23 35.73 23.85
C ASP C 257 22.10 34.93 22.89
N GLU C 258 22.95 34.06 23.43
CA GLU C 258 23.83 33.26 22.59
C GLU C 258 22.99 32.26 21.79
N PRO C 259 23.39 31.99 20.54
CA PRO C 259 22.68 31.03 19.70
C PRO C 259 22.68 29.63 20.32
N PRO C 260 21.73 28.77 19.93
CA PRO C 260 21.62 27.44 20.55
C PRO C 260 22.79 26.52 20.22
N GLU C 261 23.16 25.66 21.16
CA GLU C 261 24.21 24.69 20.93
C GLU C 261 23.62 23.27 20.86
N LEU C 262 24.17 22.45 19.97
CA LEU C 262 23.63 21.12 19.72
C LEU C 262 24.33 20.07 20.58
N PHE C 263 23.54 19.30 21.32
CA PHE C 263 24.08 18.31 22.26
C PHE C 263 23.52 16.92 22.00
N LEU C 264 24.41 15.93 21.94
CA LEU C 264 24.00 14.54 21.80
C LEU C 264 23.66 13.93 23.17
N LEU C 265 22.57 13.18 23.22
CA LEU C 265 22.23 12.45 24.43
C LEU C 265 22.98 11.13 24.43
N PRO C 266 23.71 10.85 25.53
CA PRO C 266 24.38 9.57 25.70
C PRO C 266 23.37 8.42 25.67
N PRO C 267 23.44 7.57 24.63
CA PRO C 267 22.44 6.51 24.41
C PRO C 267 22.17 5.68 25.66
N GLU C 268 23.17 5.58 26.54
CA GLU C 268 23.04 4.92 27.84
C GLU C 268 22.00 5.59 28.71
N LEU C 269 21.78 6.88 28.48
CA LEU C 269 20.91 7.67 29.32
C LEU C 269 19.46 7.51 28.89
N VAL C 270 19.26 7.12 27.64
CA VAL C 270 17.95 7.10 27.00
C VAL C 270 17.37 5.70 26.98
N LEU C 271 16.53 5.38 27.96
CA LEU C 271 15.96 4.05 28.05
C LEU C 271 14.86 3.85 27.01
N GLU C 272 15.00 2.83 26.18
CA GLU C 272 14.01 2.53 25.15
C GLU C 272 13.43 1.13 25.34
N VAL C 273 12.19 0.95 24.89
CA VAL C 273 11.55 -0.35 24.98
C VAL C 273 11.20 -0.89 23.61
N PRO C 274 11.89 -1.95 23.19
CA PRO C 274 11.50 -2.61 21.93
C PRO C 274 10.09 -3.17 22.11
N LEU C 275 9.18 -2.97 21.15
CA LEU C 275 7.81 -3.46 21.31
C LEU C 275 7.60 -4.86 20.75
N GLU C 276 7.04 -5.73 21.60
CA GLU C 276 6.67 -7.09 21.19
CA GLU C 276 6.67 -7.08 21.18
C GLU C 276 5.25 -7.35 21.64
N HIS C 277 4.61 -8.35 21.06
CA HIS C 277 3.25 -8.71 21.45
C HIS C 277 3.30 -10.07 22.14
N PRO C 278 2.53 -10.22 23.22
CA PRO C 278 2.55 -11.46 24.01
C PRO C 278 2.23 -12.73 23.23
N THR C 279 1.48 -12.64 22.13
CA THR C 279 1.06 -13.86 21.44
C THR C 279 1.25 -13.78 19.92
N LEU C 280 1.27 -12.56 19.39
CA LEU C 280 1.47 -12.33 17.95
C LEU C 280 2.97 -12.22 17.71
N GLU C 281 3.59 -13.33 17.25
CA GLU C 281 5.05 -13.45 17.20
C GLU C 281 5.67 -12.49 16.19
N TRP C 282 4.93 -12.17 15.13
CA TRP C 282 5.46 -11.30 14.10
C TRP C 282 5.54 -9.80 14.50
N PHE C 283 4.90 -9.41 15.60
CA PHE C 283 4.82 -7.99 15.97
C PHE C 283 6.20 -7.39 16.22
N ALA C 284 7.06 -8.17 16.89
CA ALA C 284 8.42 -7.74 17.16
C ALA C 284 9.16 -7.35 15.90
N ALA C 285 8.89 -8.06 14.80
CA ALA C 285 9.64 -7.86 13.57
C ALA C 285 9.29 -6.52 12.90
N LEU C 286 8.25 -5.86 13.40
CA LEU C 286 7.86 -4.58 12.82
C LEU C 286 8.89 -3.53 13.21
N GLY C 287 9.71 -3.85 14.21
CA GLY C 287 10.81 -3.00 14.62
C GLY C 287 10.34 -1.75 15.37
N LEU C 288 9.14 -1.82 15.95
CA LEU C 288 8.61 -0.70 16.73
C LEU C 288 9.33 -0.56 18.06
N ARG C 289 9.56 0.69 18.44
CA ARG C 289 10.20 1.00 19.72
C ARG C 289 9.49 2.20 20.32
N TRP C 290 9.65 2.39 21.62
CA TRP C 290 9.40 3.70 22.21
C TRP C 290 10.29 3.88 23.43
N TYR C 291 10.32 5.09 23.96
CA TYR C 291 11.22 5.41 25.06
C TYR C 291 10.44 5.46 26.37
N ALA C 292 11.18 5.31 27.47
CA ALA C 292 10.62 5.23 28.82
C ALA C 292 10.06 6.56 29.33
N LEU C 293 10.75 7.63 29.02
CA LEU C 293 10.62 8.88 29.76
C LEU C 293 9.89 9.96 29.00
N PRO C 294 8.62 10.21 29.35
CA PRO C 294 7.89 11.36 28.80
C PRO C 294 8.29 12.65 29.50
N ALA C 295 9.09 13.47 28.84
CA ALA C 295 9.63 14.67 29.48
C ALA C 295 9.39 15.88 28.60
N VAL C 296 8.35 16.62 28.93
CA VAL C 296 7.96 17.81 28.19
C VAL C 296 8.89 18.98 28.52
N SER C 297 9.48 19.57 27.47
CA SER C 297 10.55 20.54 27.63
C SER C 297 10.30 21.89 26.95
N ASN C 298 9.11 22.11 26.40
CA ASN C 298 8.87 23.37 25.71
C ASN C 298 7.75 24.21 26.32
N MET C 299 7.31 23.86 27.54
CA MET C 299 6.31 24.66 28.22
C MET C 299 6.92 25.61 29.24
N LEU C 300 6.23 26.73 29.46
CA LEU C 300 6.65 27.74 30.40
C LEU C 300 5.94 27.55 31.75
N LEU C 301 6.72 27.60 32.82
CA LEU C 301 6.18 27.49 34.18
C LEU C 301 5.97 28.89 34.76
N GLU C 302 4.77 29.13 35.29
CA GLU C 302 4.46 30.42 35.91
C GLU C 302 4.11 30.29 37.40
N ILE C 303 4.87 31.00 38.23
CA ILE C 303 4.65 31.03 39.69
C ILE C 303 4.73 32.47 40.22
N GLY C 304 3.65 32.94 40.83
CA GLY C 304 3.64 34.26 41.44
C GLY C 304 4.07 35.38 40.52
N GLY C 305 3.59 35.36 39.28
CA GLY C 305 3.95 36.37 38.31
C GLY C 305 5.34 36.20 37.71
N LEU C 306 6.09 35.22 38.21
CA LEU C 306 7.39 34.88 37.62
C LEU C 306 7.16 33.85 36.52
N GLU C 307 8.03 33.81 35.52
CA GLU C 307 7.86 32.90 34.41
C GLU C 307 9.16 32.15 34.07
N PHE C 308 9.09 30.83 34.04
CA PHE C 308 10.29 30.05 33.79
C PHE C 308 10.16 29.36 32.46
N PRO C 309 10.75 29.95 31.41
CA PRO C 309 10.58 29.49 30.03
C PRO C 309 11.22 28.12 29.80
N ALA C 310 12.15 27.75 30.68
CA ALA C 310 12.77 26.43 30.63
C ALA C 310 12.60 25.72 31.97
N ALA C 311 11.67 24.77 32.01
CA ALA C 311 11.38 24.00 33.22
C ALA C 311 10.89 22.59 32.87
N PRO C 312 11.77 21.77 32.28
CA PRO C 312 11.40 20.45 31.80
C PRO C 312 10.89 19.54 32.92
N PHE C 313 9.73 18.92 32.71
CA PHE C 313 9.13 18.02 33.69
C PHE C 313 8.81 16.66 33.06
N SER C 314 8.80 15.62 33.88
CA SER C 314 8.61 14.26 33.40
C SER C 314 7.81 13.43 34.40
N GLY C 315 7.15 12.40 33.88
CA GLY C 315 6.39 11.49 34.72
C GLY C 315 6.62 10.08 34.22
N TRP C 316 5.52 9.36 33.99
CA TRP C 316 5.58 8.11 33.23
C TRP C 316 4.38 8.05 32.29
N TYR C 317 4.45 7.16 31.31
CA TYR C 317 3.46 7.12 30.25
C TYR C 317 2.18 6.43 30.65
N MET C 318 1.08 6.92 30.10
CA MET C 318 -0.13 6.13 30.04
C MET C 318 -0.09 5.42 28.69
N SER C 319 -0.45 4.15 28.66
CA SER C 319 -0.13 3.34 27.48
C SER C 319 -0.81 3.83 26.20
N THR C 320 -1.98 4.46 26.31
CA THR C 320 -2.66 4.93 25.10
C THR C 320 -1.87 6.06 24.46
N GLU C 321 -1.00 6.73 25.21
CA GLU C 321 -0.27 7.86 24.62
C GLU C 321 0.63 7.32 23.55
N ILE C 322 1.26 6.19 23.87
CA ILE C 322 2.16 5.52 22.95
C ILE C 322 1.42 4.71 21.89
N GLY C 323 0.55 3.79 22.33
CA GLY C 323 -0.01 2.79 21.43
C GLY C 323 -1.14 3.34 20.56
N THR C 324 -1.86 4.33 21.06
CA THR C 324 -2.92 4.91 20.26
C THR C 324 -2.46 6.19 19.59
N ARG C 325 -2.09 7.19 20.37
CA ARG C 325 -1.78 8.48 19.76
C ARG C 325 -0.49 8.45 18.96
N ASN C 326 0.63 8.08 19.60
CA ASN C 326 1.91 8.22 18.91
C ASN C 326 2.06 7.23 17.75
N LEU C 327 1.55 6.01 17.89
CA LEU C 327 1.79 5.00 16.85
C LEU C 327 0.64 4.96 15.86
N CYS C 328 -0.59 5.24 16.30
CA CYS C 328 -1.77 5.13 15.41
C CYS C 328 -2.38 6.42 14.85
N ASP C 329 -2.00 7.59 15.34
CA ASP C 329 -2.51 8.83 14.74
C ASP C 329 -2.11 8.88 13.27
N PRO C 330 -3.03 9.34 12.39
CA PRO C 330 -2.75 9.45 10.96
C PRO C 330 -1.58 10.38 10.67
N HIS C 331 -1.36 11.33 11.55
CA HIS C 331 -0.32 12.32 11.35
C HIS C 331 0.92 12.03 12.21
N ARG C 332 0.96 10.83 12.80
CA ARG C 332 2.16 10.39 13.53
C ARG C 332 2.74 9.15 12.81
N TYR C 333 3.07 8.08 13.54
CA TYR C 333 3.62 6.89 12.85
C TYR C 333 2.58 6.19 11.98
N ASN C 334 1.30 6.29 12.35
CA ASN C 334 0.22 5.85 11.48
C ASN C 334 0.36 4.38 11.08
N ILE C 335 0.60 3.52 12.07
CA ILE C 335 0.91 2.12 11.78
C ILE C 335 -0.31 1.23 11.74
N LEU C 336 -1.49 1.79 12.03
CA LEU C 336 -2.69 0.99 12.22
C LEU C 336 -2.91 -0.04 11.10
N GLU C 337 -2.82 0.40 9.86
CA GLU C 337 -3.11 -0.47 8.74
C GLU C 337 -2.04 -1.56 8.58
N ASP C 338 -0.79 -1.24 8.93
CA ASP C 338 0.28 -2.23 8.93
C ASP C 338 -0.05 -3.40 9.83
N VAL C 339 -0.43 -3.08 11.07
CA VAL C 339 -0.75 -4.11 12.04
C VAL C 339 -1.99 -4.91 11.61
N ALA C 340 -3.02 -4.23 11.12
CA ALA C 340 -4.23 -4.90 10.64
C ALA C 340 -3.94 -5.93 9.52
N VAL C 341 -3.11 -5.53 8.55
CA VAL C 341 -2.69 -6.45 7.51
C VAL C 341 -1.95 -7.69 8.08
N CYS C 342 -1.11 -7.48 9.10
CA CYS C 342 -0.40 -8.61 9.69
C CYS C 342 -1.35 -9.52 10.45
N MET C 343 -2.41 -8.92 11.00
CA MET C 343 -3.44 -9.66 11.71
C MET C 343 -4.45 -10.29 10.76
N ASP C 344 -4.20 -10.14 9.46
CA ASP C 344 -5.10 -10.63 8.40
C ASP C 344 -6.55 -10.25 8.64
N LEU C 345 -6.77 -8.96 8.88
CA LEU C 345 -8.13 -8.44 9.06
C LEU C 345 -8.66 -7.99 7.71
N ASP C 346 -9.97 -7.83 7.60
CA ASP C 346 -10.55 -7.30 6.37
C ASP C 346 -10.54 -5.77 6.40
N THR C 347 -9.64 -5.17 5.63
CA THR C 347 -9.49 -3.72 5.68
C THR C 347 -10.24 -3.02 4.54
N ARG C 348 -11.02 -3.76 3.77
CA ARG C 348 -11.74 -3.17 2.64
C ARG C 348 -13.08 -2.60 3.09
N THR C 349 -13.46 -2.86 4.33
CA THR C 349 -14.69 -2.28 4.88
C THR C 349 -14.50 -1.80 6.33
N THR C 350 -15.11 -0.66 6.67
CA THR C 350 -14.94 -0.13 8.02
C THR C 350 -15.69 -0.99 9.03
N SER C 351 -16.73 -1.68 8.56
CA SER C 351 -17.64 -2.32 9.51
C SER C 351 -17.08 -3.63 10.07
N SER C 352 -15.90 -4.06 9.62
CA SER C 352 -15.22 -5.18 10.29
C SER C 352 -14.57 -4.75 11.59
N LEU C 353 -14.53 -3.44 11.81
CA LEU C 353 -13.83 -2.84 12.97
C LEU C 353 -12.36 -3.25 13.03
N TRP C 354 -11.75 -3.36 11.85
CA TRP C 354 -10.34 -3.72 11.76
C TRP C 354 -9.48 -2.67 12.44
N LYS C 355 -9.89 -1.40 12.35
CA LYS C 355 -9.14 -0.33 13.00
C LYS C 355 -9.13 -0.49 14.51
N ASP C 356 -10.29 -0.81 15.07
CA ASP C 356 -10.42 -1.00 16.51
C ASP C 356 -9.63 -2.21 17.02
N LYS C 357 -9.66 -3.31 16.28
CA LYS C 357 -8.99 -4.53 16.71
C LYS C 357 -7.49 -4.37 16.70
N ALA C 358 -6.97 -3.77 15.63
CA ALA C 358 -5.53 -3.53 15.55
C ALA C 358 -5.07 -2.56 16.66
N ALA C 359 -5.79 -1.47 16.86
CA ALA C 359 -5.43 -0.52 17.91
C ALA C 359 -5.32 -1.19 19.28
N VAL C 360 -6.29 -2.01 19.64
CA VAL C 360 -6.27 -2.70 20.92
C VAL C 360 -5.03 -3.61 21.06
N GLU C 361 -4.68 -4.32 19.99
CA GLU C 361 -3.53 -5.20 20.09
C GLU C 361 -2.23 -4.40 20.18
N ILE C 362 -2.19 -3.24 19.54
CA ILE C 362 -0.99 -2.40 19.61
C ILE C 362 -0.83 -1.88 21.04
N ASN C 363 -1.95 -1.52 21.65
CA ASN C 363 -1.93 -1.10 23.04
C ASN C 363 -1.58 -2.25 23.97
N VAL C 364 -1.98 -3.47 23.62
CA VAL C 364 -1.59 -4.67 24.38
C VAL C 364 -0.08 -4.91 24.29
N ALA C 365 0.46 -4.76 23.07
CA ALA C 365 1.89 -4.88 22.85
C ALA C 365 2.66 -3.90 23.72
N VAL C 366 2.17 -2.66 23.78
CA VAL C 366 2.83 -1.62 24.52
C VAL C 366 2.89 -1.96 26.01
N LEU C 367 1.73 -2.31 26.55
CA LEU C 367 1.64 -2.65 27.97
C LEU C 367 2.54 -3.86 28.27
N HIS C 368 2.47 -4.89 27.43
CA HIS C 368 3.26 -6.10 27.63
C HIS C 368 4.76 -5.81 27.55
N SER C 369 5.18 -5.06 26.52
CA SER C 369 6.59 -4.73 26.37
C SER C 369 7.15 -3.92 27.53
N TYR C 370 6.39 -2.93 28.01
CA TYR C 370 6.88 -2.13 29.13
C TYR C 370 7.00 -2.96 30.40
N GLN C 371 5.99 -3.76 30.68
CA GLN C 371 5.99 -4.61 31.87
C GLN C 371 7.15 -5.59 31.85
N LEU C 372 7.33 -6.23 30.71
CA LEU C 372 8.39 -7.22 30.57
C LEU C 372 9.75 -6.55 30.80
N ALA C 373 9.87 -5.31 30.33
CA ALA C 373 11.14 -4.59 30.41
C ALA C 373 11.30 -3.83 31.73
N LYS C 374 10.31 -4.00 32.62
CA LYS C 374 10.32 -3.40 33.95
C LYS C 374 10.36 -1.88 33.92
N VAL C 375 9.68 -1.31 32.94
CA VAL C 375 9.56 0.12 32.85
C VAL C 375 8.15 0.55 33.26
N THR C 376 8.08 1.52 34.17
CA THR C 376 6.81 1.99 34.67
C THR C 376 5.88 2.42 33.55
N ILE C 377 4.68 1.89 33.56
CA ILE C 377 3.63 2.33 32.64
C ILE C 377 2.29 2.08 33.29
N VAL C 378 1.26 2.80 32.85
CA VAL C 378 -0.07 2.62 33.41
C VAL C 378 -1.09 2.52 32.26
N ASP C 379 -2.06 1.62 32.38
CA ASP C 379 -3.06 1.49 31.32
C ASP C 379 -4.16 2.51 31.57
N HIS C 380 -4.98 2.74 30.55
CA HIS C 380 -5.95 3.83 30.63
C HIS C 380 -7.07 3.53 31.63
N HIS C 381 -7.32 2.26 31.91
CA HIS C 381 -8.34 1.92 32.90
C HIS C 381 -7.85 2.28 34.30
N ALA C 382 -6.65 1.82 34.66
CA ALA C 382 -6.16 2.12 36.00
C ALA C 382 -5.95 3.62 36.16
N ALA C 383 -5.46 4.26 35.11
CA ALA C 383 -5.19 5.71 35.17
C ALA C 383 -6.48 6.54 35.34
N THR C 384 -7.54 6.20 34.61
CA THR C 384 -8.80 6.92 34.78
C THR C 384 -9.45 6.64 36.15
N ALA C 385 -9.29 5.41 36.65
CA ALA C 385 -9.79 5.07 37.98
C ALA C 385 -9.10 5.92 39.06
N SER C 386 -7.82 6.19 38.89
CA SER C 386 -7.08 6.98 39.86
CA SER C 386 -7.07 6.99 39.85
C SER C 386 -7.49 8.46 39.78
N PHE C 387 -7.84 8.92 38.59
CA PHE C 387 -8.22 10.33 38.46
C PHE C 387 -9.56 10.54 39.15
N MET C 388 -10.46 9.56 39.04
CA MET C 388 -11.70 9.59 39.79
C MET C 388 -11.42 9.78 41.29
N LYS C 389 -10.48 8.99 41.84
CA LYS C 389 -10.14 9.15 43.26
C LYS C 389 -9.57 10.56 43.52
N HIS C 390 -8.74 11.02 42.59
CA HIS C 390 -8.18 12.37 42.68
C HIS C 390 -9.27 13.45 42.71
N LEU C 391 -10.32 13.30 41.91
CA LEU C 391 -11.41 14.25 41.88
C LEU C 391 -12.08 14.30 43.24
N GLU C 392 -12.23 13.13 43.84
CA GLU C 392 -12.82 13.02 45.16
C GLU C 392 -11.94 13.69 46.21
N ASN C 393 -10.63 13.39 46.20
CA ASN C 393 -9.66 14.04 47.10
C ASN C 393 -9.70 15.55 46.98
N GLU C 394 -9.71 16.04 45.74
CA GLU C 394 -9.66 17.48 45.50
C GLU C 394 -10.96 18.14 45.88
N GLN C 395 -12.07 17.43 45.74
CA GLN C 395 -13.36 17.96 46.15
C GLN C 395 -13.32 18.31 47.63
N LYS C 396 -12.68 17.45 48.42
CA LYS C 396 -12.55 17.71 49.86
C LYS C 396 -11.46 18.73 50.15
N ALA C 397 -10.34 18.58 49.44
CA ALA C 397 -9.20 19.49 49.61
C ALA C 397 -9.54 20.94 49.27
N ARG C 398 -10.06 21.20 48.06
CA ARG C 398 -10.20 22.56 47.58
C ARG C 398 -11.60 22.89 47.08
N GLY C 399 -12.54 21.99 47.26
CA GLY C 399 -13.90 22.20 46.79
C GLY C 399 -14.03 22.11 45.29
N GLY C 400 -13.27 21.20 44.68
CA GLY C 400 -13.39 20.96 43.25
C GLY C 400 -12.06 20.69 42.57
N CYS C 401 -12.09 20.55 41.25
CA CYS C 401 -10.88 20.28 40.48
C CYS C 401 -11.07 20.63 39.02
N PRO C 402 -10.19 21.49 38.47
CA PRO C 402 -10.22 21.89 37.06
C PRO C 402 -9.82 20.75 36.15
N ALA C 403 -10.69 20.44 35.18
CA ALA C 403 -10.48 19.28 34.34
C ALA C 403 -11.09 19.47 32.95
N ASP C 404 -10.33 19.00 31.96
CA ASP C 404 -10.64 19.15 30.54
C ASP C 404 -11.02 17.77 30.01
N TRP C 405 -12.33 17.57 29.93
CA TRP C 405 -12.93 16.27 29.63
C TRP C 405 -12.32 15.62 28.41
N ALA C 406 -12.17 16.40 27.34
CA ALA C 406 -11.68 15.90 26.06
C ALA C 406 -10.26 15.36 26.16
N TRP C 407 -9.49 15.86 27.13
CA TRP C 407 -8.13 15.37 27.36
C TRP C 407 -8.06 14.33 28.48
N ILE C 408 -9.01 14.38 29.41
CA ILE C 408 -9.04 13.39 30.48
C ILE C 408 -9.56 12.02 29.97
N VAL C 409 -10.61 12.02 29.14
CA VAL C 409 -11.12 10.79 28.55
C VAL C 409 -10.09 10.20 27.55
N PRO C 410 -9.69 8.93 27.73
CA PRO C 410 -8.76 8.21 26.85
C PRO C 410 -9.21 8.15 25.37
N PRO C 411 -8.25 8.07 24.42
CA PRO C 411 -8.51 8.12 22.99
C PRO C 411 -8.94 6.77 22.38
N ILE C 412 -9.02 5.73 23.21
CA ILE C 412 -9.74 4.51 22.86
C ILE C 412 -10.57 4.12 24.07
N SER C 413 -11.67 3.42 23.81
CA SER C 413 -12.53 2.91 24.87
C SER C 413 -13.03 3.98 25.84
N GLY C 414 -13.21 5.21 25.35
CA GLY C 414 -13.63 6.32 26.19
C GLY C 414 -14.66 5.96 27.25
N SER C 415 -15.78 5.42 26.82
CA SER C 415 -16.93 5.28 27.69
C SER C 415 -16.85 4.04 28.54
N LEU C 416 -15.81 3.23 28.29
CA LEU C 416 -15.48 2.11 29.19
C LEU C 416 -14.76 2.58 30.45
N THR C 417 -14.34 3.85 30.49
CA THR C 417 -13.66 4.41 31.66
C THR C 417 -14.60 5.32 32.46
N PRO C 418 -14.39 5.44 33.79
CA PRO C 418 -15.36 6.14 34.63
C PRO C 418 -15.41 7.66 34.38
N VAL C 419 -14.32 8.19 33.83
CA VAL C 419 -14.23 9.62 33.61
C VAL C 419 -15.21 10.07 32.51
N PHE C 420 -15.52 9.17 31.57
CA PHE C 420 -16.40 9.51 30.45
C PHE C 420 -17.75 10.00 30.94
N HIS C 421 -18.24 9.35 32.00
CA HIS C 421 -19.54 9.65 32.59
C HIS C 421 -19.51 10.75 33.65
N GLN C 422 -18.32 11.31 33.86
CA GLN C 422 -18.13 12.36 34.87
C GLN C 422 -18.18 13.75 34.25
N GLU C 423 -19.16 14.57 34.64
CA GLU C 423 -19.16 15.95 34.15
C GLU C 423 -17.97 16.65 34.78
N MET C 424 -17.35 17.57 34.04
CA MET C 424 -16.19 18.27 34.54
C MET C 424 -16.27 19.78 34.29
N VAL C 425 -15.57 20.55 35.12
CA VAL C 425 -15.48 22.00 34.96
C VAL C 425 -14.03 22.40 34.67
N ASN C 426 -13.83 23.11 33.57
CA ASN C 426 -12.48 23.53 33.17
C ASN C 426 -12.28 25.02 33.36
N TYR C 427 -11.20 25.37 34.08
CA TYR C 427 -10.80 26.74 34.37
C TYR C 427 -9.30 26.81 34.66
N PHE C 428 -8.75 28.02 34.69
CA PHE C 428 -7.32 28.22 34.83
C PHE C 428 -6.96 28.72 36.25
N LEU C 429 -6.22 27.92 37.00
CA LEU C 429 -5.64 28.42 38.26
C LEU C 429 -4.15 28.67 38.10
N SER C 430 -3.59 29.47 39.00
CA SER C 430 -2.16 29.74 39.03
C SER C 430 -1.62 29.34 40.41
N PRO C 431 -0.36 28.88 40.50
CA PRO C 431 0.65 28.58 39.46
C PRO C 431 0.17 27.64 38.36
N ALA C 432 0.83 27.72 37.22
CA ALA C 432 0.39 26.98 36.05
C ALA C 432 1.49 26.66 35.05
N PHE C 433 1.25 25.60 34.28
CA PHE C 433 2.02 25.36 33.07
C PHE C 433 1.27 25.98 31.90
N ARG C 434 1.98 26.73 31.05
CA ARG C 434 1.39 27.41 29.90
C ARG C 434 2.18 27.11 28.63
N TYR C 435 1.51 27.13 27.49
CA TYR C 435 2.21 27.00 26.21
C TYR C 435 2.95 28.29 25.92
N GLN C 436 3.95 28.23 25.05
CA GLN C 436 4.71 29.43 24.77
C GLN C 436 5.15 29.44 23.32
N PRO C 437 5.39 30.63 22.76
CA PRO C 437 5.75 30.62 21.34
C PRO C 437 7.09 29.93 21.15
N ASP C 438 7.32 29.37 19.96
CA ASP C 438 8.59 28.74 19.67
C ASP C 438 9.72 29.77 19.78
N PRO C 439 10.94 29.30 20.08
CA PRO C 439 12.07 30.21 20.23
C PRO C 439 12.52 30.81 18.90
N TRP C 440 12.12 30.22 17.78
CA TRP C 440 12.37 30.86 16.48
C TRP C 440 11.15 31.67 16.04
N LYS D 27 -12.20 38.34 15.31
CA LYS D 27 -13.34 38.11 16.20
C LYS D 27 -13.87 36.69 16.03
N PHE D 28 -13.66 36.12 14.85
CA PHE D 28 -14.13 34.78 14.55
C PHE D 28 -13.12 33.71 14.95
N PRO D 29 -13.59 32.67 15.66
CA PRO D 29 -12.74 31.57 16.14
C PRO D 29 -11.94 30.90 15.01
N ARG D 30 -10.64 30.72 15.22
CA ARG D 30 -9.82 29.95 14.31
C ARG D 30 -9.76 28.51 14.78
N VAL D 31 -10.22 27.58 13.94
CA VAL D 31 -10.25 26.17 14.32
C VAL D 31 -9.49 25.31 13.32
N LYS D 32 -8.77 24.32 13.86
CA LYS D 32 -7.79 23.54 13.11
C LYS D 32 -8.15 22.06 13.04
N ASN D 33 -7.87 21.43 11.89
CA ASN D 33 -7.83 19.99 11.84
C ASN D 33 -6.38 19.55 12.02
N TRP D 34 -6.12 18.72 13.02
CA TRP D 34 -4.73 18.35 13.35
C TRP D 34 -4.22 17.16 12.53
N GLU D 35 -5.15 16.42 11.95
CA GLU D 35 -4.78 15.33 11.07
C GLU D 35 -4.17 15.87 9.78
N VAL D 36 -4.76 16.96 9.29
CA VAL D 36 -4.48 17.51 7.96
C VAL D 36 -3.69 18.81 8.06
N GLY D 37 -3.87 19.55 9.15
CA GLY D 37 -3.19 20.81 9.34
C GLY D 37 -4.00 21.99 8.83
N SER D 38 -5.19 21.72 8.29
CA SER D 38 -6.02 22.77 7.68
C SER D 38 -6.68 23.71 8.72
N ILE D 39 -7.01 24.92 8.29
CA ILE D 39 -7.53 25.95 9.19
C ILE D 39 -8.75 26.70 8.63
N THR D 40 -9.84 26.69 9.40
CA THR D 40 -11.03 27.44 9.02
C THR D 40 -11.43 28.45 10.09
N TYR D 41 -12.34 29.34 9.73
CA TYR D 41 -12.89 30.31 10.68
C TYR D 41 -14.39 30.14 10.76
N ASP D 42 -14.91 29.91 11.96
CA ASP D 42 -16.34 29.71 12.14
C ASP D 42 -17.06 31.06 12.30
N THR D 43 -17.43 31.68 11.19
CA THR D 43 -18.13 32.97 11.23
C THR D 43 -19.58 32.81 11.67
N LEU D 44 -20.16 31.65 11.40
CA LEU D 44 -21.57 31.38 11.75
C LEU D 44 -21.88 31.55 13.24
N SER D 45 -20.91 31.22 14.10
CA SER D 45 -21.07 31.30 15.54
C SER D 45 -21.41 32.71 16.02
N ALA D 46 -21.02 33.70 15.22
CA ALA D 46 -21.36 35.09 15.51
C ALA D 46 -22.86 35.31 15.51
N GLN D 47 -23.57 34.49 14.73
CA GLN D 47 -25.02 34.59 14.59
C GLN D 47 -25.77 33.90 15.73
N ALA D 48 -25.04 33.17 16.57
CA ALA D 48 -25.64 32.53 17.73
C ALA D 48 -26.07 33.57 18.74
N GLN D 49 -27.35 33.61 19.07
CA GLN D 49 -27.72 34.31 20.29
C GLN D 49 -28.90 33.70 21.01
N GLN D 50 -28.65 32.48 21.48
CA GLN D 50 -29.16 32.03 22.76
C GLN D 50 -27.89 31.60 23.50
N ASP D 51 -27.82 31.88 24.79
CA ASP D 51 -26.57 31.70 25.48
C ASP D 51 -26.36 30.27 25.99
N GLY D 52 -25.11 29.82 25.92
CA GLY D 52 -24.72 28.54 26.44
C GLY D 52 -24.24 28.71 27.86
N PRO D 53 -23.61 27.67 28.43
CA PRO D 53 -23.24 27.64 29.85
C PRO D 53 -21.85 28.20 30.16
N CYS D 54 -21.05 28.41 29.13
CA CYS D 54 -19.66 28.76 29.36
C CYS D 54 -19.48 30.25 29.54
N THR D 55 -18.43 30.59 30.28
CA THR D 55 -18.01 31.97 30.49
C THR D 55 -16.48 31.99 30.38
N PRO D 56 -15.89 33.19 30.17
CA PRO D 56 -14.43 33.26 30.15
C PRO D 56 -13.78 32.67 31.42
N ARG D 57 -14.55 32.56 32.50
CA ARG D 57 -14.01 32.10 33.77
C ARG D 57 -13.95 30.58 33.87
N ARG D 58 -14.93 29.91 33.28
CA ARG D 58 -14.93 28.44 33.26
C ARG D 58 -15.80 27.91 32.13
N CYS D 59 -15.41 26.74 31.62
CA CYS D 59 -16.11 26.04 30.54
C CYS D 59 -16.96 24.91 31.12
N LEU D 60 -18.23 24.86 30.71
CA LEU D 60 -19.15 23.82 31.16
C LEU D 60 -19.55 22.98 29.96
N GLY D 61 -18.65 22.91 28.98
CA GLY D 61 -18.91 22.20 27.74
C GLY D 61 -19.29 20.74 27.92
N SER D 62 -18.84 20.13 29.01
CA SER D 62 -19.06 18.69 29.22
C SER D 62 -20.39 18.37 29.89
N LEU D 63 -21.11 19.39 30.34
CA LEU D 63 -22.36 19.16 31.06
C LEU D 63 -23.42 18.61 30.09
N VAL D 64 -24.20 17.62 30.54
CA VAL D 64 -25.22 17.02 29.71
C VAL D 64 -26.40 17.97 29.52
N PHE D 65 -26.82 18.62 30.59
CA PHE D 65 -27.85 19.66 30.53
C PHE D 65 -27.32 21.02 30.95
N PRO D 66 -27.23 21.96 30.00
CA PRO D 66 -27.05 23.36 30.37
C PRO D 66 -28.23 23.92 31.17
N ALA D 79 -43.19 39.50 25.25
CA ALA D 79 -43.63 38.39 24.40
C ALA D 79 -43.81 38.79 22.93
N PRO D 80 -44.70 39.77 22.63
CA PRO D 80 -45.04 39.99 21.22
C PRO D 80 -43.84 40.38 20.36
N GLU D 81 -43.09 41.37 20.83
CA GLU D 81 -41.91 41.85 20.13
C GLU D 81 -40.83 40.77 20.00
N GLN D 82 -40.65 39.98 21.05
CA GLN D 82 -39.60 38.98 21.02
C GLN D 82 -39.99 37.80 20.13
N LEU D 83 -41.28 37.47 20.10
CA LEU D 83 -41.75 36.44 19.20
C LEU D 83 -41.51 36.88 17.76
N LEU D 84 -41.77 38.16 17.49
CA LEU D 84 -41.64 38.70 16.14
C LEU D 84 -40.21 38.71 15.63
N SER D 85 -39.27 39.07 16.48
CA SER D 85 -37.87 39.09 16.04
C SER D 85 -37.38 37.68 15.72
N GLN D 86 -37.87 36.68 16.44
CA GLN D 86 -37.55 35.27 16.15
C GLN D 86 -38.25 34.83 14.86
N ALA D 87 -39.51 35.23 14.74
CA ALA D 87 -40.30 34.94 13.56
C ALA D 87 -39.67 35.56 12.32
N ARG D 88 -39.34 36.85 12.41
CA ARG D 88 -38.71 37.56 11.29
C ARG D 88 -37.42 36.87 10.90
N ASP D 89 -36.59 36.53 11.88
CA ASP D 89 -35.33 35.92 11.54
C ASP D 89 -35.54 34.62 10.79
N PHE D 90 -36.48 33.82 11.28
CA PHE D 90 -36.78 32.56 10.62
C PHE D 90 -37.27 32.74 9.19
N ILE D 91 -38.25 33.63 8.99
CA ILE D 91 -38.76 33.90 7.64
C ILE D 91 -37.61 34.33 6.74
N ASN D 92 -36.71 35.15 7.27
CA ASN D 92 -35.53 35.54 6.53
C ASN D 92 -34.70 34.32 6.15
N GLN D 93 -34.61 33.35 7.04
CA GLN D 93 -33.80 32.18 6.78
C GLN D 93 -34.45 31.41 5.65
N TYR D 94 -35.77 31.24 5.74
CA TYR D 94 -36.51 30.50 4.73
C TYR D 94 -36.30 31.08 3.34
N TYR D 95 -36.44 32.40 3.22
CA TYR D 95 -36.36 33.00 1.90
C TYR D 95 -34.93 33.04 1.36
N SER D 96 -33.95 33.01 2.24
CA SER D 96 -32.58 32.92 1.78
C SER D 96 -32.32 31.52 1.20
N SER D 97 -32.88 30.51 1.85
CA SER D 97 -32.71 29.13 1.42
C SER D 97 -33.21 28.86 0.01
N ILE D 98 -34.32 29.50 -0.38
CA ILE D 98 -34.86 29.28 -1.73
C ILE D 98 -34.39 30.38 -2.67
N LYS D 99 -33.45 31.18 -2.20
CA LYS D 99 -32.75 32.16 -3.02
C LYS D 99 -33.72 33.17 -3.63
N ARG D 100 -34.67 33.61 -2.81
CA ARG D 100 -35.63 34.63 -3.21
C ARG D 100 -35.72 35.72 -2.14
N SER D 101 -34.60 35.98 -1.45
CA SER D 101 -34.54 37.03 -0.45
CA SER D 101 -34.54 37.03 -0.45
C SER D 101 -34.85 38.39 -1.07
N GLY D 102 -35.52 39.25 -0.30
CA GLY D 102 -35.89 40.59 -0.79
C GLY D 102 -36.97 40.64 -1.86
N SER D 103 -37.56 39.49 -2.19
CA SER D 103 -38.62 39.44 -3.21
C SER D 103 -39.91 40.03 -2.66
N GLN D 104 -40.92 40.22 -3.52
CA GLN D 104 -42.23 40.66 -3.05
C GLN D 104 -42.77 39.65 -2.04
N ALA D 105 -42.63 38.37 -2.37
CA ALA D 105 -43.19 37.33 -1.55
C ALA D 105 -42.55 37.32 -0.17
N HIS D 106 -41.27 37.66 -0.11
CA HIS D 106 -40.53 37.71 1.17
C HIS D 106 -41.11 38.81 2.05
N GLU D 107 -41.15 40.02 1.52
CA GLU D 107 -41.74 41.20 2.19
C GLU D 107 -43.18 40.94 2.63
N GLN D 108 -43.98 40.34 1.76
CA GLN D 108 -45.38 40.10 2.07
C GLN D 108 -45.55 39.08 3.18
N ARG D 109 -44.68 38.07 3.19
CA ARG D 109 -44.77 37.05 4.21
C ARG D 109 -44.36 37.61 5.58
N LEU D 110 -43.31 38.42 5.62
CA LEU D 110 -42.98 39.19 6.83
C LEU D 110 -44.16 40.04 7.30
N GLN D 111 -44.76 40.79 6.38
CA GLN D 111 -45.91 41.62 6.74
C GLN D 111 -47.03 40.75 7.27
N GLU D 112 -47.26 39.61 6.62
CA GLU D 112 -48.33 38.72 7.04
C GLU D 112 -48.13 38.22 8.47
N VAL D 113 -46.93 37.78 8.80
CA VAL D 113 -46.63 37.27 10.14
C VAL D 113 -46.81 38.38 11.18
N GLU D 114 -46.33 39.57 10.84
CA GLU D 114 -46.46 40.73 11.73
C GLU D 114 -47.91 40.99 12.12
N ALA D 115 -48.81 40.85 11.15
CA ALA D 115 -50.21 41.14 11.39
C ALA D 115 -50.86 40.03 12.20
N GLU D 116 -50.42 38.81 12.01
CA GLU D 116 -51.07 37.71 12.73
C GLU D 116 -50.65 37.76 14.20
N VAL D 117 -49.39 38.07 14.45
CA VAL D 117 -48.91 38.21 15.83
C VAL D 117 -49.64 39.37 16.52
N ALA D 118 -49.86 40.46 15.79
CA ALA D 118 -50.48 41.66 16.36
C ALA D 118 -51.95 41.43 16.65
N ALA D 119 -52.55 40.49 15.92
CA ALA D 119 -53.97 40.21 16.07
C ALA D 119 -54.25 39.08 17.06
N THR D 120 -53.37 38.08 17.05
CA THR D 120 -53.65 36.85 17.75
C THR D 120 -52.62 36.52 18.82
N GLY D 121 -51.49 37.22 18.79
CA GLY D 121 -50.43 36.96 19.73
C GLY D 121 -49.50 35.84 19.28
N THR D 122 -49.91 35.08 18.26
CA THR D 122 -49.05 34.04 17.69
C THR D 122 -49.22 34.01 16.17
N TYR D 123 -48.71 32.96 15.53
CA TYR D 123 -48.93 32.82 14.10
C TYR D 123 -48.78 31.38 13.68
N GLN D 124 -49.11 31.10 12.42
CA GLN D 124 -48.98 29.74 11.88
C GLN D 124 -47.91 29.70 10.80
N LEU D 125 -47.10 28.64 10.82
CA LEU D 125 -46.17 28.38 9.71
C LEU D 125 -46.92 27.94 8.47
N ARG D 126 -46.41 28.32 7.30
CA ARG D 126 -46.86 27.70 6.07
C ARG D 126 -46.27 26.28 6.06
N GLU D 127 -46.88 25.36 5.33
CA GLU D 127 -46.36 23.99 5.26
C GLU D 127 -44.88 23.97 4.87
N SER D 128 -44.54 24.71 3.82
CA SER D 128 -43.17 24.76 3.33
CA SER D 128 -43.17 24.79 3.33
C SER D 128 -42.18 25.23 4.40
N GLU D 129 -42.60 26.18 5.24
CA GLU D 129 -41.78 26.71 6.32
C GLU D 129 -41.58 25.68 7.42
N LEU D 130 -42.61 24.89 7.68
CA LEU D 130 -42.51 23.82 8.67
C LEU D 130 -41.49 22.77 8.19
N VAL D 131 -41.54 22.43 6.91
CA VAL D 131 -40.61 21.45 6.36
C VAL D 131 -39.19 21.98 6.49
N PHE D 132 -38.99 23.21 6.02
CA PHE D 132 -37.71 23.86 6.14
C PHE D 132 -37.22 23.93 7.59
N GLY D 133 -38.13 24.25 8.50
CA GLY D 133 -37.77 24.48 9.90
C GLY D 133 -37.32 23.20 10.58
N ALA D 134 -37.98 22.08 10.28
CA ALA D 134 -37.61 20.82 10.90
C ALA D 134 -36.22 20.38 10.40
N LYS D 135 -35.99 20.52 9.09
CA LYS D 135 -34.67 20.21 8.52
C LYS D 135 -33.57 21.09 9.11
N GLN D 136 -33.91 22.36 9.34
CA GLN D 136 -32.99 23.32 9.93
C GLN D 136 -32.61 22.97 11.36
N ALA D 137 -33.59 22.51 12.13
CA ALA D 137 -33.37 22.16 13.51
C ALA D 137 -32.41 20.94 13.59
N TRP D 138 -32.63 19.95 12.73
CA TRP D 138 -31.67 18.84 12.62
C TRP D 138 -30.27 19.35 12.27
N ARG D 139 -30.22 20.19 11.23
CA ARG D 139 -28.97 20.76 10.75
C ARG D 139 -28.19 21.50 11.85
N ASN D 140 -28.94 22.14 12.75
CA ASN D 140 -28.35 22.95 13.81
C ASN D 140 -27.99 22.16 15.08
N ALA D 141 -28.31 20.87 15.11
CA ALA D 141 -28.14 20.08 16.33
C ALA D 141 -26.66 19.73 16.58
N PRO D 142 -25.99 20.42 17.52
CA PRO D 142 -24.53 20.28 17.71
C PRO D 142 -24.08 18.87 18.05
N ARG D 143 -24.88 18.11 18.79
CA ARG D 143 -24.48 16.77 19.21
C ARG D 143 -24.79 15.65 18.22
N CYS D 144 -25.29 15.99 17.03
CA CYS D 144 -25.65 14.93 16.06
C CYS D 144 -24.59 14.70 15.00
N VAL D 145 -24.02 13.49 14.99
CA VAL D 145 -23.01 13.14 14.00
C VAL D 145 -23.65 12.70 12.67
N GLY D 146 -24.96 12.42 12.67
CA GLY D 146 -25.62 11.96 11.45
C GLY D 146 -26.15 13.06 10.52
N ARG D 147 -25.73 14.31 10.72
CA ARG D 147 -26.31 15.44 10.00
C ARG D 147 -25.92 15.54 8.52
N ILE D 148 -25.07 14.65 8.01
CA ILE D 148 -24.84 14.65 6.55
C ILE D 148 -26.20 14.49 5.83
N GLN D 149 -27.14 13.85 6.51
CA GLN D 149 -28.43 13.52 5.95
C GLN D 149 -29.52 14.62 6.08
N TRP D 150 -29.18 15.77 6.68
CA TRP D 150 -30.18 16.70 7.20
C TRP D 150 -31.23 17.13 6.15
N GLY D 151 -30.84 17.17 4.88
CA GLY D 151 -31.74 17.64 3.84
C GLY D 151 -32.65 16.53 3.35
N LYS D 152 -32.36 15.30 3.77
CA LYS D 152 -33.23 14.18 3.43
C LYS D 152 -33.96 13.76 4.70
N LEU D 153 -35.11 14.39 4.89
CA LEU D 153 -35.90 14.22 6.10
C LEU D 153 -37.35 14.26 5.65
N GLN D 154 -38.11 13.23 6.00
CA GLN D 154 -39.53 13.20 5.65
C GLN D 154 -40.31 13.89 6.77
N VAL D 155 -41.08 14.93 6.41
CA VAL D 155 -41.80 15.73 7.40
C VAL D 155 -43.30 15.42 7.33
N PHE D 156 -43.81 14.74 8.36
CA PHE D 156 -45.23 14.49 8.46
C PHE D 156 -45.94 15.63 9.23
N ASP D 157 -46.86 16.29 8.56
CA ASP D 157 -47.58 17.40 9.20
C ASP D 157 -48.79 16.90 9.98
N ALA D 158 -48.68 16.87 11.30
CA ALA D 158 -49.79 16.44 12.13
C ALA D 158 -50.40 17.60 12.92
N ARG D 159 -50.33 18.82 12.39
CA ARG D 159 -50.75 19.97 13.20
C ARG D 159 -52.26 20.05 13.37
N ASP D 160 -53.01 19.22 12.66
CA ASP D 160 -54.48 19.22 12.82
C ASP D 160 -54.94 18.12 13.76
N CYS D 161 -53.99 17.47 14.43
CA CYS D 161 -54.29 16.36 15.35
C CYS D 161 -55.17 16.81 16.50
N ARG D 162 -56.17 16.02 16.84
CA ARG D 162 -57.21 16.49 17.76
C ARG D 162 -57.40 15.62 18.99
N SER D 163 -56.62 14.56 19.14
CA SER D 163 -56.85 13.61 20.22
C SER D 163 -55.66 12.68 20.42
N ALA D 164 -55.60 12.04 21.59
CA ALA D 164 -54.51 11.13 21.90
C ALA D 164 -54.59 9.90 21.02
N GLN D 165 -55.81 9.50 20.68
CA GLN D 165 -56.03 8.40 19.77
C GLN D 165 -55.46 8.72 18.38
N GLU D 166 -55.70 9.94 17.92
CA GLU D 166 -55.24 10.36 16.61
C GLU D 166 -53.72 10.50 16.59
N MET D 167 -53.15 10.93 17.72
CA MET D 167 -51.70 10.91 17.90
C MET D 167 -51.11 9.54 17.58
N PHE D 168 -51.73 8.52 18.17
CA PHE D 168 -51.28 7.14 18.06
C PHE D 168 -51.25 6.69 16.60
N THR D 169 -52.29 7.08 15.86
CA THR D 169 -52.36 6.78 14.43
C THR D 169 -51.22 7.45 13.70
N TYR D 170 -51.00 8.73 13.98
CA TYR D 170 -49.89 9.44 13.38
C TYR D 170 -48.56 8.76 13.71
N ILE D 171 -48.41 8.27 14.93
CA ILE D 171 -47.13 7.72 15.35
C ILE D 171 -46.89 6.36 14.68
N CYS D 172 -47.94 5.55 14.61
CA CYS D 172 -47.85 4.26 13.92
C CYS D 172 -47.51 4.44 12.45
N ASN D 173 -48.11 5.44 11.80
CA ASN D 173 -47.74 5.73 10.41
C ASN D 173 -46.29 6.20 10.29
N HIS D 174 -45.81 6.97 11.28
CA HIS D 174 -44.41 7.37 11.31
C HIS D 174 -43.52 6.12 11.35
N ILE D 175 -43.78 5.23 12.32
CA ILE D 175 -42.94 4.03 12.51
C ILE D 175 -42.95 3.18 11.25
N LYS D 176 -44.11 3.03 10.65
CA LYS D 176 -44.25 2.23 9.44
C LYS D 176 -43.35 2.79 8.34
N TYR D 177 -43.48 4.09 8.08
CA TYR D 177 -42.71 4.75 7.03
C TYR D 177 -41.20 4.66 7.28
N ALA D 178 -40.79 5.06 8.49
CA ALA D 178 -39.39 5.21 8.84
C ALA D 178 -38.68 3.87 8.84
N THR D 179 -39.38 2.85 9.35
CA THR D 179 -38.83 1.49 9.38
C THR D 179 -38.67 0.92 7.98
N ASN D 180 -39.76 0.91 7.21
CA ASN D 180 -39.69 0.55 5.81
C ASN D 180 -39.03 -0.83 5.67
N ARG D 181 -39.53 -1.78 6.48
CA ARG D 181 -39.01 -3.16 6.59
C ARG D 181 -37.48 -3.29 6.63
N GLY D 182 -36.82 -2.41 7.39
CA GLY D 182 -35.39 -2.48 7.60
C GLY D 182 -34.59 -1.49 6.77
N ASN D 183 -35.19 -0.94 5.72
CA ASN D 183 -34.50 0.06 4.91
C ASN D 183 -34.88 1.46 5.45
N LEU D 184 -34.16 1.88 6.50
CA LEU D 184 -34.68 2.98 7.31
C LEU D 184 -34.67 4.34 6.63
N ARG D 185 -35.70 5.13 6.91
CA ARG D 185 -35.82 6.47 6.35
C ARG D 185 -36.05 7.48 7.44
N SER D 186 -35.31 8.57 7.39
CA SER D 186 -35.45 9.58 8.44
C SER D 186 -36.79 10.29 8.35
N ALA D 187 -37.39 10.54 9.50
CA ALA D 187 -38.69 11.20 9.52
C ALA D 187 -38.90 11.99 10.79
N ILE D 188 -39.80 12.97 10.71
CA ILE D 188 -40.27 13.70 11.88
C ILE D 188 -41.79 13.87 11.75
N THR D 189 -42.52 13.64 12.84
CA THR D 189 -43.94 13.97 12.84
C THR D 189 -44.17 15.14 13.80
N VAL D 190 -44.74 16.23 13.27
CA VAL D 190 -44.93 17.46 14.04
C VAL D 190 -46.41 17.64 14.43
N PHE D 191 -46.66 17.50 15.72
CA PHE D 191 -47.99 17.66 16.30
C PHE D 191 -48.26 19.13 16.61
N PRO D 192 -49.51 19.49 16.99
CA PRO D 192 -49.84 20.93 17.11
C PRO D 192 -48.93 21.75 18.03
N GLN D 193 -48.72 23.00 17.69
CA GLN D 193 -47.85 23.86 18.46
C GLN D 193 -48.46 24.20 19.80
N ARG D 194 -47.60 24.59 20.73
CA ARG D 194 -48.04 25.17 22.00
C ARG D 194 -48.82 26.44 21.75
N CYS D 195 -49.94 26.57 22.46
N CYS D 195 -49.96 26.57 22.42
CA CYS D 195 -50.82 27.71 22.27
CA CYS D 195 -50.75 27.79 22.27
C CYS D 195 -51.45 28.15 23.61
C CYS D 195 -51.44 28.17 23.57
N PRO D 196 -51.59 29.47 23.81
CA PRO D 196 -52.28 30.01 24.99
C PRO D 196 -53.66 29.41 25.23
N GLY D 197 -53.95 29.03 26.47
CA GLY D 197 -55.28 28.57 26.86
C GLY D 197 -55.58 27.14 26.49
N ARG D 198 -54.53 26.33 26.41
CA ARG D 198 -54.68 24.93 26.02
C ARG D 198 -53.42 24.18 26.44
N GLY D 199 -53.59 22.96 26.92
CA GLY D 199 -52.43 22.14 27.29
C GLY D 199 -51.66 21.72 26.05
N ASP D 200 -50.45 21.24 26.26
CA ASP D 200 -49.60 20.75 25.18
C ASP D 200 -49.97 19.34 24.77
N PHE D 201 -49.71 19.01 23.51
CA PHE D 201 -49.54 17.62 23.13
C PHE D 201 -48.18 17.15 23.69
N ARG D 202 -48.14 15.98 24.31
CA ARG D 202 -46.87 15.40 24.77
C ARG D 202 -46.82 13.89 24.58
N ILE D 203 -45.64 13.39 24.21
CA ILE D 203 -45.35 11.96 24.26
C ILE D 203 -44.50 11.73 25.49
N TRP D 204 -45.00 10.97 26.45
CA TRP D 204 -44.31 10.82 27.73
C TRP D 204 -43.02 10.01 27.58
N ASN D 205 -43.07 8.98 26.75
CA ASN D 205 -41.89 8.13 26.47
C ASN D 205 -40.75 8.97 25.90
N SER D 206 -39.52 8.62 26.23
CA SER D 206 -38.35 9.31 25.65
C SER D 206 -38.06 8.89 24.22
N GLN D 207 -38.47 7.66 23.87
CA GLN D 207 -38.34 7.16 22.50
C GLN D 207 -39.60 6.37 22.15
N LEU D 208 -39.90 6.26 20.86
CA LEU D 208 -41.08 5.50 20.46
C LEU D 208 -40.94 4.04 20.84
N VAL D 209 -39.72 3.51 20.72
CA VAL D 209 -39.48 2.14 21.12
C VAL D 209 -38.49 2.09 22.27
N ARG D 210 -38.92 1.50 23.39
CA ARG D 210 -38.06 1.38 24.56
C ARG D 210 -38.36 0.07 25.25
N TYR D 211 -37.32 -0.54 25.80
CA TYR D 211 -37.47 -1.77 26.54
C TYR D 211 -37.79 -1.42 27.98
N ALA D 212 -38.65 -2.20 28.60
CA ALA D 212 -38.98 -2.01 30.01
C ALA D 212 -37.76 -2.22 30.93
N GLY D 213 -37.78 -1.53 32.07
CA GLY D 213 -36.76 -1.69 33.09
C GLY D 213 -37.46 -1.78 34.43
N TYR D 214 -37.61 -2.99 34.93
CA TYR D 214 -38.30 -3.22 36.18
C TYR D 214 -37.34 -3.17 37.36
N ARG D 215 -37.56 -2.23 38.27
CA ARG D 215 -36.76 -2.16 39.48
C ARG D 215 -37.05 -3.38 40.34
N GLN D 216 -35.99 -4.11 40.69
CA GLN D 216 -36.14 -5.27 41.56
C GLN D 216 -36.05 -4.82 43.01
N GLN D 217 -36.11 -5.78 43.93
CA GLN D 217 -36.05 -5.46 45.35
C GLN D 217 -34.61 -5.36 45.84
N ASP D 218 -33.68 -5.91 45.07
CA ASP D 218 -32.27 -5.87 45.41
C ASP D 218 -31.65 -4.53 45.06
N GLY D 219 -32.49 -3.56 44.70
CA GLY D 219 -32.02 -2.31 44.13
C GLY D 219 -31.49 -2.55 42.72
N SER D 220 -31.74 -3.75 42.20
CA SER D 220 -31.31 -4.12 40.86
C SER D 220 -32.44 -3.95 39.86
N VAL D 221 -32.18 -4.25 38.59
CA VAL D 221 -33.16 -4.05 37.54
C VAL D 221 -33.09 -5.16 36.50
N ARG D 222 -34.26 -5.69 36.10
CA ARG D 222 -34.31 -6.48 34.89
C ARG D 222 -34.78 -5.60 33.74
N GLY D 223 -34.13 -5.74 32.59
CA GLY D 223 -34.41 -4.89 31.45
C GLY D 223 -33.47 -3.70 31.42
N ASP D 224 -33.95 -2.60 30.89
CA ASP D 224 -33.12 -1.43 30.68
C ASP D 224 -33.29 -0.46 31.84
N PRO D 225 -32.21 -0.24 32.60
CA PRO D 225 -32.26 0.68 33.75
C PRO D 225 -32.61 2.10 33.35
N ALA D 226 -32.19 2.54 32.16
CA ALA D 226 -32.55 3.86 31.66
C ALA D 226 -34.06 4.11 31.67
N ASN D 227 -34.86 3.05 31.61
CA ASN D 227 -36.30 3.21 31.46
C ASN D 227 -37.11 2.76 32.67
N VAL D 228 -36.50 2.84 33.85
CA VAL D 228 -37.20 2.45 35.07
C VAL D 228 -38.34 3.43 35.42
N GLU D 229 -38.13 4.72 35.20
CA GLU D 229 -39.13 5.70 35.61
C GLU D 229 -40.38 5.55 34.75
N ILE D 230 -40.18 5.51 33.43
CA ILE D 230 -41.28 5.42 32.47
C ILE D 230 -42.00 4.06 32.58
N THR D 231 -41.25 3.02 32.94
CA THR D 231 -41.84 1.70 33.14
C THR D 231 -42.90 1.76 34.23
N GLU D 232 -42.53 2.39 35.34
CA GLU D 232 -43.38 2.50 36.53
C GLU D 232 -44.62 3.36 36.25
N LEU D 233 -44.43 4.41 35.46
CA LEU D 233 -45.54 5.24 35.04
C LEU D 233 -46.51 4.43 34.19
N CYS D 234 -45.98 3.56 33.32
CA CYS D 234 -46.84 2.71 32.50
C CYS D 234 -47.69 1.78 33.34
N ILE D 235 -47.06 1.12 34.32
CA ILE D 235 -47.78 0.24 35.23
C ILE D 235 -48.88 1.00 35.92
N GLN D 236 -48.50 2.12 36.50
CA GLN D 236 -49.41 3.01 37.22
C GLN D 236 -50.62 3.39 36.37
N HIS D 237 -50.42 3.52 35.06
CA HIS D 237 -51.51 3.87 34.17
C HIS D 237 -52.17 2.64 33.56
N GLY D 238 -51.85 1.47 34.10
CA GLY D 238 -52.63 0.27 33.82
C GLY D 238 -52.01 -0.82 32.95
N TRP D 239 -50.87 -0.53 32.35
CA TRP D 239 -50.20 -1.52 31.49
C TRP D 239 -49.83 -2.77 32.28
N THR D 240 -50.16 -3.94 31.74
CA THR D 240 -49.75 -5.19 32.37
C THR D 240 -48.31 -5.52 31.98
N PRO D 241 -47.41 -5.55 32.97
CA PRO D 241 -45.97 -5.70 32.74
C PRO D 241 -45.61 -7.08 32.19
N GLY D 242 -44.37 -7.20 31.71
CA GLY D 242 -43.79 -8.50 31.42
C GLY D 242 -42.77 -8.77 32.51
N ASN D 243 -41.93 -9.78 32.30
CA ASN D 243 -40.76 -9.97 33.16
C ASN D 243 -39.51 -10.30 32.34
N GLY D 244 -39.43 -9.71 31.15
CA GLY D 244 -38.31 -9.94 30.26
C GLY D 244 -37.30 -8.82 30.28
N ARG D 245 -36.16 -9.04 29.63
CA ARG D 245 -35.11 -8.03 29.55
C ARG D 245 -35.34 -7.13 28.35
N PHE D 246 -36.18 -7.58 27.43
CA PHE D 246 -36.44 -6.81 26.23
C PHE D 246 -37.94 -6.62 25.94
N ASP D 247 -38.70 -6.26 26.96
CA ASP D 247 -40.14 -6.01 26.80
C ASP D 247 -40.38 -4.60 26.27
N VAL D 248 -40.99 -4.52 25.09
CA VAL D 248 -41.30 -3.22 24.50
C VAL D 248 -42.38 -2.51 25.30
N LEU D 249 -42.08 -1.29 25.72
CA LEU D 249 -43.04 -0.48 26.45
C LEU D 249 -44.19 0.02 25.60
N PRO D 250 -45.35 0.24 26.22
CA PRO D 250 -46.44 0.91 25.50
C PRO D 250 -46.18 2.41 25.47
N LEU D 251 -46.90 3.12 24.60
CA LEU D 251 -46.77 4.57 24.57
C LEU D 251 -47.76 5.23 25.52
N LEU D 252 -47.28 6.23 26.27
CA LEU D 252 -48.18 7.08 27.05
C LEU D 252 -48.34 8.39 26.31
N LEU D 253 -49.53 8.63 25.76
CA LEU D 253 -49.76 9.81 24.94
C LEU D 253 -50.65 10.82 25.66
N GLN D 254 -50.24 12.07 25.59
CA GLN D 254 -51.00 13.14 26.22
C GLN D 254 -51.55 14.11 25.19
N ALA D 255 -52.87 14.22 25.16
CA ALA D 255 -53.58 15.28 24.43
C ALA D 255 -53.80 16.45 25.39
N PRO D 256 -54.04 17.66 24.86
CA PRO D 256 -54.24 18.84 25.71
C PRO D 256 -55.20 18.65 26.88
N ASP D 257 -54.72 18.97 28.08
CA ASP D 257 -55.52 19.02 29.31
C ASP D 257 -56.17 17.68 29.65
N GLU D 258 -55.52 16.61 29.21
CA GLU D 258 -55.96 15.27 29.50
C GLU D 258 -54.78 14.52 30.11
N PRO D 259 -55.06 13.63 31.08
CA PRO D 259 -54.00 12.73 31.54
C PRO D 259 -53.52 11.85 30.38
N PRO D 260 -52.28 11.35 30.46
CA PRO D 260 -51.76 10.54 29.35
C PRO D 260 -52.61 9.30 29.12
N GLU D 261 -52.65 8.83 27.87
CA GLU D 261 -53.40 7.62 27.55
C GLU D 261 -52.42 6.53 27.10
N LEU D 262 -52.81 5.28 27.33
CA LEU D 262 -51.94 4.14 27.09
C LEU D 262 -52.26 3.47 25.75
N PHE D 263 -51.24 3.28 24.92
CA PHE D 263 -51.39 2.60 23.63
C PHE D 263 -50.30 1.55 23.38
N LEU D 264 -50.72 0.30 23.20
CA LEU D 264 -49.79 -0.78 22.84
C LEU D 264 -49.39 -0.70 21.38
N LEU D 265 -48.09 -0.68 21.12
CA LEU D 265 -47.62 -0.73 19.74
C LEU D 265 -47.85 -2.14 19.20
N PRO D 266 -48.39 -2.23 17.97
CA PRO D 266 -48.55 -3.54 17.32
C PRO D 266 -47.20 -4.20 17.10
N PRO D 267 -47.01 -5.42 17.65
CA PRO D 267 -45.76 -6.17 17.54
C PRO D 267 -45.12 -6.11 16.15
N GLU D 268 -45.92 -6.23 15.10
CA GLU D 268 -45.39 -6.32 13.75
C GLU D 268 -44.87 -4.98 13.23
N LEU D 269 -45.08 -3.94 14.02
CA LEU D 269 -44.64 -2.59 13.65
C LEU D 269 -43.27 -2.30 14.24
N VAL D 270 -42.91 -3.03 15.30
CA VAL D 270 -41.63 -2.88 15.98
C VAL D 270 -40.61 -3.91 15.49
N LEU D 271 -39.75 -3.49 14.56
CA LEU D 271 -38.74 -4.38 14.00
C LEU D 271 -37.55 -4.49 14.95
N GLU D 272 -37.20 -5.72 15.29
CA GLU D 272 -36.13 -6.00 16.24
C GLU D 272 -35.08 -6.86 15.58
N VAL D 273 -33.85 -6.78 16.08
CA VAL D 273 -32.75 -7.56 15.54
C VAL D 273 -32.16 -8.43 16.63
N PRO D 274 -32.26 -9.76 16.47
CA PRO D 274 -31.56 -10.64 17.40
C PRO D 274 -30.06 -10.49 17.19
N LEU D 275 -29.31 -10.44 18.28
CA LEU D 275 -27.86 -10.28 18.18
C LEU D 275 -27.13 -11.61 18.18
N GLU D 276 -26.28 -11.80 17.18
CA GLU D 276 -25.33 -12.90 17.17
C GLU D 276 -23.98 -12.39 16.65
N HIS D 277 -22.93 -13.17 16.87
CA HIS D 277 -21.59 -12.74 16.47
C HIS D 277 -21.16 -13.61 15.29
N PRO D 278 -20.45 -13.02 14.32
CA PRO D 278 -20.07 -13.76 13.11
C PRO D 278 -19.23 -14.99 13.40
N THR D 279 -18.26 -14.88 14.30
CA THR D 279 -17.47 -16.04 14.62
C THR D 279 -17.73 -16.58 16.00
N LEU D 280 -18.28 -15.83 16.95
CA LEU D 280 -18.44 -16.40 18.28
C LEU D 280 -19.85 -16.95 18.51
N GLU D 281 -20.03 -18.24 18.24
CA GLU D 281 -21.36 -18.84 18.15
C GLU D 281 -22.13 -18.88 19.47
N TRP D 282 -21.43 -18.88 20.61
CA TRP D 282 -22.13 -18.81 21.89
C TRP D 282 -22.81 -17.46 22.11
N PHE D 283 -22.37 -16.43 21.39
CA PHE D 283 -22.91 -15.08 21.60
C PHE D 283 -24.43 -15.09 21.48
N ALA D 284 -24.94 -15.82 20.49
CA ALA D 284 -26.38 -15.85 20.25
C ALA D 284 -27.12 -16.38 21.47
N ALA D 285 -26.45 -17.21 22.26
CA ALA D 285 -27.09 -17.82 23.42
C ALA D 285 -27.32 -16.80 24.54
N LEU D 286 -26.66 -15.65 24.47
CA LEU D 286 -26.90 -14.58 25.44
C LEU D 286 -28.34 -14.03 25.33
N GLY D 287 -28.97 -14.26 24.19
CA GLY D 287 -30.35 -13.85 24.00
C GLY D 287 -30.52 -12.36 23.93
N LEU D 288 -29.54 -11.70 23.30
CA LEU D 288 -29.57 -10.27 23.13
C LEU D 288 -30.29 -9.84 21.86
N ARG D 289 -30.90 -8.66 21.92
CA ARG D 289 -31.59 -8.09 20.78
C ARG D 289 -31.62 -6.59 20.95
N TRP D 290 -31.73 -5.85 19.85
CA TRP D 290 -32.09 -4.44 19.97
C TRP D 290 -33.14 -4.13 18.93
N TYR D 291 -33.78 -2.96 19.04
CA TYR D 291 -34.82 -2.58 18.09
C TYR D 291 -34.19 -1.80 16.93
N ALA D 292 -34.87 -1.79 15.78
CA ALA D 292 -34.28 -1.20 14.59
C ALA D 292 -34.32 0.33 14.60
N LEU D 293 -35.39 0.88 15.15
CA LEU D 293 -35.74 2.30 14.91
C LEU D 293 -35.49 3.17 16.13
N PRO D 294 -34.49 4.07 16.05
CA PRO D 294 -34.24 5.03 17.14
C PRO D 294 -35.09 6.27 16.94
N ALA D 295 -36.13 6.43 17.74
CA ALA D 295 -37.05 7.56 17.51
C ALA D 295 -37.23 8.37 18.78
N VAL D 296 -36.51 9.47 18.87
CA VAL D 296 -36.60 10.35 20.01
C VAL D 296 -37.92 11.12 20.02
N SER D 297 -38.70 10.97 21.09
CA SER D 297 -40.04 11.58 21.18
C SER D 297 -40.26 12.65 22.26
N ASN D 298 -39.23 13.03 23.00
CA ASN D 298 -39.45 13.89 24.17
C ASN D 298 -38.76 15.24 24.08
N MET D 299 -38.21 15.57 22.92
CA MET D 299 -37.63 16.87 22.74
C MET D 299 -38.65 17.86 22.16
N LEU D 300 -38.39 19.14 22.38
CA LEU D 300 -39.24 20.21 21.87
C LEU D 300 -38.62 20.79 20.61
N LEU D 301 -39.41 20.90 19.56
CA LEU D 301 -38.93 21.54 18.33
C LEU D 301 -39.37 23.01 18.33
N GLU D 302 -38.43 23.91 18.07
CA GLU D 302 -38.67 25.35 18.11
C GLU D 302 -38.35 25.94 16.76
N ILE D 303 -39.34 26.59 16.15
CA ILE D 303 -39.20 27.16 14.81
C ILE D 303 -39.79 28.59 14.79
N GLY D 304 -38.95 29.58 14.51
CA GLY D 304 -39.38 30.96 14.50
C GLY D 304 -40.13 31.40 15.74
N GLY D 305 -39.68 30.94 16.91
CA GLY D 305 -40.32 31.29 18.17
C GLY D 305 -41.56 30.46 18.50
N LEU D 306 -42.01 29.65 17.56
CA LEU D 306 -43.12 28.74 17.85
C LEU D 306 -42.53 27.48 18.46
N GLU D 307 -43.29 26.81 19.31
CA GLU D 307 -42.80 25.65 20.03
C GLU D 307 -43.71 24.46 19.81
N PHE D 308 -43.10 23.34 19.43
CA PHE D 308 -43.82 22.09 19.21
C PHE D 308 -43.30 21.06 20.21
N PRO D 309 -43.98 20.94 21.37
CA PRO D 309 -43.59 20.02 22.46
C PRO D 309 -43.69 18.54 22.11
N ALA D 310 -44.45 18.21 21.07
CA ALA D 310 -44.48 16.83 20.58
C ALA D 310 -44.17 16.85 19.10
N ALA D 311 -42.98 16.33 18.77
CA ALA D 311 -42.53 16.21 17.39
C ALA D 311 -41.48 15.11 17.25
N PRO D 312 -41.88 13.85 17.44
CA PRO D 312 -40.90 12.74 17.44
C PRO D 312 -40.16 12.61 16.12
N PHE D 313 -38.86 12.36 16.18
CA PHE D 313 -38.05 12.24 14.98
C PHE D 313 -37.20 10.95 15.03
N SER D 314 -36.80 10.45 13.88
CA SER D 314 -36.09 9.18 13.86
C SER D 314 -35.13 9.14 12.69
N GLY D 315 -34.03 8.40 12.86
CA GLY D 315 -33.13 8.12 11.75
C GLY D 315 -32.79 6.63 11.73
N TRP D 316 -31.50 6.34 11.68
CA TRP D 316 -31.04 4.97 11.91
C TRP D 316 -29.88 5.00 12.90
N TYR D 317 -29.53 3.82 13.42
CA TYR D 317 -28.56 3.75 14.51
C TYR D 317 -27.13 3.87 14.03
N MET D 318 -26.28 4.48 14.86
CA MET D 318 -24.84 4.28 14.76
C MET D 318 -24.53 3.14 15.74
N SER D 319 -23.73 2.15 15.33
CA SER D 319 -23.62 0.88 16.09
C SER D 319 -23.07 1.03 17.50
N THR D 320 -22.16 1.97 17.70
CA THR D 320 -21.66 2.18 19.06
C THR D 320 -22.79 2.56 20.02
N GLU D 321 -23.88 3.15 19.52
CA GLU D 321 -24.96 3.53 20.45
C GLU D 321 -25.50 2.27 21.08
N ILE D 322 -25.66 1.25 20.29
CA ILE D 322 -26.18 0.00 20.78
C ILE D 322 -25.08 -0.82 21.45
N GLY D 323 -23.96 -0.97 20.76
CA GLY D 323 -22.91 -1.87 21.21
C GLY D 323 -22.19 -1.41 22.47
N THR D 324 -21.78 -0.15 22.47
CA THR D 324 -20.98 0.38 23.56
C THR D 324 -21.87 0.98 24.63
N ARG D 325 -22.72 1.94 24.27
CA ARG D 325 -23.51 2.62 25.29
C ARG D 325 -24.65 1.75 25.84
N ASN D 326 -25.59 1.33 24.99
CA ASN D 326 -26.78 0.64 25.50
C ASN D 326 -26.48 -0.72 26.13
N LEU D 327 -25.48 -1.44 25.61
CA LEU D 327 -25.19 -2.77 26.17
C LEU D 327 -24.01 -2.81 27.14
N CYS D 328 -23.05 -1.89 27.03
CA CYS D 328 -21.89 -1.94 27.92
C CYS D 328 -21.81 -0.88 29.01
N ASP D 329 -22.64 0.18 28.99
CA ASP D 329 -22.60 1.11 30.11
C ASP D 329 -22.98 0.34 31.36
N PRO D 330 -22.23 0.57 32.45
CA PRO D 330 -22.43 -0.07 33.75
C PRO D 330 -23.83 0.17 34.28
N HIS D 331 -24.41 1.31 33.91
CA HIS D 331 -25.72 1.70 34.38
C HIS D 331 -26.79 1.39 33.33
N ARG D 332 -26.41 0.66 32.29
CA ARG D 332 -27.37 0.11 31.34
C ARG D 332 -27.36 -1.42 31.45
N TYR D 333 -27.31 -2.11 30.30
CA TYR D 333 -27.37 -3.58 30.32
C TYR D 333 -26.11 -4.21 30.90
N ASN D 334 -24.98 -3.52 30.79
CA ASN D 334 -23.77 -3.88 31.51
C ASN D 334 -23.34 -5.33 31.26
N ILE D 335 -23.17 -5.72 30.00
CA ILE D 335 -22.84 -7.12 29.70
C ILE D 335 -21.35 -7.40 29.49
N LEU D 336 -20.52 -6.37 29.69
CA LEU D 336 -19.13 -6.42 29.29
C LEU D 336 -18.42 -7.59 29.93
N GLU D 337 -18.51 -7.67 31.25
CA GLU D 337 -17.75 -8.67 32.00
C GLU D 337 -18.17 -10.08 31.61
N ASP D 338 -19.45 -10.25 31.28
CA ASP D 338 -19.97 -11.59 30.97
C ASP D 338 -19.45 -12.07 29.62
N VAL D 339 -19.43 -11.17 28.65
CA VAL D 339 -18.89 -11.47 27.33
C VAL D 339 -17.42 -11.82 27.44
N ALA D 340 -16.68 -10.97 28.16
CA ALA D 340 -15.25 -11.15 28.41
C ALA D 340 -14.91 -12.52 28.96
N VAL D 341 -15.69 -12.97 29.95
CA VAL D 341 -15.45 -14.27 30.57
C VAL D 341 -15.75 -15.37 29.56
N CYS D 342 -16.83 -15.19 28.82
CA CYS D 342 -17.17 -16.11 27.75
C CYS D 342 -16.08 -16.16 26.68
N MET D 343 -15.39 -15.03 26.48
CA MET D 343 -14.28 -14.98 25.54
C MET D 343 -13.01 -15.53 26.16
N ASP D 344 -13.10 -15.92 27.43
CA ASP D 344 -11.98 -16.47 28.18
C ASP D 344 -10.84 -15.46 28.30
N LEU D 345 -11.19 -14.18 28.39
CA LEU D 345 -10.22 -13.14 28.67
C LEU D 345 -9.87 -13.12 30.16
N ASP D 346 -8.66 -12.67 30.47
CA ASP D 346 -8.29 -12.53 31.88
C ASP D 346 -8.86 -11.24 32.46
N THR D 347 -10.01 -11.33 33.12
CA THR D 347 -10.67 -10.15 33.67
C THR D 347 -10.21 -9.80 35.08
N ARG D 348 -9.14 -10.43 35.54
CA ARG D 348 -8.63 -10.16 36.88
C ARG D 348 -7.67 -8.98 36.92
N THR D 349 -7.27 -8.50 35.74
CA THR D 349 -6.41 -7.33 35.66
C THR D 349 -6.79 -6.41 34.49
N THR D 350 -6.68 -5.10 34.72
CA THR D 350 -7.07 -4.09 33.73
C THR D 350 -6.17 -4.15 32.51
N SER D 351 -4.90 -4.46 32.76
CA SER D 351 -3.85 -4.33 31.75
C SER D 351 -3.87 -5.42 30.66
N SER D 352 -4.76 -6.40 30.77
CA SER D 352 -4.98 -7.31 29.64
C SER D 352 -5.89 -6.67 28.59
N LEU D 353 -6.53 -5.56 28.99
CA LEU D 353 -7.42 -4.82 28.10
C LEU D 353 -8.61 -5.67 27.71
N TRP D 354 -9.06 -6.50 28.65
CA TRP D 354 -10.22 -7.34 28.42
C TRP D 354 -11.47 -6.52 28.11
N LYS D 355 -11.62 -5.36 28.74
CA LYS D 355 -12.79 -4.53 28.49
C LYS D 355 -12.83 -4.06 27.05
N ASP D 356 -11.68 -3.60 26.57
CA ASP D 356 -11.57 -3.10 25.21
C ASP D 356 -11.82 -4.21 24.19
N LYS D 357 -11.36 -5.43 24.49
CA LYS D 357 -11.58 -6.56 23.59
C LYS D 357 -13.04 -7.01 23.56
N ALA D 358 -13.66 -7.16 24.72
CA ALA D 358 -15.05 -7.60 24.72
C ALA D 358 -15.95 -6.54 24.06
N ALA D 359 -15.67 -5.27 24.35
CA ALA D 359 -16.48 -4.18 23.77
C ALA D 359 -16.37 -4.15 22.24
N VAL D 360 -15.18 -4.37 21.71
CA VAL D 360 -15.02 -4.42 20.26
C VAL D 360 -15.87 -5.55 19.69
N GLU D 361 -15.80 -6.73 20.29
CA GLU D 361 -16.55 -7.86 19.74
C GLU D 361 -18.06 -7.64 19.84
N ILE D 362 -18.52 -6.93 20.87
CA ILE D 362 -19.93 -6.69 21.03
C ILE D 362 -20.39 -5.79 19.90
N ASN D 363 -19.57 -4.79 19.58
CA ASN D 363 -19.83 -3.92 18.44
C ASN D 363 -19.80 -4.67 17.10
N VAL D 364 -18.88 -5.62 16.94
CA VAL D 364 -18.88 -6.50 15.77
C VAL D 364 -20.20 -7.26 15.72
N ALA D 365 -20.64 -7.83 16.83
CA ALA D 365 -21.93 -8.53 16.84
C ALA D 365 -23.12 -7.65 16.35
N VAL D 366 -23.19 -6.42 16.85
CA VAL D 366 -24.28 -5.50 16.50
C VAL D 366 -24.30 -5.23 15.00
N LEU D 367 -23.13 -4.89 14.46
CA LEU D 367 -22.98 -4.60 13.03
C LEU D 367 -23.35 -5.80 12.19
N HIS D 368 -22.81 -6.95 12.57
CA HIS D 368 -23.06 -8.16 11.80
C HIS D 368 -24.56 -8.49 11.82
N SER D 369 -25.17 -8.39 13.00
CA SER D 369 -26.55 -8.82 13.18
C SER D 369 -27.51 -7.89 12.41
N TYR D 370 -27.23 -6.59 12.43
CA TYR D 370 -28.10 -5.66 11.71
C TYR D 370 -27.97 -5.88 10.21
N GLN D 371 -26.73 -6.03 9.73
CA GLN D 371 -26.51 -6.29 8.32
C GLN D 371 -27.19 -7.58 7.87
N LEU D 372 -27.01 -8.63 8.65
CA LEU D 372 -27.65 -9.91 8.35
C LEU D 372 -29.16 -9.76 8.24
N ALA D 373 -29.75 -8.98 9.14
CA ALA D 373 -31.19 -8.76 9.17
C ALA D 373 -31.65 -7.74 8.16
N LYS D 374 -30.70 -7.13 7.44
CA LYS D 374 -30.99 -6.14 6.41
C LYS D 374 -31.68 -4.91 7.01
N VAL D 375 -31.18 -4.50 8.17
CA VAL D 375 -31.59 -3.24 8.80
C VAL D 375 -30.43 -2.25 8.74
N THR D 376 -30.73 -1.07 8.21
CA THR D 376 -29.77 0.02 8.14
C THR D 376 -29.05 0.21 9.47
N ILE D 377 -27.73 0.38 9.40
CA ILE D 377 -26.93 0.69 10.56
C ILE D 377 -25.64 1.27 10.02
N VAL D 378 -25.02 2.18 10.75
CA VAL D 378 -23.74 2.69 10.29
C VAL D 378 -22.72 2.55 11.42
N ASP D 379 -21.49 2.16 11.08
CA ASP D 379 -20.44 2.05 12.11
C ASP D 379 -19.86 3.44 12.38
N HIS D 380 -19.14 3.60 13.50
CA HIS D 380 -18.66 4.91 13.91
C HIS D 380 -17.58 5.45 12.98
N HIS D 381 -16.95 4.58 12.20
CA HIS D 381 -15.91 5.03 11.28
C HIS D 381 -16.54 5.71 10.06
N ALA D 382 -17.56 5.07 9.50
CA ALA D 382 -18.23 5.62 8.32
C ALA D 382 -19.00 6.89 8.72
N ALA D 383 -19.64 6.84 9.88
CA ALA D 383 -20.43 7.97 10.38
C ALA D 383 -19.60 9.21 10.60
N THR D 384 -18.41 9.04 11.19
CA THR D 384 -17.57 10.19 11.49
C THR D 384 -16.91 10.72 10.22
N ALA D 385 -16.63 9.83 9.27
CA ALA D 385 -16.10 10.25 7.99
C ALA D 385 -17.14 11.10 7.25
N SER D 386 -18.41 10.71 7.38
CA SER D 386 -19.47 11.44 6.68
C SER D 386 -19.66 12.78 7.37
N PHE D 387 -19.46 12.80 8.68
CA PHE D 387 -19.57 14.05 9.41
C PHE D 387 -18.48 15.04 8.97
N MET D 388 -17.27 14.56 8.69
CA MET D 388 -16.24 15.47 8.20
C MET D 388 -16.67 16.09 6.85
N LYS D 389 -17.37 15.33 6.02
CA LYS D 389 -17.86 15.85 4.75
C LYS D 389 -18.93 16.95 5.02
N HIS D 390 -19.82 16.71 5.98
CA HIS D 390 -20.81 17.69 6.42
C HIS D 390 -20.14 19.00 6.85
N LEU D 391 -19.10 18.89 7.68
CA LEU D 391 -18.38 20.08 8.14
C LEU D 391 -17.91 20.89 6.96
N GLU D 392 -17.35 20.23 5.95
CA GLU D 392 -16.81 20.99 4.84
C GLU D 392 -17.93 21.54 3.97
N ASN D 393 -19.03 20.81 3.84
CA ASN D 393 -20.21 21.34 3.12
C ASN D 393 -20.70 22.61 3.81
N GLU D 394 -20.85 22.51 5.11
CA GLU D 394 -21.39 23.60 5.90
C GLU D 394 -20.46 24.80 5.98
N GLN D 395 -19.15 24.55 6.00
CA GLN D 395 -18.20 25.64 5.99
C GLN D 395 -18.42 26.48 4.73
N LYS D 396 -18.58 25.80 3.60
CA LYS D 396 -18.87 26.48 2.34
C LYS D 396 -20.23 27.18 2.34
N ALA D 397 -21.24 26.49 2.83
CA ALA D 397 -22.62 26.97 2.74
C ALA D 397 -22.99 28.07 3.74
N ARG D 398 -22.49 27.97 4.98
CA ARG D 398 -22.87 28.91 6.04
C ARG D 398 -21.67 29.50 6.79
N GLY D 399 -20.47 29.02 6.48
CA GLY D 399 -19.27 29.54 7.12
C GLY D 399 -19.04 28.99 8.52
N GLY D 400 -19.57 27.80 8.79
CA GLY D 400 -19.35 27.19 10.09
C GLY D 400 -20.41 26.15 10.37
N CYS D 401 -20.26 25.47 11.50
CA CYS D 401 -21.17 24.38 11.86
C CYS D 401 -21.11 24.17 13.37
N PRO D 402 -22.26 24.28 14.06
CA PRO D 402 -22.20 24.01 15.49
C PRO D 402 -21.99 22.53 15.76
N ALA D 403 -21.02 22.25 16.62
CA ALA D 403 -20.63 20.86 16.88
C ALA D 403 -20.11 20.74 18.30
N ASP D 404 -20.61 19.73 18.99
CA ASP D 404 -20.28 19.43 20.36
C ASP D 404 -19.30 18.25 20.37
N TRP D 405 -18.01 18.55 20.40
CA TRP D 405 -16.94 17.53 20.29
C TRP D 405 -17.16 16.29 21.15
N ALA D 406 -17.49 16.49 22.42
CA ALA D 406 -17.65 15.35 23.31
C ALA D 406 -18.76 14.38 22.87
N TRP D 407 -19.73 14.85 22.09
CA TRP D 407 -20.82 13.97 21.65
C TRP D 407 -20.60 13.47 20.24
N ILE D 408 -19.83 14.23 19.46
CA ILE D 408 -19.52 13.84 18.10
C ILE D 408 -18.47 12.70 18.06
N VAL D 409 -17.45 12.76 18.91
CA VAL D 409 -16.47 11.65 19.05
C VAL D 409 -17.15 10.42 19.64
N PRO D 410 -17.06 9.27 18.94
CA PRO D 410 -17.74 8.05 19.40
C PRO D 410 -17.15 7.55 20.73
N PRO D 411 -17.92 6.75 21.48
CA PRO D 411 -17.53 6.34 22.83
C PRO D 411 -16.48 5.21 22.86
N ILE D 412 -16.12 4.62 21.72
CA ILE D 412 -14.90 3.80 21.62
C ILE D 412 -14.08 4.32 20.46
N SER D 413 -12.78 4.04 20.51
CA SER D 413 -11.85 4.30 19.41
C SER D 413 -11.81 5.77 18.94
N GLY D 414 -12.06 6.70 19.87
CA GLY D 414 -12.21 8.10 19.50
C GLY D 414 -11.17 8.65 18.55
N SER D 415 -9.90 8.50 18.89
CA SER D 415 -8.84 9.06 18.07
C SER D 415 -8.58 8.25 16.80
N LEU D 416 -9.21 7.09 16.68
CA LEU D 416 -9.15 6.36 15.43
C LEU D 416 -10.12 6.95 14.40
N THR D 417 -10.93 7.91 14.80
CA THR D 417 -11.86 8.55 13.87
C THR D 417 -11.41 9.98 13.59
N PRO D 418 -11.72 10.50 12.40
CA PRO D 418 -11.20 11.81 12.01
C PRO D 418 -11.76 12.98 12.81
N VAL D 419 -12.97 12.85 13.36
CA VAL D 419 -13.57 13.97 14.10
C VAL D 419 -12.77 14.26 15.38
N PHE D 420 -12.03 13.28 15.87
CA PHE D 420 -11.26 13.46 17.11
C PHE D 420 -10.24 14.56 16.93
N HIS D 421 -9.64 14.61 15.76
CA HIS D 421 -8.58 15.58 15.49
C HIS D 421 -9.13 16.89 14.90
N GLN D 422 -10.45 17.01 14.86
CA GLN D 422 -11.09 18.24 14.37
C GLN D 422 -11.53 19.13 15.52
N GLU D 423 -10.94 20.31 15.63
CA GLU D 423 -11.44 21.30 16.60
C GLU D 423 -12.86 21.69 16.21
N MET D 424 -13.72 21.92 17.19
CA MET D 424 -15.12 22.27 16.93
C MET D 424 -15.56 23.46 17.78
N VAL D 425 -16.55 24.19 17.28
CA VAL D 425 -17.13 25.32 17.99
C VAL D 425 -18.58 24.98 18.32
N ASN D 426 -18.91 25.02 19.59
CA ASN D 426 -20.25 24.65 20.00
C ASN D 426 -21.11 25.90 20.27
N TYR D 427 -22.31 25.96 19.69
CA TYR D 427 -23.22 27.11 19.92
C TYR D 427 -24.65 26.80 19.48
N PHE D 428 -25.57 27.66 19.89
CA PHE D 428 -26.99 27.38 19.70
C PHE D 428 -27.61 28.25 18.60
N LEU D 429 -28.02 27.60 17.51
CA LEU D 429 -28.76 28.27 16.46
C LEU D 429 -30.23 27.84 16.50
N SER D 430 -31.08 28.64 15.88
CA SER D 430 -32.50 28.32 15.74
C SER D 430 -32.88 28.33 14.26
N PRO D 431 -33.82 27.46 13.83
CA PRO D 431 -34.62 26.42 14.50
C PRO D 431 -33.77 25.39 15.25
N ALA D 432 -34.36 24.78 16.27
CA ALA D 432 -33.58 23.92 17.18
C ALA D 432 -34.45 22.89 17.85
N PHE D 433 -33.83 21.76 18.17
CA PHE D 433 -34.41 20.77 19.06
C PHE D 433 -33.91 21.05 20.46
N ARG D 434 -34.81 21.03 21.42
CA ARG D 434 -34.51 21.47 22.77
C ARG D 434 -34.99 20.44 23.75
N TYR D 435 -34.26 20.29 24.85
CA TYR D 435 -34.72 19.51 25.98
C TYR D 435 -35.84 20.25 26.67
N GLN D 436 -36.73 19.50 27.32
CA GLN D 436 -37.87 20.09 28.00
C GLN D 436 -38.20 19.25 29.22
N PRO D 437 -38.82 19.84 30.25
CA PRO D 437 -39.17 19.07 31.44
C PRO D 437 -40.01 17.83 31.13
N ASP D 438 -39.82 16.78 31.91
CA ASP D 438 -40.69 15.61 31.90
C ASP D 438 -42.08 16.03 32.31
N PRO D 439 -43.11 15.57 31.57
CA PRO D 439 -44.48 16.08 31.69
C PRO D 439 -45.10 15.82 33.06
N TRP D 440 -44.53 14.89 33.81
CA TRP D 440 -45.04 14.55 35.14
C TRP D 440 -44.23 15.24 36.23
CHA HEM E . 3.15 -13.00 -33.48
CHB HEM E . -0.40 -12.48 -30.22
CHC HEM E . -3.58 -13.83 -33.65
CHD HEM E . 0.04 -15.11 -36.62
C1A HEM E . 2.48 -12.62 -32.34
C2A HEM E . 3.01 -11.86 -31.21
C3A HEM E . 2.02 -11.73 -30.33
C4A HEM E . 0.84 -12.39 -30.84
CMA HEM E . 2.12 -11.00 -28.97
CAA HEM E . 4.44 -11.29 -31.00
CBA HEM E . 4.98 -10.65 -32.27
CGA HEM E . 5.60 -9.30 -31.99
O1A HEM E . 5.57 -8.86 -30.81
O2A HEM E . 6.13 -8.68 -32.95
C1B HEM E . -1.58 -12.81 -30.86
C2B HEM E . -2.90 -12.82 -30.27
C3B HEM E . -3.79 -13.18 -31.19
C4B HEM E . -3.06 -13.43 -32.43
CMB HEM E . -3.21 -12.45 -28.80
CAB HEM E . -5.32 -13.30 -30.92
CBB HEM E . -6.21 -13.70 -31.84
C1C HEM E . -2.89 -14.26 -34.76
C2C HEM E . -3.47 -14.70 -36.03
C3C HEM E . -2.48 -15.05 -36.85
C4C HEM E . -1.23 -14.87 -36.13
CMC HEM E . -4.99 -14.70 -36.30
CAC HEM E . -2.52 -15.59 -38.30
CBC HEM E . -3.64 -15.96 -38.95
C1D HEM E . 1.21 -14.64 -36.08
C2D HEM E . 2.52 -14.72 -36.71
C3D HEM E . 3.49 -14.05 -35.73
C4D HEM E . 2.68 -13.64 -34.60
CMD HEM E . 2.87 -15.33 -38.08
CAD HEM E . 5.02 -13.90 -35.95
CBD HEM E . 5.48 -12.47 -35.71
CGD HEM E . 6.68 -12.16 -36.56
O1D HEM E . 7.30 -13.13 -37.04
O2D HEM E . 7.00 -10.95 -36.76
NA HEM E . 1.16 -12.91 -32.06
NB HEM E . -1.73 -13.20 -32.18
NC HEM E . -1.52 -14.39 -34.87
ND HEM E . 1.35 -14.00 -34.85
FE HEM E . -0.18 -13.75 -33.40
N1 H4B F . 9.43 -10.63 -28.91
C2 H4B F . 8.36 -10.04 -29.46
N2 H4B F . 7.12 -10.54 -29.21
N3 H4B F . 8.51 -8.95 -30.26
C4 H4B F . 9.75 -8.44 -30.50
O4 H4B F . 9.90 -7.43 -31.23
C4A H4B F . 10.86 -9.06 -29.93
C8A H4B F . 10.68 -10.17 -29.13
N5 H4B F . 12.10 -8.59 -30.16
N8 H4B F . 11.76 -10.78 -28.57
C6 H4B F . 13.17 -9.57 -30.09
C7 H4B F . 13.12 -10.32 -28.76
C9 H4B F . 14.51 -8.88 -30.34
O9 H4B F . 14.51 -7.57 -29.76
C10 H4B F . 15.68 -9.67 -29.77
C11 H4B F . 16.98 -8.94 -30.08
O10 H4B F . 15.71 -10.99 -30.34
F13 W69 G . 3.01 -11.65 -37.42
C13 W69 G . 3.28 -10.43 -36.91
C12 W69 G . 2.79 -10.11 -35.65
C14 W69 G . 4.05 -9.51 -37.62
C15 W69 G . 4.31 -8.26 -37.08
C17 W69 G . 5.14 -7.24 -37.84
C18 W69 G . 6.56 -7.73 -38.05
C19 W69 G . 7.35 -7.73 -36.74
N20 W69 G . 8.80 -7.94 -36.93
C21 W69 G . 9.09 -8.54 -38.25
C22 W69 G . 9.50 -6.65 -36.83
C16 W69 G . 3.82 -7.93 -35.81
C11 W69 G . 3.07 -8.85 -35.11
C09 W69 G . 2.52 -8.51 -33.74
C08 W69 G . 1.19 -7.81 -33.96
C06 W69 G . 0.02 -8.74 -33.75
N01 W69 G . -0.47 -8.89 -32.50
C02 W69 G . -1.52 -9.69 -32.24
N02 W69 G . -1.97 -9.80 -30.97
C03 W69 G . -2.14 -10.39 -33.28
C04 W69 G . -1.66 -10.25 -34.58
C05 W69 G . -0.57 -9.42 -34.81
C07 W69 G . -2.32 -11.00 -35.70
C1 BTB H . 2.28 15.77 -13.34
O1 BTB H . 2.79 16.81 -14.18
C2 BTB H . 2.15 16.25 -11.91
C3 BTB H . 2.72 17.66 -11.84
O3 BTB H . 3.20 18.02 -10.54
C4 BTB H . 2.93 15.31 -10.99
O4 BTB H . 3.53 15.97 -9.87
N BTB H . 0.71 16.24 -11.56
C5 BTB H . -0.04 17.13 -12.46
C6 BTB H . -1.50 17.25 -12.03
O6 BTB H . -1.60 17.83 -10.72
C7 BTB H . 0.16 14.88 -11.61
C8 BTB H . -0.52 14.53 -10.29
O8 BTB H . 0.45 14.46 -9.24
C1 BTB I . 16.05 13.03 -17.35
O1 BTB I . 16.18 11.85 -18.16
C2 BTB I . 17.39 13.38 -16.71
C3 BTB I . 17.29 14.79 -16.15
O3 BTB I . 18.19 14.95 -15.04
C4 BTB I . 18.46 13.30 -17.79
O4 BTB I . 17.89 12.79 -18.99
N BTB I . 17.66 12.47 -15.58
C5 BTB I . 16.43 12.27 -14.79
C6 BTB I . 16.80 12.20 -13.32
O6 BTB I . 18.02 12.92 -13.07
C7 BTB I . 18.22 11.17 -16.00
C8 BTB I . 19.55 10.97 -15.26
O8 BTB I . 19.99 9.61 -15.40
ZN ZN J . 19.56 -21.83 -31.63
C1 GOL K . -17.89 -19.51 -53.11
O1 GOL K . -16.59 -19.11 -53.43
C2 GOL K . -18.06 -19.44 -51.59
O2 GOL K . -16.81 -19.14 -51.01
C3 GOL K . -18.50 -20.80 -51.06
O3 GOL K . -17.52 -21.22 -50.15
CL CL L . 1.37 -3.26 -32.77
GD GD M . 1.23 17.08 -8.93
CHA HEM N . 25.31 -16.38 -14.43
CHB HEM N . 25.27 -11.93 -12.57
CHC HEM N . 29.81 -12.49 -11.00
CHD HEM N . 30.15 -16.62 -13.57
C1A HEM N . 24.86 -15.18 -13.95
C2A HEM N . 23.48 -14.79 -13.84
C3A HEM N . 23.45 -13.54 -13.32
C4A HEM N . 24.84 -13.14 -13.09
CMA HEM N . 22.26 -12.62 -13.00
CAA HEM N . 22.32 -15.73 -14.27
CBA HEM N . 21.28 -15.81 -13.16
CGA HEM N . 20.66 -17.19 -12.99
O1A HEM N . 19.47 -17.24 -12.56
O2A HEM N . 21.35 -18.21 -13.27
C1B HEM N . 26.49 -11.67 -11.98
C2B HEM N . 26.87 -10.44 -11.33
C3B HEM N . 28.12 -10.57 -10.89
C4B HEM N . 28.59 -11.91 -11.26
CMB HEM N . 25.96 -9.20 -11.17
CAB HEM N . 28.87 -9.44 -10.13
CBB HEM N . 30.15 -9.53 -9.76
C1C HEM N . 30.29 -13.66 -11.55
C2C HEM N . 31.61 -14.24 -11.34
C3C HEM N . 31.72 -15.39 -12.05
C4C HEM N . 30.45 -15.56 -12.74
CMC HEM N . 32.67 -13.57 -10.42
CAC HEM N . 32.89 -16.39 -12.22
CBC HEM N . 34.18 -16.14 -11.93
C1D HEM N . 28.88 -16.96 -14.04
C2D HEM N . 28.54 -18.13 -14.80
C3D HEM N . 27.03 -18.04 -15.04
C4D HEM N . 26.62 -16.82 -14.42
CMD HEM N . 29.47 -19.26 -15.27
CAD HEM N . 26.11 -19.01 -15.82
CBD HEM N . 26.05 -20.38 -15.18
CGD HEM N . 24.69 -20.99 -15.42
O1D HEM N . 24.13 -20.79 -16.53
O2D HEM N . 24.17 -21.70 -14.52
NA HEM N . 25.66 -14.17 -13.49
NB HEM N . 27.56 -12.54 -11.93
NC HEM N . 29.61 -14.50 -12.41
ND HEM N . 27.72 -16.20 -13.85
FE HEM N . 27.71 -14.18 -13.22
N1 H4B O . 17.60 -16.56 -17.02
C2 H4B O . 18.37 -16.54 -15.91
N2 H4B O . 19.21 -15.49 -15.68
N3 H4B O . 18.32 -17.58 -15.03
C4 H4B O . 17.50 -18.64 -15.24
O4 H4B O . 17.47 -19.57 -14.42
C4A H4B O . 16.71 -18.67 -16.38
C8A H4B O . 16.76 -17.61 -17.28
N5 H4B O . 15.88 -19.71 -16.64
N8 H4B O . 15.99 -17.61 -18.41
C6 H4B O . 15.58 -19.96 -18.04
C7 H4B O . 15.05 -18.69 -18.71
C9 H4B O . 14.66 -21.16 -18.23
O9 H4B O . 13.52 -21.10 -17.37
C10 H4B O . 14.19 -21.26 -19.67
C11 H4B O . 13.45 -22.56 -19.91
O10 H4B O . 15.31 -21.17 -20.56
F13 W69 P . 27.09 -20.23 -12.48
C13 W69 P . 25.87 -20.15 -11.93
C12 W69 P . 25.32 -18.91 -11.65
C14 W69 P . 25.14 -21.31 -11.64
C15 W69 P . 23.88 -21.21 -11.07
C17 W69 P . 23.08 -22.47 -10.77
C18 W69 P . 22.69 -23.13 -12.09
C19 W69 P . 21.24 -22.81 -12.41
N20 W69 P . 20.86 -23.24 -13.76
C21 W69 P . 21.35 -24.61 -14.04
C22 W69 P . 19.39 -23.23 -13.82
C16 W69 P . 23.33 -19.96 -10.79
C11 W69 P . 24.07 -18.82 -11.07
C09 W69 P . 23.51 -17.46 -10.78
C08 W69 P . 23.91 -17.19 -9.35
C06 W69 P . 24.95 -16.10 -9.30
N01 W69 P . 24.57 -14.79 -9.32
C02 W69 P . 25.47 -13.79 -9.27
N02 W69 P . 25.03 -12.50 -9.27
C03 W69 P . 26.85 -14.09 -9.18
C04 W69 P . 27.26 -15.44 -9.18
C05 W69 P . 26.29 -16.44 -9.23
C07 W69 P . 28.70 -15.83 -9.09
C1 BTB Q . 3.41 7.50 5.80
O1 BTB Q . 4.58 8.31 5.74
C2 BTB Q . 3.76 6.09 5.32
C3 BTB Q . 5.12 5.67 5.87
O3 BTB Q . 5.32 4.26 5.64
C4 BTB Q . 3.80 6.04 3.78
O4 BTB Q . 4.33 4.78 3.31
N BTB Q . 2.73 5.15 5.82
C5 BTB Q . 2.67 5.04 7.30
C6 BTB Q . 3.10 3.63 7.76
O6 BTB Q . 2.27 2.59 7.22
C7 BTB Q . 1.41 5.40 5.21
C8 BTB Q . 0.90 4.21 4.40
O8 BTB Q . 0.65 3.08 5.26
C1 BTB R . 40.79 -44.26 4.41
O1 BTB R . 40.39 -45.37 3.60
C2 BTB R . 39.85 -43.09 4.13
C3 BTB R . 38.47 -43.37 4.71
O3 BTB R . 37.82 -44.37 3.92
C4 BTB R . 39.67 -42.98 2.62
O4 BTB R . 40.89 -43.17 1.90
N BTB R . 40.39 -41.87 4.80
C5 BTB R . 40.51 -42.20 6.23
C6 BTB R . 40.27 -41.05 7.21
O6 BTB R . 41.19 -41.20 8.31
C7 BTB R . 41.72 -41.56 4.25
C8 BTB R . 42.14 -40.11 4.50
O8 BTB R . 42.82 -40.03 5.76
CL CL S . 20.72 -17.50 -6.03
GD GD T . 3.33 2.77 4.73
CHA HEM U . -1.08 16.12 30.25
CHB HEM U . -0.53 11.62 31.98
CHC HEM U . 2.91 13.36 34.97
CHD HEM U . 1.94 17.96 33.66
C1A HEM U . -1.14 14.74 30.34
C2A HEM U . -1.78 13.80 29.41
C3A HEM U . -1.62 12.57 29.90
C4A HEM U . -0.89 12.67 31.16
CMA HEM U . -2.11 11.25 29.28
CAA HEM U . -2.51 14.11 28.07
CBA HEM U . -1.78 15.13 27.19
CGA HEM U . -1.36 14.54 25.85
O1A HEM U . -1.54 13.31 25.65
O2A HEM U . -0.84 15.30 24.99
C1B HEM U . 0.42 11.69 32.97
C2B HEM U . 0.86 10.61 33.82
C3B HEM U . 1.80 11.06 34.64
C4B HEM U . 2.02 12.48 34.35
CMB HEM U . 0.32 9.15 33.75
CAB HEM U . 2.52 10.16 35.70
CBB HEM U . 3.41 10.66 36.56
C1C HEM U . 2.96 14.75 34.88
C2C HEM U . 3.86 15.64 35.60
C3C HEM U . 3.59 16.91 35.23
C4C HEM U . 2.51 16.86 34.28
CMC HEM U . 4.93 15.16 36.60
CAC HEM U . 4.20 18.27 35.67
CBC HEM U . 4.98 18.43 36.74
C1D HEM U . 1.06 17.90 32.60
C2D HEM U . 0.58 19.03 31.85
C3D HEM U . -0.36 18.45 30.80
C4D HEM U . -0.35 17.02 31.01
CMD HEM U . 0.96 20.51 32.10
CAD HEM U . -1.17 19.19 29.72
CBD HEM U . -0.27 19.92 28.74
CGD HEM U . -0.83 19.74 27.36
O1D HEM U . -2.04 20.03 27.17
O2D HEM U . -0.08 19.32 26.44
NA HEM U . -0.62 14.01 31.38
NB HEM U . 1.14 12.82 33.33
NC HEM U . 2.15 15.53 34.09
ND HEM U . 0.49 16.73 32.08
FE HEM U . 0.53 14.79 32.96
N1 H4B V . -6.07 14.46 24.23
C2 H4B V . -4.75 14.26 24.44
N2 H4B V . -4.37 13.59 25.56
N3 H4B V . -3.83 14.72 23.55
C4 H4B V . -4.23 15.38 22.43
O4 H4B V . -3.37 15.79 21.61
C4A H4B V . -5.58 15.60 22.22
C8A H4B V . -6.50 15.11 23.14
N5 H4B V . -6.02 16.25 21.13
N8 H4B V . -7.83 15.31 22.98
C6 H4B V . -7.31 16.93 21.26
C7 H4B V . -8.37 15.98 21.80
C9 H4B V . -7.75 17.57 19.95
O9 H4B V . -7.84 16.61 18.89
C10 H4B V . -9.11 18.20 20.16
C11 H4B V . -9.53 18.99 18.92
O10 H4B V . -9.05 19.04 21.32
F13 W69 W . 2.37 18.70 29.37
C13 W69 W . 2.43 18.06 28.19
C12 W69 W . 2.13 16.71 28.14
C14 W69 W . 2.76 18.75 27.02
C15 W69 W . 2.81 18.06 25.80
C17 W69 W . 3.17 18.80 24.53
C18 W69 W . 2.17 19.92 24.28
C19 W69 W . 1.62 19.85 22.85
N20 W69 W . 0.15 19.87 22.87
C21 W69 W . -0.33 20.54 21.66
C22 W69 W . -0.34 18.47 22.89
C16 W69 W . 2.51 16.70 25.76
C11 W69 W . 2.18 16.03 26.93
C09 W69 W . 1.86 14.56 26.93
C08 W69 W . 3.14 13.80 27.25
C06 W69 W . 3.27 13.43 28.72
N01 W69 W . 2.78 12.26 29.15
C02 W69 W . 2.88 11.86 30.45
N02 W69 W . 2.36 10.66 30.82
C03 W69 W . 3.54 12.68 31.37
C04 W69 W . 4.08 13.89 30.94
C05 W69 W . 3.94 14.26 29.61
C07 W69 W . 4.79 14.80 31.91
C1 BTB X . 2.14 -10.26 7.24
O1 BTB X . 3.28 -9.96 8.04
C2 BTB X . 1.52 -11.60 7.63
C3 BTB X . 0.07 -11.54 7.12
O3 BTB X . -0.66 -12.76 7.13
C4 BTB X . 1.58 -11.78 9.15
O4 BTB X . 1.17 -13.08 9.57
N BTB X . 2.25 -12.71 6.97
C5 BTB X . 2.37 -12.48 5.52
C6 BTB X . 1.96 -13.70 4.70
O6 BTB X . 0.54 -13.74 4.53
C7 BTB X . 3.59 -12.90 7.56
C8 BTB X . 3.79 -14.32 8.08
O8 BTB X . 2.92 -14.56 9.19
C1 BTB Y . -5.75 1.11 -0.01
O1 BTB Y . -4.93 2.11 0.61
C2 BTB Y . -6.94 0.92 0.91
C3 BTB Y . -7.50 2.32 1.11
O3 BTB Y . -6.60 3.05 1.93
C4 BTB Y . -6.45 0.40 2.25
O4 BTB Y . -6.82 1.25 3.33
N BTB Y . -7.86 -0.12 0.39
C5 BTB Y . -9.12 -0.21 1.15
C6 BTB Y . -10.27 0.62 0.54
O6 BTB Y . -10.46 1.81 1.32
C7 BTB Y . -8.09 -0.03 -1.05
C8 BTB Y . -7.59 -1.31 -1.74
O8 BTB Y . -6.17 -1.21 -1.95
C1 BTB Z . 28.82 34.71 25.91
O1 BTB Z . 29.40 34.96 27.20
C2 BTB Z . 29.27 35.77 24.92
C3 BTB Z . 30.80 35.75 24.81
O3 BTB Z . 31.39 35.42 26.09
C4 BTB Z . 28.81 37.14 25.42
O4 BTB Z . 29.91 38.06 25.43
N BTB Z . 28.69 35.50 23.57
C5 BTB Z . 28.87 36.70 22.73
C6 BTB Z . 27.81 36.82 21.64
O6 BTB Z . 28.25 36.14 20.47
C7 BTB Z . 29.35 34.34 22.95
C8 BTB Z . 28.35 33.33 22.38
O8 BTB Z . 28.48 33.27 20.96
ZN ZN AA . -16.83 25.89 26.89
C1 GOL BA . 20.66 24.13 47.14
O1 GOL BA . 20.06 24.31 45.87
C2 GOL BA . 19.86 23.06 47.89
O2 GOL BA . 18.79 22.70 47.05
C3 GOL BA . 19.28 23.60 49.19
O3 GOL BA . 18.03 22.99 49.39
CL CL CA . 4.39 11.49 23.87
GD GD DA . 0.42 -15.01 6.99
CHA HEM EA . -27.89 12.96 18.58
CHB HEM EA . -26.82 9.86 15.03
CHC HEM EA . -30.74 11.19 12.57
CHD HEM EA . -31.35 14.85 15.70
C1A HEM EA . -27.28 11.92 17.91
C2A HEM EA . -26.23 11.02 18.39
C3A HEM EA . -25.96 10.18 17.38
C4A HEM EA . -26.81 10.50 16.25
CMA HEM EA . -24.93 9.03 17.34
CAA HEM EA . -25.56 11.03 19.79
CBA HEM EA . -26.54 11.13 20.97
CGA HEM EA . -26.35 9.99 21.94
O1A HEM EA . -25.44 9.15 21.72
O2A HEM EA . -27.11 9.91 22.95
C1B HEM EA . -27.77 9.94 14.04
C2B HEM EA . -27.78 9.15 12.82
C3B HEM EA . -28.86 9.50 12.10
C4B HEM EA . -29.57 10.54 12.88
CMB HEM EA . -26.72 8.09 12.43
CAB HEM EA . -29.23 8.86 10.73
CBB HEM EA . -30.20 9.36 9.94
C1C HEM EA . -31.26 12.28 13.24
C2C HEM EA . -32.49 12.96 12.88
C3C HEM EA . -32.69 13.96 13.75
C4C HEM EA . -31.55 13.96 14.67
CMC HEM EA . -33.39 12.47 11.71
CAC HEM EA . -33.82 15.02 13.86
CBC HEM EA . -34.63 15.29 12.83
C1D HEM EA . -30.51 14.69 16.77
C2D HEM EA . -30.47 15.54 17.93
C3D HEM EA . -29.38 14.95 18.82
C4D HEM EA . -28.87 13.80 18.11
CMD HEM EA . -31.33 16.79 18.22
CAD HEM EA . -28.91 15.46 20.19
CBD HEM EA . -29.92 15.00 21.20
CGD HEM EA . -29.40 15.15 22.60
O1D HEM EA . -28.72 16.18 22.89
O2D HEM EA . -29.67 14.25 23.42
NA HEM EA . -27.58 11.56 16.62
NB HEM EA . -28.87 10.79 14.04
NC HEM EA . -30.72 12.94 14.31
ND HEM EA . -29.56 13.68 16.91
FE HEM EA . -28.94 12.45 15.38
N1 H4B FA . -21.59 11.53 23.76
C2 H4B FA . -22.66 10.91 23.22
N2 H4B FA . -22.73 10.76 21.87
N3 H4B FA . -23.66 10.45 24.02
C4 H4B FA . -23.60 10.60 25.36
O4 H4B FA . -24.54 10.16 26.06
C4A H4B FA . -22.51 11.24 25.92
C8A H4B FA . -21.50 11.70 25.09
N5 H4B FA . -22.39 11.42 27.26
N8 H4B FA . -20.42 12.34 25.61
C6 H4B FA . -21.60 12.55 27.70
C7 H4B FA . -20.23 12.55 27.04
C9 H4B FA . -21.50 12.61 29.23
O9 H4B FA . -21.37 11.29 29.76
C10 H4B FA . -20.32 13.48 29.68
C11 H4B FA . -20.28 13.61 31.20
O10 H4B FA . -20.41 14.78 29.08
F13 W69 GA . -32.24 13.24 20.78
C13 W69 GA . -31.58 12.24 21.38
C12 W69 GA . -30.86 11.35 20.59
C14 W69 GA . -31.61 12.07 22.76
C15 W69 GA . -30.91 11.01 23.35
C17 W69 GA . -30.90 10.78 24.84
C18 W69 GA . -31.02 12.11 25.58
C19 W69 GA . -29.67 12.64 26.01
N20 W69 GA . -29.79 13.58 27.14
C21 W69 GA . -31.18 14.07 27.27
C22 W69 GA . -29.42 12.88 28.37
C16 W69 GA . -30.20 10.12 22.55
C11 W69 GA . -30.18 10.30 21.19
C09 W69 GA . -29.43 9.34 20.32
C08 W69 GA . -30.53 8.43 19.85
C06 W69 GA . -30.62 8.59 18.36
N01 W69 GA . -29.72 7.93 17.62
C02 W69 GA . -29.73 7.99 16.28
N02 W69 GA . -28.79 7.27 15.61
C03 W69 GA . -30.70 8.77 15.64
C04 W69 GA . -31.66 9.47 16.38
C05 W69 GA . -31.61 9.38 17.77
C07 W69 GA . -32.72 10.32 15.70
C1 BTB HA . -14.01 -22.06 12.35
O1 BTB HA . -14.93 -22.45 11.32
C2 BTB HA . -14.74 -21.14 13.33
C3 BTB HA . -16.06 -20.66 12.70
O3 BTB HA . -16.84 -19.96 13.67
C4 BTB HA . -13.89 -19.91 13.63
O4 BTB HA . -14.63 -18.98 14.43
N BTB HA . -15.06 -21.88 14.59
C5 BTB HA . -15.54 -23.25 14.35
C6 BTB HA . -17.00 -23.33 14.79
O6 BTB HA . -17.19 -22.59 15.99
C7 BTB HA . -13.97 -21.84 15.59
C8 BTB HA . -14.55 -22.15 16.97
O8 BTB HA . -14.29 -21.08 17.87
C1 BTB IA . -60.19 14.81 31.55
O1 BTB IA . -60.69 14.34 32.80
C2 BTB IA . -61.32 15.43 30.75
C3 BTB IA . -60.82 16.77 30.25
O3 BTB IA . -61.23 17.10 28.91
C4 BTB IA . -62.50 15.68 31.69
O4 BTB IA . -62.13 16.71 32.62
N BTB IA . -61.75 14.51 29.66
C5 BTB IA . -61.68 13.11 30.14
C6 BTB IA . -62.85 12.23 29.67
O6 BTB IA . -62.66 11.81 28.32
C7 BTB IA . -63.13 14.82 29.21
C8 BTB IA . -63.14 15.05 27.70
O8 BTB IA . -62.09 14.28 27.12
GD GD JA . -16.26 -19.98 16.28
CL CL KA . -30.66 4.52 22.08
#